data_8I79
#
_entry.id   8I79
#
_cell.length_a   1.00
_cell.length_b   1.00
_cell.length_c   1.00
_cell.angle_alpha   90.00
_cell.angle_beta   90.00
_cell.angle_gamma   90.00
#
_symmetry.space_group_name_H-M   'P 1'
#
loop_
_entity.id
_entity.type
_entity.pdbx_description
1 polymer 'BTB/POZ domain-containing protein KCTD7'
2 polymer Cullin-3
#
loop_
_entity_poly.entity_id
_entity_poly.type
_entity_poly.pdbx_seq_one_letter_code
_entity_poly.pdbx_strand_id
1 'polypeptide(L)'
;DYKDDDDKMVVVTGREPDSRHSDGAMSSSEAEDDFLEPATPTATQAGHGLPLLPQEFPEVVPLNIGGAHFTTRLSTLRRY
EDTMLAAMFSGRHYIPTDSEGRYFIDRDGTHFGDVLNFLRSGDLPPREHVRAVYKEAQYYAIGPLLEQLENMQPLKGEKV
RQAFLGLMPYYKDHLERIVEIARLRAVQRKARFAKLKVCVFKEEMPITPYECPLLNSLRFERSESDGQLFEHHCEVDVSF
GPWEAVADVYDLLHCLVTDLSAQGLTVDHQCIGVCDKHLVNHYYCKRPIYEFKITWW
;
F,A,D,G,I
2 'polypeptide(L)'
;MHHHHHHGSPMTMDEKYVNSIWDLLKNAIQEIQRKNNSGLSFEELYRNAYTMVLHKHGEKLYTGLREVVTEHLINKVRED
VLNSLNNNFLQTLNQAWNDHQTAMVMIRDILMYMDRVYVQQNNVENVYNLGLIIFRDQVVRYGCIRDHLRQTLLDMIARE
RKGEVVDRGAIRNACQMLMILGLEGRSVYEEDFEAPFLEMSAEFFQMESQKFLAENSASVYIKKVEARINEEIERVMHCL
DKSTEEPIVKVVERELISKHMKTIVEMENSGLVHMLKNGKTEDLGCMYKLFSRVPNGLKTMCECMSSYLREQGKALVSEE
GEGKNPVDYRQGLDDLKSRFDRFLLESFNNDRLFKQTIAGDFEYFLNLNSRSPEYL
;
B,C,E,H,J
#
# COMPACT_ATOMS: atom_id res chain seq x y z
N LEU A 53 -22.66 8.28 -27.14
CA LEU A 53 -21.57 8.72 -28.01
C LEU A 53 -20.55 7.59 -28.21
N PRO A 54 -19.96 7.52 -29.41
CA PRO A 54 -18.89 6.55 -29.63
C PRO A 54 -17.61 6.95 -28.91
N GLN A 55 -17.55 6.69 -27.61
CA GLN A 55 -16.44 7.16 -26.79
C GLN A 55 -15.14 6.50 -27.21
N GLU A 56 -14.06 7.28 -27.19
CA GLU A 56 -12.73 6.80 -27.57
C GLU A 56 -11.91 6.55 -26.31
N PHE A 57 -11.33 5.36 -26.23
CA PHE A 57 -10.57 4.98 -25.05
C PHE A 57 -9.08 4.99 -25.36
N PRO A 58 -8.24 5.39 -24.41
CA PRO A 58 -6.79 5.30 -24.63
C PRO A 58 -6.34 3.86 -24.71
N GLU A 59 -5.23 3.65 -25.41
CA GLU A 59 -4.69 2.29 -25.53
C GLU A 59 -4.30 1.74 -24.16
N VAL A 60 -3.76 2.60 -23.30
CA VAL A 60 -3.52 2.27 -21.90
C VAL A 60 -4.66 2.84 -21.08
N VAL A 61 -5.43 1.96 -20.43
CA VAL A 61 -6.66 2.33 -19.76
C VAL A 61 -6.40 2.35 -18.26
N PRO A 62 -6.39 3.51 -17.61
CA PRO A 62 -6.35 3.53 -16.15
C PRO A 62 -7.70 3.13 -15.57
N LEU A 63 -7.66 2.29 -14.54
CA LEU A 63 -8.89 1.74 -13.97
C LEU A 63 -8.95 2.03 -12.48
N ASN A 64 -10.12 2.38 -12.00
CA ASN A 64 -10.38 2.59 -10.58
C ASN A 64 -11.52 1.67 -10.18
N ILE A 65 -11.19 0.56 -9.53
CA ILE A 65 -12.16 -0.46 -9.17
C ILE A 65 -12.45 -0.31 -7.68
N GLY A 66 -13.47 0.49 -7.35
CA GLY A 66 -13.84 0.68 -5.96
C GLY A 66 -12.74 1.26 -5.10
N GLY A 67 -12.03 2.26 -5.62
CA GLY A 67 -10.94 2.88 -4.89
C GLY A 67 -9.60 2.21 -5.08
N ALA A 68 -9.53 1.08 -5.78
CA ALA A 68 -8.29 0.39 -6.05
C ALA A 68 -7.83 0.73 -7.47
N HIS A 69 -6.57 1.10 -7.61
CA HIS A 69 -6.04 1.60 -8.87
C HIS A 69 -5.39 0.47 -9.65
N PHE A 70 -5.92 0.19 -10.84
CA PHE A 70 -5.35 -0.76 -11.76
C PHE A 70 -5.12 -0.06 -13.10
N THR A 71 -4.15 -0.56 -13.87
CA THR A 71 -3.88 -0.05 -15.20
C THR A 71 -3.68 -1.23 -16.13
N THR A 72 -4.39 -1.20 -17.26
CA THR A 72 -4.31 -2.29 -18.23
C THR A 72 -4.52 -1.73 -19.62
N ARG A 73 -4.07 -2.51 -20.60
CA ARG A 73 -4.22 -2.12 -22.00
C ARG A 73 -5.66 -2.31 -22.45
N LEU A 74 -6.06 -1.56 -23.47
CA LEU A 74 -7.41 -1.67 -23.99
C LEU A 74 -7.66 -3.06 -24.57
N SER A 75 -6.68 -3.61 -25.28
CA SER A 75 -6.87 -4.93 -25.90
C SER A 75 -7.06 -6.02 -24.85
N THR A 76 -6.49 -5.81 -23.65
CA THR A 76 -6.72 -6.78 -22.58
C THR A 76 -8.17 -6.80 -22.15
N LEU A 77 -8.80 -5.63 -22.04
CA LEU A 77 -10.20 -5.58 -21.62
C LEU A 77 -11.13 -6.12 -22.70
N ARG A 78 -10.83 -5.85 -23.96
CA ARG A 78 -11.63 -6.31 -25.09
C ARG A 78 -11.21 -7.69 -25.58
N ARG A 79 -10.55 -8.50 -24.76
CA ARG A 79 -10.02 -9.77 -25.24
C ARG A 79 -11.14 -10.76 -25.53
N TYR A 80 -12.11 -10.86 -24.62
CA TYR A 80 -13.30 -11.68 -24.82
C TYR A 80 -14.46 -10.73 -25.13
N GLU A 81 -15.10 -10.93 -26.28
CA GLU A 81 -16.09 -9.97 -26.75
C GLU A 81 -17.37 -10.03 -25.93
N ASP A 82 -17.78 -11.22 -25.50
CA ASP A 82 -19.00 -11.36 -24.70
C ASP A 82 -18.61 -11.33 -23.22
N THR A 83 -18.48 -10.10 -22.72
CA THR A 83 -18.04 -9.87 -21.34
C THR A 83 -18.54 -8.50 -20.91
N MET A 84 -18.71 -8.32 -19.59
CA MET A 84 -18.98 -7.00 -19.05
C MET A 84 -17.92 -6.00 -19.48
N LEU A 85 -16.64 -6.38 -19.36
CA LEU A 85 -15.56 -5.44 -19.61
C LEU A 85 -15.50 -5.05 -21.09
N ALA A 86 -15.77 -5.99 -21.98
CA ALA A 86 -15.77 -5.68 -23.40
C ALA A 86 -16.93 -4.77 -23.77
N ALA A 87 -18.12 -5.05 -23.25
CA ALA A 87 -19.29 -4.22 -23.55
C ALA A 87 -19.14 -2.83 -22.95
N MET A 88 -18.56 -2.76 -21.75
CA MET A 88 -18.33 -1.47 -21.10
C MET A 88 -17.35 -0.62 -21.89
N PHE A 89 -16.29 -1.23 -22.41
CA PHE A 89 -15.25 -0.54 -23.14
C PHE A 89 -15.36 -0.75 -24.65
N SER A 90 -16.53 -1.14 -25.14
CA SER A 90 -16.74 -1.25 -26.58
C SER A 90 -16.88 0.13 -27.22
N GLY A 91 -17.16 1.14 -26.42
CA GLY A 91 -17.35 2.49 -26.92
C GLY A 91 -18.78 2.89 -27.12
N ARG A 92 -19.73 1.95 -27.00
CA ARG A 92 -21.13 2.28 -27.20
C ARG A 92 -21.70 3.04 -26.00
N HIS A 93 -21.16 2.79 -24.81
CA HIS A 93 -21.69 3.38 -23.58
C HIS A 93 -20.74 4.44 -23.05
N TYR A 94 -21.31 5.42 -22.36
CA TYR A 94 -20.54 6.49 -21.74
C TYR A 94 -20.02 6.02 -20.39
N ILE A 95 -18.72 6.16 -20.17
CA ILE A 95 -18.05 5.68 -18.97
C ILE A 95 -17.62 6.89 -18.15
N PRO A 96 -17.90 6.93 -16.84
CA PRO A 96 -17.57 8.13 -16.06
C PRO A 96 -16.18 8.04 -15.46
N THR A 97 -15.44 9.14 -15.55
CA THR A 97 -14.16 9.29 -14.88
C THR A 97 -14.37 9.88 -13.48
N ASP A 98 -13.35 9.75 -12.65
CA ASP A 98 -13.46 10.10 -11.23
C ASP A 98 -12.31 11.05 -10.83
N SER A 99 -12.54 12.35 -11.02
CA SER A 99 -11.65 13.44 -10.62
C SER A 99 -10.28 13.36 -11.27
N GLU A 100 -10.04 12.38 -12.14
CA GLU A 100 -8.76 12.17 -12.80
C GLU A 100 -9.00 11.21 -13.94
N GLY A 101 -7.93 10.95 -14.70
CA GLY A 101 -8.08 10.13 -15.89
C GLY A 101 -8.23 8.65 -15.62
N ARG A 102 -9.08 8.28 -14.66
CA ARG A 102 -9.34 6.89 -14.33
C ARG A 102 -10.82 6.58 -14.53
N TYR A 103 -11.09 5.36 -14.98
CA TYR A 103 -12.45 4.91 -15.23
C TYR A 103 -12.95 4.10 -14.04
N PHE A 104 -14.15 4.44 -13.57
CA PHE A 104 -14.66 3.94 -12.30
C PHE A 104 -15.57 2.74 -12.50
N ILE A 105 -15.32 1.68 -11.73
CA ILE A 105 -16.22 0.55 -11.60
C ILE A 105 -16.53 0.35 -10.12
N ASP A 106 -17.81 0.46 -9.76
CA ASP A 106 -18.22 0.39 -8.36
C ASP A 106 -18.28 -1.07 -7.92
N ARG A 107 -17.10 -1.63 -7.70
CA ARG A 107 -16.98 -3.02 -7.29
C ARG A 107 -15.67 -3.18 -6.51
N ASP A 108 -15.64 -4.17 -5.63
CA ASP A 108 -14.45 -4.44 -4.84
C ASP A 108 -13.29 -4.83 -5.75
N GLY A 109 -12.14 -4.22 -5.52
CA GLY A 109 -10.96 -4.43 -6.33
C GLY A 109 -9.90 -5.33 -5.73
N THR A 110 -10.21 -6.02 -4.63
CA THR A 110 -9.20 -6.88 -4.01
C THR A 110 -8.80 -8.03 -4.92
N HIS A 111 -9.78 -8.66 -5.57
CA HIS A 111 -9.52 -9.81 -6.43
C HIS A 111 -9.69 -9.48 -7.90
N PHE A 112 -9.61 -8.21 -8.28
CA PHE A 112 -9.64 -7.86 -9.69
C PHE A 112 -8.29 -8.13 -10.35
N GLY A 113 -7.24 -8.26 -9.55
CA GLY A 113 -5.94 -8.60 -10.10
C GLY A 113 -5.93 -9.93 -10.80
N ASP A 114 -6.61 -10.93 -10.23
CA ASP A 114 -6.66 -12.24 -10.87
C ASP A 114 -7.51 -12.21 -12.14
N VAL A 115 -8.57 -11.41 -12.15
CA VAL A 115 -9.36 -11.24 -13.36
C VAL A 115 -8.52 -10.62 -14.46
N LEU A 116 -7.77 -9.58 -14.13
CA LEU A 116 -6.89 -8.96 -15.11
C LEU A 116 -5.79 -9.92 -15.56
N ASN A 117 -5.30 -10.76 -14.64
CA ASN A 117 -4.30 -11.75 -15.00
C ASN A 117 -4.86 -12.76 -15.99
N PHE A 118 -6.09 -13.21 -15.78
CA PHE A 118 -6.70 -14.14 -16.73
C PHE A 118 -6.96 -13.47 -18.07
N LEU A 119 -7.28 -12.18 -18.06
CA LEU A 119 -7.45 -11.47 -19.33
C LEU A 119 -6.12 -11.34 -20.07
N ARG A 120 -5.04 -11.04 -19.35
CA ARG A 120 -3.72 -10.91 -19.98
C ARG A 120 -3.23 -12.24 -20.53
N SER A 121 -3.24 -13.27 -19.70
CA SER A 121 -2.78 -14.60 -20.09
C SER A 121 -3.71 -15.63 -19.47
N GLY A 122 -3.48 -16.90 -19.77
CA GLY A 122 -4.35 -17.94 -19.26
C GLY A 122 -4.09 -18.28 -17.80
N ASP A 123 -3.61 -17.32 -17.03
CA ASP A 123 -3.30 -17.56 -15.63
C ASP A 123 -4.58 -17.79 -14.83
N LEU A 124 -4.44 -18.50 -13.71
CA LEU A 124 -5.56 -18.88 -12.87
C LEU A 124 -5.25 -18.56 -11.41
N PRO A 125 -6.28 -18.42 -10.57
CA PRO A 125 -6.06 -18.06 -9.17
C PRO A 125 -5.19 -19.08 -8.45
N PRO A 126 -4.63 -18.71 -7.30
CA PRO A 126 -3.64 -19.58 -6.63
C PRO A 126 -4.26 -20.70 -5.80
N ARG A 127 -5.52 -21.02 -6.06
CA ARG A 127 -6.30 -22.09 -5.44
C ARG A 127 -6.78 -21.73 -4.03
N GLU A 128 -6.27 -20.64 -3.43
CA GLU A 128 -6.86 -20.10 -2.22
C GLU A 128 -7.82 -18.96 -2.52
N HIS A 129 -7.97 -18.58 -3.80
CA HIS A 129 -8.83 -17.48 -4.21
C HIS A 129 -9.83 -17.92 -5.27
N VAL A 130 -10.11 -19.23 -5.38
CA VAL A 130 -10.99 -19.72 -6.43
C VAL A 130 -12.39 -19.15 -6.26
N ARG A 131 -12.90 -19.12 -5.03
CA ARG A 131 -14.27 -18.69 -4.80
C ARG A 131 -14.44 -17.19 -5.02
N ALA A 132 -13.48 -16.38 -4.55
CA ALA A 132 -13.58 -14.94 -4.70
C ALA A 132 -13.47 -14.54 -6.17
N VAL A 133 -12.48 -15.08 -6.88
CA VAL A 133 -12.36 -14.80 -8.30
C VAL A 133 -13.53 -15.37 -9.06
N TYR A 134 -14.13 -16.46 -8.56
CA TYR A 134 -15.34 -16.99 -9.19
C TYR A 134 -16.50 -16.00 -9.06
N LYS A 135 -16.63 -15.36 -7.89
CA LYS A 135 -17.65 -14.33 -7.73
C LYS A 135 -17.37 -13.15 -8.64
N GLU A 136 -16.10 -12.75 -8.77
CA GLU A 136 -15.75 -11.65 -9.67
C GLU A 136 -16.09 -12.00 -11.11
N ALA A 137 -15.84 -13.24 -11.52
CA ALA A 137 -16.16 -13.65 -12.89
C ALA A 137 -17.66 -13.77 -13.10
N GLN A 138 -18.39 -14.18 -12.06
CA GLN A 138 -19.85 -14.03 -12.09
C GLN A 138 -20.26 -12.60 -12.42
N TYR A 139 -19.70 -11.64 -11.68
CA TYR A 139 -20.11 -10.25 -11.89
C TYR A 139 -19.72 -9.76 -13.29
N TYR A 140 -18.49 -10.03 -13.72
CA TYR A 140 -18.00 -9.54 -15.00
C TYR A 140 -18.39 -10.42 -16.18
N ALA A 141 -19.07 -11.53 -15.93
CA ALA A 141 -19.61 -12.40 -16.98
C ALA A 141 -18.51 -12.87 -17.94
N ILE A 142 -17.41 -13.35 -17.36
CA ILE A 142 -16.32 -13.91 -18.14
C ILE A 142 -16.52 -15.42 -18.18
N GLY A 143 -17.08 -15.92 -19.29
CA GLY A 143 -17.39 -17.32 -19.43
C GLY A 143 -16.21 -18.26 -19.37
N PRO A 144 -15.14 -18.04 -20.14
CA PRO A 144 -13.97 -18.92 -20.04
C PRO A 144 -13.40 -19.01 -18.63
N LEU A 145 -13.33 -17.88 -17.93
CA LEU A 145 -12.85 -17.92 -16.55
C LEU A 145 -13.78 -18.71 -15.65
N LEU A 146 -15.09 -18.58 -15.88
CA LEU A 146 -16.05 -19.35 -15.09
C LEU A 146 -15.86 -20.85 -15.32
N GLU A 147 -15.67 -21.26 -16.57
CA GLU A 147 -15.46 -22.67 -16.86
C GLU A 147 -14.17 -23.17 -16.21
N GLN A 148 -13.08 -22.42 -16.37
CA GLN A 148 -11.80 -22.85 -15.82
C GLN A 148 -11.85 -22.90 -14.30
N LEU A 149 -12.60 -22.00 -13.67
CA LEU A 149 -12.69 -21.99 -12.22
C LEU A 149 -13.58 -23.09 -11.69
N GLU A 150 -14.67 -23.40 -12.41
CA GLU A 150 -15.51 -24.52 -12.04
C GLU A 150 -14.77 -25.85 -12.23
N ASN A 151 -13.79 -25.87 -13.12
CA ASN A 151 -12.95 -27.05 -13.26
C ASN A 151 -11.86 -27.13 -12.19
N MET A 152 -11.74 -26.11 -11.34
CA MET A 152 -10.71 -26.15 -10.33
C MET A 152 -11.31 -26.60 -8.99
N GLN A 153 -10.44 -27.12 -8.12
CA GLN A 153 -10.89 -28.03 -7.07
C GLN A 153 -11.92 -27.46 -6.11
N PRO A 154 -11.75 -26.28 -5.51
CA PRO A 154 -12.71 -25.86 -4.48
C PRO A 154 -14.15 -25.84 -4.96
N LEU A 155 -14.37 -25.72 -6.27
CA LEU A 155 -15.72 -25.72 -6.80
C LEU A 155 -16.08 -27.05 -7.45
N LYS A 156 -15.09 -27.86 -7.84
CA LYS A 156 -15.38 -29.11 -8.51
C LYS A 156 -16.10 -30.10 -7.58
N GLY A 157 -15.56 -30.29 -6.37
CA GLY A 157 -16.23 -31.14 -5.42
C GLY A 157 -17.61 -30.62 -5.04
N GLU A 158 -17.75 -29.29 -5.01
CA GLU A 158 -19.05 -28.71 -4.72
C GLU A 158 -20.07 -29.03 -5.80
N LYS A 159 -19.65 -28.96 -7.08
CA LYS A 159 -20.55 -29.38 -8.15
C LYS A 159 -20.88 -30.86 -8.04
N VAL A 160 -19.91 -31.69 -7.69
CA VAL A 160 -20.16 -33.12 -7.56
C VAL A 160 -21.16 -33.39 -6.45
N ARG A 161 -21.08 -32.66 -5.34
CA ARG A 161 -22.03 -32.89 -4.25
C ARG A 161 -23.39 -32.28 -4.55
N GLN A 162 -23.44 -31.16 -5.27
CA GLN A 162 -24.72 -30.62 -5.71
C GLN A 162 -25.40 -31.53 -6.72
N ALA A 163 -24.64 -32.39 -7.41
CA ALA A 163 -25.25 -33.42 -8.23
C ALA A 163 -26.12 -34.33 -7.38
N PHE A 164 -25.72 -34.57 -6.13
CA PHE A 164 -26.52 -35.39 -5.22
C PHE A 164 -27.60 -34.57 -4.54
N LEU A 165 -27.22 -33.43 -3.96
CA LEU A 165 -28.17 -32.58 -3.24
C LEU A 165 -29.16 -31.90 -4.16
N GLY A 166 -28.94 -31.92 -5.48
CA GLY A 166 -29.92 -31.38 -6.40
C GLY A 166 -31.17 -32.23 -6.47
N LEU A 167 -31.09 -33.48 -6.04
CA LEU A 167 -32.28 -34.32 -5.93
C LEU A 167 -33.25 -33.79 -4.89
N MET A 168 -32.77 -33.01 -3.93
CA MET A 168 -33.60 -32.44 -2.87
C MET A 168 -33.50 -30.92 -2.95
N PRO A 169 -34.44 -30.24 -3.58
CA PRO A 169 -34.38 -28.77 -3.66
C PRO A 169 -34.72 -28.06 -2.36
N TYR A 170 -35.12 -28.80 -1.32
CA TYR A 170 -35.46 -28.25 -0.03
C TYR A 170 -34.33 -28.36 0.97
N TYR A 171 -33.13 -28.74 0.53
CA TYR A 171 -32.03 -28.99 1.45
C TYR A 171 -31.65 -27.73 2.23
N LYS A 172 -31.42 -26.62 1.53
CA LYS A 172 -30.99 -25.40 2.20
C LYS A 172 -32.08 -24.84 3.10
N ASP A 173 -33.34 -24.95 2.68
CA ASP A 173 -34.44 -24.53 3.52
C ASP A 173 -34.49 -25.34 4.81
N HIS A 174 -34.25 -26.66 4.71
CA HIS A 174 -34.26 -27.48 5.90
C HIS A 174 -33.06 -27.20 6.80
N LEU A 175 -31.90 -26.88 6.23
CA LEU A 175 -30.78 -26.45 7.05
C LEU A 175 -31.11 -25.18 7.82
N GLU A 176 -31.70 -24.19 7.13
CA GLU A 176 -32.07 -22.96 7.82
C GLU A 176 -33.11 -23.22 8.89
N ARG A 177 -34.06 -24.13 8.63
CA ARG A 177 -35.03 -24.50 9.65
C ARG A 177 -34.35 -25.13 10.85
N ILE A 178 -33.38 -26.02 10.62
CA ILE A 178 -32.66 -26.65 11.73
C ILE A 178 -31.98 -25.60 12.58
N VAL A 179 -31.25 -24.68 11.93
CA VAL A 179 -30.51 -23.66 12.68
C VAL A 179 -31.47 -22.78 13.47
N GLU A 180 -32.56 -22.34 12.83
CA GLU A 180 -33.49 -21.44 13.50
C GLU A 180 -34.21 -22.13 14.66
N ILE A 181 -34.60 -23.40 14.47
CA ILE A 181 -35.26 -24.12 15.56
C ILE A 181 -34.31 -24.32 16.73
N ALA A 182 -33.07 -24.67 16.45
CA ALA A 182 -32.09 -24.82 17.54
C ALA A 182 -31.87 -23.50 18.27
N ARG A 183 -31.73 -22.41 17.53
CA ARG A 183 -31.53 -21.11 18.17
C ARG A 183 -32.74 -20.71 19.01
N LEU A 184 -33.95 -20.92 18.50
CA LEU A 184 -35.14 -20.58 19.25
C LEU A 184 -35.25 -21.40 20.52
N ARG A 185 -34.98 -22.70 20.43
CA ARG A 185 -35.05 -23.54 21.62
C ARG A 185 -34.02 -23.13 22.65
N ALA A 186 -32.79 -22.86 22.21
CA ALA A 186 -31.75 -22.47 23.15
C ALA A 186 -32.07 -21.12 23.81
N VAL A 187 -32.59 -20.17 23.04
CA VAL A 187 -32.88 -18.85 23.61
C VAL A 187 -34.07 -18.93 24.56
N GLN A 188 -35.14 -19.61 24.15
CA GLN A 188 -36.33 -19.70 24.99
C GLN A 188 -36.05 -20.48 26.27
N ARG A 189 -35.33 -21.59 26.17
CA ARG A 189 -35.00 -22.38 27.34
C ARG A 189 -33.81 -21.84 28.11
N LYS A 190 -33.02 -20.95 27.52
CA LYS A 190 -31.79 -20.43 28.11
C LYS A 190 -30.82 -21.56 28.41
N ALA A 191 -30.40 -22.23 27.34
CA ALA A 191 -29.47 -23.34 27.42
C ALA A 191 -28.27 -23.06 26.54
N ARG A 192 -27.26 -23.94 26.62
CA ARG A 192 -26.12 -23.83 25.72
C ARG A 192 -26.33 -24.68 24.47
N PHE A 193 -27.00 -25.82 24.62
CA PHE A 193 -27.21 -26.73 23.50
C PHE A 193 -28.70 -26.95 23.28
N ALA A 194 -29.09 -27.07 22.02
CA ALA A 194 -30.46 -27.40 21.65
C ALA A 194 -30.45 -28.68 20.83
N LYS A 195 -31.26 -29.65 21.25
CA LYS A 195 -31.36 -30.94 20.59
C LYS A 195 -32.65 -31.03 19.79
N LEU A 196 -32.53 -31.38 18.52
CA LEU A 196 -33.68 -31.51 17.65
C LEU A 196 -33.57 -32.81 16.87
N LYS A 197 -34.72 -33.35 16.50
CA LYS A 197 -34.81 -34.65 15.84
C LYS A 197 -35.02 -34.47 14.35
N VAL A 198 -34.17 -35.12 13.55
CA VAL A 198 -34.31 -35.11 12.11
C VAL A 198 -34.52 -36.54 11.63
N CYS A 199 -35.29 -36.68 10.56
CA CYS A 199 -35.61 -37.98 9.99
C CYS A 199 -35.03 -38.05 8.58
N VAL A 200 -34.08 -38.95 8.37
CA VAL A 200 -33.43 -39.14 7.09
C VAL A 200 -33.73 -40.57 6.62
N PHE A 201 -34.51 -40.68 5.56
CA PHE A 201 -34.83 -41.97 4.95
C PHE A 201 -34.55 -41.89 3.46
N LYS A 202 -33.82 -42.87 2.94
CA LYS A 202 -33.47 -42.85 1.53
C LYS A 202 -34.66 -43.23 0.65
N GLU A 203 -35.42 -44.25 1.05
CA GLU A 203 -36.56 -44.70 0.28
C GLU A 203 -37.88 -44.21 0.88
N GLU A 235 -43.32 -36.20 14.65
CA GLU A 235 -42.64 -35.66 15.82
C GLU A 235 -41.25 -35.15 15.46
N VAL A 236 -40.88 -35.30 14.18
CA VAL A 236 -39.58 -34.87 13.71
C VAL A 236 -39.66 -33.39 13.34
N ASP A 237 -38.66 -32.62 13.78
CA ASP A 237 -38.65 -31.19 13.47
C ASP A 237 -38.37 -30.95 12.00
N VAL A 238 -37.39 -31.65 11.44
CA VAL A 238 -36.99 -31.50 10.05
C VAL A 238 -36.84 -32.88 9.43
N SER A 239 -37.43 -33.07 8.26
CA SER A 239 -37.42 -34.36 7.58
C SER A 239 -36.81 -34.20 6.19
N PHE A 240 -35.95 -35.13 5.81
CA PHE A 240 -35.34 -35.16 4.48
C PHE A 240 -35.91 -36.34 3.71
N GLY A 241 -36.60 -36.05 2.61
CA GLY A 241 -37.40 -37.03 1.93
C GLY A 241 -36.60 -38.02 1.11
N PRO A 242 -37.30 -38.85 0.35
CA PRO A 242 -36.61 -39.90 -0.42
C PRO A 242 -35.82 -39.31 -1.58
N TRP A 243 -34.77 -40.03 -1.97
CA TRP A 243 -33.96 -39.67 -3.12
C TRP A 243 -33.48 -40.95 -3.80
N GLU A 244 -33.18 -40.84 -5.09
CA GLU A 244 -32.70 -41.97 -5.87
C GLU A 244 -31.26 -41.68 -6.30
N ALA A 245 -30.31 -42.34 -5.64
CA ALA A 245 -28.89 -42.20 -5.92
C ALA A 245 -28.18 -43.36 -5.24
N VAL A 246 -26.85 -43.31 -5.26
CA VAL A 246 -26.05 -44.31 -4.55
C VAL A 246 -25.48 -43.78 -3.25
N ALA A 247 -25.59 -42.48 -2.99
CA ALA A 247 -25.19 -41.94 -1.70
C ALA A 247 -26.13 -42.46 -0.62
N ASP A 248 -25.54 -42.91 0.48
CA ASP A 248 -26.29 -43.57 1.53
C ASP A 248 -26.96 -42.55 2.44
N VAL A 249 -27.72 -43.06 3.42
CA VAL A 249 -28.33 -42.21 4.43
C VAL A 249 -27.25 -41.51 5.23
N TYR A 250 -26.20 -42.24 5.60
CA TYR A 250 -25.10 -41.65 6.36
C TYR A 250 -24.34 -40.61 5.55
N ASP A 251 -24.50 -40.62 4.23
CA ASP A 251 -23.81 -39.64 3.40
C ASP A 251 -24.50 -38.29 3.49
N LEU A 252 -25.84 -38.27 3.56
CA LEU A 252 -26.55 -37.02 3.76
C LEU A 252 -26.24 -36.43 5.12
N LEU A 253 -26.13 -37.27 6.15
CA LEU A 253 -25.77 -36.78 7.47
C LEU A 253 -24.38 -36.16 7.47
N HIS A 254 -23.50 -36.64 6.59
CA HIS A 254 -22.21 -35.97 6.41
C HIS A 254 -22.40 -34.60 5.78
N CYS A 255 -23.34 -34.48 4.84
CA CYS A 255 -23.65 -33.18 4.25
C CYS A 255 -24.23 -32.23 5.30
N LEU A 256 -25.08 -32.76 6.19
CA LEU A 256 -25.67 -31.92 7.23
C LEU A 256 -24.62 -31.42 8.21
N VAL A 257 -23.80 -32.33 8.73
CA VAL A 257 -22.83 -31.95 9.76
C VAL A 257 -21.77 -31.02 9.19
N THR A 258 -21.27 -31.32 7.99
CA THR A 258 -20.25 -30.47 7.39
C THR A 258 -20.81 -29.08 7.07
N ASP A 259 -22.03 -29.02 6.55
CA ASP A 259 -22.62 -27.73 6.22
C ASP A 259 -22.91 -26.91 7.48
N LEU A 260 -23.39 -27.56 8.54
CA LEU A 260 -23.64 -26.86 9.79
C LEU A 260 -22.34 -26.42 10.45
N SER A 261 -21.32 -27.28 10.41
CA SER A 261 -20.02 -26.91 10.97
C SER A 261 -19.38 -25.79 10.17
N ALA A 262 -19.59 -25.78 8.85
CA ALA A 262 -19.09 -24.68 8.03
C ALA A 262 -19.76 -23.36 8.42
N GLN A 263 -20.99 -23.44 8.93
CA GLN A 263 -21.67 -22.26 9.43
C GLN A 263 -21.14 -21.82 10.80
N GLY A 264 -20.29 -22.62 11.43
CA GLY A 264 -19.72 -22.31 12.71
C GLY A 264 -20.32 -23.07 13.88
N LEU A 265 -21.45 -23.72 13.69
CA LEU A 265 -22.09 -24.45 14.78
C LEU A 265 -21.29 -25.70 15.15
N THR A 266 -21.36 -26.07 16.41
CA THR A 266 -20.75 -27.30 16.91
C THR A 266 -21.84 -28.36 16.99
N VAL A 267 -21.84 -29.30 16.05
CA VAL A 267 -22.95 -30.21 15.84
C VAL A 267 -22.52 -31.63 16.11
N ASP A 268 -23.32 -32.34 16.92
CA ASP A 268 -23.17 -33.77 17.13
C ASP A 268 -24.50 -34.43 16.87
N HIS A 269 -24.46 -35.60 16.23
CA HIS A 269 -25.67 -36.32 15.88
C HIS A 269 -25.62 -37.74 16.41
N GLN A 270 -26.78 -38.29 16.72
CA GLN A 270 -26.91 -39.63 17.24
C GLN A 270 -28.20 -40.25 16.73
N CYS A 271 -28.20 -41.57 16.59
CA CYS A 271 -29.37 -42.30 16.12
C CYS A 271 -30.20 -42.69 17.33
N ILE A 272 -31.19 -41.86 17.66
CA ILE A 272 -32.03 -42.12 18.83
C ILE A 272 -32.93 -43.33 18.57
N GLY A 273 -33.29 -43.57 17.31
CA GLY A 273 -34.14 -44.69 16.97
C GLY A 273 -35.60 -44.33 16.80
N PRO A 288 -36.34 -44.16 10.98
CA PRO A 288 -35.02 -43.67 11.40
C PRO A 288 -35.04 -42.21 11.78
N ILE A 289 -34.80 -41.91 13.06
CA ILE A 289 -34.77 -40.55 13.56
C ILE A 289 -33.39 -40.29 14.16
N TYR A 290 -32.76 -39.20 13.72
CA TYR A 290 -31.43 -38.83 14.17
C TYR A 290 -31.54 -37.56 15.00
N GLU A 291 -30.97 -37.57 16.20
CA GLU A 291 -31.01 -36.43 17.08
C GLU A 291 -29.76 -35.59 16.91
N PHE A 292 -29.94 -34.32 16.55
CA PHE A 292 -28.85 -33.38 16.33
C PHE A 292 -28.75 -32.45 17.52
N LYS A 293 -27.55 -32.37 18.11
CA LYS A 293 -27.28 -31.45 19.20
C LYS A 293 -26.31 -30.38 18.75
N ILE A 294 -26.73 -29.12 18.87
CA ILE A 294 -25.93 -27.97 18.46
C ILE A 294 -25.54 -27.21 19.72
N THR A 295 -24.25 -27.05 19.94
CA THR A 295 -23.72 -26.39 21.13
C THR A 295 -23.40 -24.94 20.78
N TRP A 296 -24.18 -24.02 21.34
CA TRP A 296 -23.99 -22.60 21.03
C TRP A 296 -22.80 -22.03 21.78
N TRP A 297 -22.58 -22.48 23.01
CA TRP A 297 -21.49 -22.00 23.83
C TRP A 297 -21.14 -22.99 24.92
N ASP B 14 30.34 -13.00 -15.16
CA ASP B 14 30.98 -12.73 -13.88
C ASP B 14 32.14 -11.75 -14.05
N GLU B 15 33.22 -12.21 -14.66
CA GLU B 15 34.43 -11.40 -14.78
C GLU B 15 34.21 -10.22 -15.74
N LYS B 16 33.43 -10.43 -16.80
CA LYS B 16 33.21 -9.37 -17.78
C LYS B 16 32.43 -8.21 -17.17
N TYR B 17 31.38 -8.50 -16.41
CA TYR B 17 30.62 -7.45 -15.73
C TYR B 17 31.50 -6.74 -14.69
N VAL B 18 32.33 -7.51 -13.99
CA VAL B 18 33.25 -6.92 -13.02
C VAL B 18 34.20 -5.95 -13.70
N ASN B 19 34.75 -6.34 -14.84
CA ASN B 19 35.64 -5.46 -15.59
C ASN B 19 34.90 -4.22 -16.07
N SER B 20 33.66 -4.38 -16.53
CA SER B 20 32.90 -3.23 -17.02
C SER B 20 32.65 -2.22 -15.90
N ILE B 21 32.17 -2.69 -14.75
CA ILE B 21 31.89 -1.76 -13.66
C ILE B 21 33.18 -1.25 -13.04
N TRP B 22 34.28 -1.98 -13.20
CA TRP B 22 35.56 -1.44 -12.78
C TRP B 22 36.00 -0.30 -13.69
N ASP B 23 35.79 -0.44 -14.99
CA ASP B 23 36.05 0.68 -15.89
C ASP B 23 35.18 1.87 -15.50
N LEU B 24 33.92 1.59 -15.14
CA LEU B 24 33.03 2.65 -14.66
C LEU B 24 33.58 3.34 -13.41
N LEU B 25 33.99 2.55 -12.42
CA LEU B 25 34.49 3.12 -11.16
C LEU B 25 35.80 3.86 -11.36
N LYS B 26 36.69 3.32 -12.19
CA LYS B 26 37.96 3.99 -12.46
C LYS B 26 37.73 5.31 -13.18
N ASN B 27 36.81 5.33 -14.15
CA ASN B 27 36.47 6.59 -14.81
C ASN B 27 35.91 7.58 -13.80
N ALA B 28 35.05 7.11 -12.89
CA ALA B 28 34.48 8.00 -11.88
C ALA B 28 35.57 8.55 -10.94
N ILE B 29 36.48 7.69 -10.50
CA ILE B 29 37.54 8.12 -9.59
C ILE B 29 38.46 9.13 -10.28
N GLN B 30 38.86 8.84 -11.51
CA GLN B 30 39.69 9.78 -12.26
C GLN B 30 38.96 11.10 -12.46
N GLU B 31 37.68 11.03 -12.84
CA GLU B 31 36.91 12.24 -13.11
C GLU B 31 36.71 13.06 -11.84
N ILE B 32 36.65 12.41 -10.68
CA ILE B 32 36.65 13.13 -9.41
C ILE B 32 38.00 13.77 -9.17
N GLN B 33 39.08 13.03 -9.43
CA GLN B 33 40.42 13.56 -9.19
C GLN B 33 40.73 14.77 -10.06
N ARG B 34 40.04 14.91 -11.20
CA ARG B 34 40.23 16.05 -12.09
C ARG B 34 39.25 17.18 -11.80
N LYS B 35 38.51 17.10 -10.68
CA LYS B 35 37.66 18.19 -10.19
C LYS B 35 36.61 18.60 -11.21
N ASN B 36 35.70 17.68 -11.52
CA ASN B 36 34.56 17.96 -12.39
C ASN B 36 33.33 17.24 -11.84
N ASN B 37 32.16 17.68 -12.28
CA ASN B 37 30.91 17.06 -11.83
C ASN B 37 30.79 15.63 -12.35
N SER B 38 30.50 14.71 -11.44
CA SER B 38 30.47 13.29 -11.78
C SER B 38 29.35 13.00 -12.76
N GLY B 39 29.67 12.22 -13.80
CA GLY B 39 28.64 11.82 -14.75
C GLY B 39 27.60 10.90 -14.13
N LEU B 40 28.03 9.97 -13.29
CA LEU B 40 27.13 9.06 -12.62
C LEU B 40 26.67 9.66 -11.29
N SER B 41 26.00 8.85 -10.48
CA SER B 41 25.54 9.25 -9.16
C SER B 41 26.32 8.54 -8.08
N PHE B 42 26.19 9.03 -6.85
CA PHE B 42 26.86 8.40 -5.72
C PHE B 42 26.37 6.98 -5.49
N GLU B 43 25.06 6.76 -5.60
CA GLU B 43 24.49 5.47 -5.22
C GLU B 43 24.93 4.36 -6.17
N GLU B 44 25.04 4.67 -7.46
CA GLU B 44 25.46 3.66 -8.42
C GLU B 44 26.90 3.22 -8.17
N LEU B 45 27.81 4.18 -7.97
CA LEU B 45 29.20 3.83 -7.69
C LEU B 45 29.33 3.09 -6.37
N TYR B 46 28.57 3.51 -5.36
CA TYR B 46 28.60 2.79 -4.09
C TYR B 46 28.12 1.36 -4.25
N ARG B 47 27.05 1.17 -5.03
CA ARG B 47 26.55 -0.19 -5.26
C ARG B 47 27.59 -1.03 -5.99
N ASN B 48 28.27 -0.44 -6.97
CA ASN B 48 29.32 -1.16 -7.68
C ASN B 48 30.43 -1.60 -6.74
N ALA B 49 30.91 -0.69 -5.88
CA ALA B 49 31.95 -1.05 -4.93
C ALA B 49 31.47 -2.09 -3.93
N TYR B 50 30.23 -1.98 -3.47
CA TYR B 50 29.66 -2.93 -2.52
C TYR B 50 29.58 -4.33 -3.13
N THR B 51 29.14 -4.41 -4.39
CA THR B 51 29.11 -5.70 -5.07
C THR B 51 30.52 -6.25 -5.28
N MET B 52 31.48 -5.38 -5.61
CA MET B 52 32.85 -5.84 -5.75
C MET B 52 33.37 -6.45 -4.46
N VAL B 53 33.09 -5.81 -3.33
CA VAL B 53 33.58 -6.31 -2.04
C VAL B 53 32.86 -7.60 -1.66
N LEU B 54 31.55 -7.68 -1.95
CA LEU B 54 30.80 -8.89 -1.59
C LEU B 54 31.35 -10.12 -2.31
N HIS B 55 31.65 -9.99 -3.59
CA HIS B 55 32.15 -11.11 -4.38
C HIS B 55 33.64 -11.35 -4.20
N LYS B 56 34.25 -10.76 -3.17
CA LYS B 56 35.66 -10.93 -2.86
C LYS B 56 36.54 -10.49 -4.03
N HIS B 57 36.12 -9.45 -4.74
CA HIS B 57 36.95 -8.77 -5.72
C HIS B 57 37.54 -7.49 -5.17
N GLY B 58 37.70 -7.39 -3.86
CA GLY B 58 38.24 -6.18 -3.27
C GLY B 58 39.70 -5.97 -3.58
N GLU B 59 40.43 -7.05 -3.88
CA GLU B 59 41.85 -6.92 -4.22
C GLU B 59 42.04 -6.08 -5.48
N LYS B 60 41.28 -6.37 -6.52
CA LYS B 60 41.45 -5.67 -7.79
C LYS B 60 41.02 -4.21 -7.69
N LEU B 61 39.90 -3.95 -7.03
CA LEU B 61 39.47 -2.57 -6.80
C LEU B 61 40.49 -1.81 -5.95
N TYR B 62 41.04 -2.46 -4.93
CA TYR B 62 42.04 -1.86 -4.06
C TYR B 62 43.30 -1.50 -4.82
N THR B 63 43.80 -2.43 -5.64
CA THR B 63 44.98 -2.16 -6.45
C THR B 63 44.70 -1.09 -7.51
N GLY B 64 43.50 -1.08 -8.08
CA GLY B 64 43.15 -0.03 -9.02
C GLY B 64 43.10 1.34 -8.37
N LEU B 65 42.59 1.41 -7.15
CA LEU B 65 42.62 2.65 -6.39
C LEU B 65 44.06 3.11 -6.16
N ARG B 66 44.94 2.18 -5.76
CA ARG B 66 46.35 2.55 -5.63
C ARG B 66 46.92 3.05 -6.94
N GLU B 67 46.60 2.37 -8.06
CA GLU B 67 47.15 2.80 -9.34
C GLU B 67 46.68 4.19 -9.72
N VAL B 68 45.39 4.48 -9.49
CA VAL B 68 44.87 5.79 -9.88
C VAL B 68 45.45 6.89 -8.98
N VAL B 69 45.54 6.64 -7.67
CA VAL B 69 46.08 7.67 -6.78
C VAL B 69 47.56 7.87 -7.06
N THR B 70 48.29 6.80 -7.39
CA THR B 70 49.70 6.96 -7.75
C THR B 70 49.83 7.73 -9.06
N GLU B 71 48.95 7.48 -10.04
CA GLU B 71 48.95 8.25 -11.27
C GLU B 71 48.69 9.72 -10.98
N HIS B 72 47.81 10.02 -10.04
CA HIS B 72 47.49 11.41 -9.72
C HIS B 72 48.50 12.06 -8.80
N LEU B 73 49.37 11.29 -8.13
CA LEU B 73 50.35 11.91 -7.26
C LEU B 73 51.75 11.84 -7.84
N ILE B 74 52.26 10.63 -8.05
CA ILE B 74 53.63 10.45 -8.54
C ILE B 74 53.77 11.05 -9.94
N ASN B 75 52.78 10.82 -10.79
CA ASN B 75 52.90 11.26 -12.17
C ASN B 75 52.34 12.66 -12.41
N LYS B 76 51.54 13.20 -11.48
CA LYS B 76 50.98 14.53 -11.66
C LYS B 76 51.50 15.53 -10.66
N VAL B 77 51.27 15.35 -9.36
CA VAL B 77 51.57 16.43 -8.43
C VAL B 77 53.02 16.35 -7.98
N ARG B 78 53.60 15.15 -8.03
CA ARG B 78 55.03 15.02 -7.78
C ARG B 78 55.82 15.81 -8.81
N GLU B 79 55.45 15.70 -10.10
CA GLU B 79 56.16 16.47 -11.11
C GLU B 79 55.74 17.93 -11.07
N ASP B 80 54.51 18.23 -10.64
CA ASP B 80 54.11 19.63 -10.47
C ASP B 80 54.98 20.32 -9.43
N VAL B 81 55.17 19.70 -8.26
CA VAL B 81 56.01 20.31 -7.24
C VAL B 81 57.47 20.30 -7.69
N LEU B 82 57.90 19.27 -8.41
CA LEU B 82 59.25 19.26 -8.96
C LEU B 82 59.43 20.38 -10.00
N ASN B 83 58.42 20.60 -10.85
CA ASN B 83 58.48 21.67 -11.83
C ASN B 83 58.09 23.03 -11.27
N SER B 84 57.63 23.09 -10.01
CA SER B 84 57.31 24.36 -9.37
C SER B 84 58.08 24.52 -8.07
N LEU B 85 59.37 24.19 -8.08
CA LEU B 85 60.20 24.35 -6.89
C LEU B 85 60.34 25.83 -6.53
N ASN B 86 60.55 26.69 -7.52
CA ASN B 86 60.75 28.11 -7.29
C ASN B 86 59.54 28.96 -7.65
N ASN B 87 58.43 28.34 -8.04
CA ASN B 87 57.22 29.07 -8.42
C ASN B 87 56.11 28.71 -7.44
N ASN B 88 56.04 29.47 -6.34
CA ASN B 88 55.01 29.28 -5.32
C ASN B 88 55.00 27.85 -4.79
N PHE B 89 56.17 27.39 -4.34
CA PHE B 89 56.30 26.02 -3.86
C PHE B 89 55.36 25.74 -2.70
N LEU B 90 55.31 26.64 -1.71
CA LEU B 90 54.38 26.45 -0.60
C LEU B 90 52.94 26.56 -1.08
N GLN B 91 52.66 27.49 -1.99
CA GLN B 91 51.30 27.65 -2.49
C GLN B 91 50.85 26.43 -3.28
N THR B 92 51.72 25.92 -4.16
CA THR B 92 51.33 24.75 -4.95
C THR B 92 51.23 23.51 -4.07
N LEU B 93 52.06 23.41 -3.04
CA LEU B 93 51.95 22.30 -2.10
C LEU B 93 50.63 22.37 -1.34
N ASN B 94 50.22 23.57 -0.92
CA ASN B 94 48.94 23.73 -0.25
C ASN B 94 47.77 23.39 -1.17
N GLN B 95 47.86 23.82 -2.44
CA GLN B 95 46.81 23.49 -3.40
C GLN B 95 46.71 21.98 -3.61
N ALA B 96 47.86 21.31 -3.76
CA ALA B 96 47.86 19.87 -3.91
C ALA B 96 47.31 19.18 -2.67
N TRP B 97 47.64 19.70 -1.49
CA TRP B 97 47.12 19.12 -0.25
C TRP B 97 45.60 19.24 -0.17
N ASN B 98 45.07 20.41 -0.49
CA ASN B 98 43.62 20.60 -0.47
C ASN B 98 42.94 19.69 -1.48
N ASP B 99 43.50 19.60 -2.70
CA ASP B 99 42.92 18.73 -3.71
C ASP B 99 42.94 17.28 -3.27
N HIS B 100 44.06 16.84 -2.67
CA HIS B 100 44.15 15.46 -2.19
C HIS B 100 43.13 15.19 -1.10
N GLN B 101 42.99 16.12 -0.16
CA GLN B 101 42.03 15.91 0.93
C GLN B 101 40.61 15.80 0.40
N THR B 102 40.21 16.73 -0.47
CA THR B 102 38.85 16.68 -1.01
C THR B 102 38.62 15.41 -1.82
N ALA B 103 39.56 15.07 -2.70
CA ALA B 103 39.41 13.87 -3.52
C ALA B 103 39.32 12.63 -2.66
N MET B 104 40.19 12.49 -1.66
CA MET B 104 40.16 11.31 -0.82
C MET B 104 38.90 11.25 0.03
N VAL B 105 38.35 12.40 0.43
CA VAL B 105 37.06 12.38 1.12
C VAL B 105 35.99 11.81 0.21
N MET B 106 35.95 12.25 -1.05
CA MET B 106 34.93 11.73 -1.96
C MET B 106 35.13 10.24 -2.24
N ILE B 107 36.38 9.81 -2.46
CA ILE B 107 36.63 8.40 -2.73
C ILE B 107 36.28 7.55 -1.52
N ARG B 108 36.61 8.04 -0.31
CA ARG B 108 36.24 7.30 0.89
C ARG B 108 34.73 7.20 1.03
N ASP B 109 34.01 8.24 0.63
CA ASP B 109 32.55 8.17 0.61
C ASP B 109 32.08 7.10 -0.37
N ILE B 110 32.74 6.98 -1.52
CA ILE B 110 32.33 5.99 -2.53
C ILE B 110 32.57 4.57 -2.02
N LEU B 111 33.64 4.36 -1.24
CA LEU B 111 34.11 3.02 -0.89
C LEU B 111 33.99 2.74 0.61
N MET B 112 32.85 3.05 1.21
CA MET B 112 32.70 2.87 2.65
C MET B 112 32.57 1.40 3.04
N TYR B 113 31.96 0.57 2.18
CA TYR B 113 31.87 -0.85 2.52
C TYR B 113 33.26 -1.49 2.55
N MET B 114 34.16 -1.03 1.69
CA MET B 114 35.56 -1.44 1.81
C MET B 114 36.07 -1.16 3.21
N ASP B 115 35.84 0.05 3.72
CA ASP B 115 36.25 0.39 5.07
C ASP B 115 35.60 -0.52 6.10
N ARG B 116 34.33 -0.85 5.90
CA ARG B 116 33.62 -1.66 6.89
C ARG B 116 34.20 -3.06 7.00
N VAL B 117 34.53 -3.69 5.87
CA VAL B 117 34.99 -5.07 5.95
C VAL B 117 36.38 -5.27 5.34
N TYR B 118 36.54 -4.92 4.07
CA TYR B 118 37.67 -5.44 3.28
C TYR B 118 39.00 -4.99 3.86
N VAL B 119 39.13 -3.72 4.19
CA VAL B 119 40.39 -3.21 4.73
C VAL B 119 40.56 -3.60 6.18
N GLN B 120 39.52 -4.13 6.83
CA GLN B 120 39.57 -4.51 8.23
C GLN B 120 39.93 -5.97 8.45
N GLN B 121 39.57 -6.87 7.53
CA GLN B 121 40.15 -8.21 7.62
C GLN B 121 41.63 -8.23 7.26
N ASN B 122 42.07 -7.32 6.38
CA ASN B 122 43.48 -7.19 6.09
C ASN B 122 44.21 -6.31 7.10
N ASN B 123 43.48 -5.71 8.05
CA ASN B 123 44.04 -4.87 9.11
C ASN B 123 44.75 -3.62 8.58
N VAL B 124 44.60 -3.32 7.29
CA VAL B 124 45.21 -2.13 6.73
C VAL B 124 44.43 -0.89 7.18
N GLU B 125 45.10 0.25 7.15
CA GLU B 125 44.46 1.51 7.49
C GLU B 125 43.42 1.89 6.43
N ASN B 126 42.45 2.70 6.85
CA ASN B 126 41.31 3.02 6.00
C ASN B 126 41.73 3.82 4.77
N VAL B 127 40.76 4.08 3.90
CA VAL B 127 41.04 4.71 2.61
C VAL B 127 41.62 6.11 2.81
N TYR B 128 41.05 6.88 3.73
CA TYR B 128 41.62 8.19 4.01
C TYR B 128 43.00 8.06 4.65
N ASN B 129 43.15 7.13 5.60
CA ASN B 129 44.46 6.88 6.18
C ASN B 129 45.43 6.32 5.14
N LEU B 130 44.94 5.47 4.25
CA LEU B 130 45.79 4.98 3.17
C LEU B 130 46.26 6.12 2.28
N GLY B 131 45.36 7.05 1.94
CA GLY B 131 45.75 8.19 1.13
C GLY B 131 46.73 9.09 1.85
N LEU B 132 46.55 9.25 3.16
CA LEU B 132 47.52 10.02 3.95
C LEU B 132 48.89 9.36 3.94
N ILE B 133 48.93 8.04 4.11
CA ILE B 133 50.20 7.31 4.10
C ILE B 133 50.87 7.39 2.73
N ILE B 134 50.09 7.22 1.66
CA ILE B 134 50.66 7.33 0.31
C ILE B 134 51.20 8.74 0.08
N PHE B 135 50.44 9.75 0.48
CA PHE B 135 50.92 11.13 0.35
C PHE B 135 52.23 11.31 1.09
N ARG B 136 52.28 10.91 2.36
CA ARG B 136 53.49 11.11 3.15
C ARG B 136 54.67 10.37 2.51
N ASP B 137 54.52 9.07 2.27
CA ASP B 137 55.60 8.25 1.71
C ASP B 137 56.12 8.83 0.39
N GLN B 138 55.21 9.19 -0.51
CA GLN B 138 55.64 9.51 -1.87
C GLN B 138 56.00 10.98 -2.00
N VAL B 139 55.05 11.88 -1.71
CA VAL B 139 55.25 13.30 -1.93
C VAL B 139 55.51 14.06 -0.62
N VAL B 140 55.97 13.39 0.43
CA VAL B 140 56.53 14.11 1.58
C VAL B 140 57.97 13.67 1.80
N ARG B 141 58.24 12.38 1.61
CA ARG B 141 59.53 11.77 1.93
C ARG B 141 60.53 11.76 0.76
N TYR B 142 60.24 12.40 -0.36
CA TYR B 142 61.26 12.48 -1.39
C TYR B 142 62.36 13.45 -0.99
N GLY B 143 63.61 13.06 -1.25
CA GLY B 143 64.73 13.85 -0.76
C GLY B 143 64.75 15.27 -1.31
N CYS B 144 64.49 15.43 -2.61
CA CYS B 144 64.53 16.75 -3.21
C CYS B 144 63.49 17.67 -2.60
N ILE B 145 62.24 17.19 -2.49
CA ILE B 145 61.19 18.04 -1.94
C ILE B 145 61.40 18.26 -0.45
N ARG B 146 61.97 17.28 0.25
CA ARG B 146 62.31 17.49 1.65
C ARG B 146 63.31 18.62 1.82
N ASP B 147 64.42 18.58 1.07
CA ASP B 147 65.41 19.63 1.22
C ASP B 147 64.85 20.98 0.79
N HIS B 148 64.04 21.00 -0.27
CA HIS B 148 63.46 22.27 -0.70
C HIS B 148 62.49 22.84 0.33
N LEU B 149 61.65 21.99 0.93
CA LEU B 149 60.71 22.49 1.93
C LEU B 149 61.45 22.94 3.20
N ARG B 150 62.51 22.21 3.58
CA ARG B 150 63.32 22.64 4.71
C ARG B 150 63.95 24.00 4.43
N GLN B 151 64.50 24.18 3.23
CA GLN B 151 65.10 25.45 2.87
C GLN B 151 64.06 26.58 2.87
N THR B 152 62.87 26.31 2.32
CA THR B 152 61.83 27.33 2.28
C THR B 152 61.38 27.72 3.67
N LEU B 153 61.18 26.72 4.55
CA LEU B 153 60.77 27.01 5.92
C LEU B 153 61.85 27.78 6.67
N LEU B 154 63.11 27.40 6.49
CA LEU B 154 64.20 28.11 7.13
C LEU B 154 64.29 29.55 6.63
N ASP B 155 64.13 29.75 5.33
CA ASP B 155 64.17 31.09 4.77
C ASP B 155 63.02 31.95 5.30
N MET B 156 61.83 31.37 5.37
CA MET B 156 60.69 32.12 5.93
C MET B 156 60.92 32.47 7.39
N ILE B 157 61.45 31.54 8.17
CA ILE B 157 61.72 31.80 9.58
C ILE B 157 62.77 32.90 9.73
N ALA B 158 63.83 32.84 8.91
CA ALA B 158 64.87 33.86 8.97
C ALA B 158 64.33 35.23 8.56
N ARG B 159 63.49 35.27 7.52
CA ARG B 159 62.91 36.53 7.09
C ARG B 159 62.01 37.11 8.17
N GLU B 160 61.22 36.27 8.85
CA GLU B 160 60.41 36.74 9.96
C GLU B 160 61.29 37.26 11.10
N ARG B 161 62.38 36.55 11.40
CA ARG B 161 63.31 37.02 12.42
C ARG B 161 64.02 38.30 11.98
N LYS B 162 64.41 38.38 10.71
CA LYS B 162 65.10 39.55 10.19
C LYS B 162 64.18 40.76 10.05
N GLY B 163 62.87 40.58 10.21
CA GLY B 163 61.92 41.66 10.07
C GLY B 163 61.11 41.66 8.80
N GLU B 164 61.51 40.84 7.81
CA GLU B 164 60.73 40.75 6.58
C GLU B 164 59.37 40.13 6.87
N VAL B 165 58.35 40.60 6.16
CA VAL B 165 56.97 40.17 6.36
C VAL B 165 56.62 39.17 5.27
N VAL B 166 56.19 37.98 5.69
CA VAL B 166 55.77 36.91 4.77
C VAL B 166 54.38 36.45 5.18
N ASP B 167 53.81 35.58 4.36
CA ASP B 167 52.47 35.05 4.61
C ASP B 167 52.53 34.07 5.76
N ARG B 168 52.12 34.53 6.96
CA ARG B 168 52.09 33.64 8.11
C ARG B 168 51.01 32.57 7.97
N GLY B 169 49.89 32.91 7.33
CA GLY B 169 48.85 31.92 7.11
C GLY B 169 49.30 30.79 6.22
N ALA B 170 50.13 31.09 5.22
CA ALA B 170 50.66 30.04 4.35
C ALA B 170 51.56 29.09 5.13
N ILE B 171 52.40 29.63 6.02
CA ILE B 171 53.26 28.79 6.83
C ILE B 171 52.43 27.96 7.81
N ARG B 172 51.36 28.56 8.34
CA ARG B 172 50.47 27.80 9.22
C ARG B 172 49.79 26.66 8.47
N ASN B 173 49.37 26.90 7.23
CA ASN B 173 48.79 25.84 6.42
C ASN B 173 49.81 24.75 6.13
N ALA B 174 51.05 25.13 5.84
CA ALA B 174 52.10 24.14 5.62
C ALA B 174 52.35 23.30 6.86
N CYS B 175 52.35 23.95 8.04
CA CYS B 175 52.52 23.21 9.28
C CYS B 175 51.36 22.26 9.53
N GLN B 176 50.14 22.69 9.22
CA GLN B 176 48.97 21.83 9.37
C GLN B 176 49.06 20.63 8.43
N MET B 177 49.51 20.86 7.19
CA MET B 177 49.69 19.76 6.26
C MET B 177 50.76 18.78 6.75
N LEU B 178 51.85 19.30 7.27
CA LEU B 178 52.92 18.44 7.78
C LEU B 178 52.45 17.62 8.97
N MET B 179 51.67 18.23 9.87
CA MET B 179 51.18 17.51 11.05
C MET B 179 50.22 16.40 10.65
N ILE B 180 49.34 16.66 9.66
CA ILE B 180 48.36 15.67 9.24
C ILE B 180 48.93 14.67 8.25
N LEU B 181 50.13 14.91 7.72
CA LEU B 181 50.73 13.96 6.79
C LEU B 181 51.02 12.63 7.47
N GLY B 182 51.49 12.67 8.71
CA GLY B 182 51.69 11.44 9.46
C GLY B 182 50.38 10.85 9.94
N LEU B 183 50.40 9.55 10.22
CA LEU B 183 49.22 8.83 10.65
C LEU B 183 48.93 9.17 12.10
N GLU B 184 48.31 10.33 12.33
CA GLU B 184 47.97 10.80 13.67
C GLU B 184 49.19 10.82 14.58
N GLY B 185 50.31 11.26 14.03
CA GLY B 185 51.55 11.33 14.78
C GLY B 185 52.37 12.53 14.39
N ARG B 186 53.20 12.98 15.32
CA ARG B 186 54.09 14.12 15.11
C ARG B 186 55.41 13.74 14.48
N SER B 187 55.60 12.45 14.16
CA SER B 187 56.86 12.01 13.58
C SER B 187 57.10 12.66 12.22
N VAL B 188 56.06 12.76 11.39
CA VAL B 188 56.22 13.34 10.06
C VAL B 188 56.62 14.80 10.16
N TYR B 189 55.89 15.60 10.94
CA TYR B 189 56.21 17.02 11.08
C TYR B 189 57.59 17.21 11.69
N GLU B 190 57.91 16.42 12.72
CA GLU B 190 59.23 16.50 13.33
C GLU B 190 60.32 16.24 12.30
N GLU B 191 60.37 15.03 11.75
CA GLU B 191 61.47 14.64 10.88
C GLU B 191 61.48 15.44 9.58
N ASP B 192 60.37 16.13 9.27
CA ASP B 192 60.31 16.94 8.07
C ASP B 192 60.81 18.36 8.29
N PHE B 193 60.39 19.03 9.35
CA PHE B 193 60.76 20.44 9.51
C PHE B 193 61.39 20.75 10.86
N GLU B 194 60.93 20.07 11.92
CA GLU B 194 61.27 20.50 13.27
C GLU B 194 62.77 20.36 13.53
N ALA B 195 63.36 19.25 13.11
CA ALA B 195 64.81 19.10 13.26
C ALA B 195 65.58 20.16 12.50
N PRO B 196 65.32 20.40 11.20
CA PRO B 196 65.96 21.56 10.56
C PRO B 196 65.59 22.88 11.21
N PHE B 197 64.34 23.03 11.64
CA PHE B 197 63.94 24.25 12.33
C PHE B 197 64.67 24.38 13.67
N LEU B 198 64.80 23.27 14.40
CA LEU B 198 65.52 23.31 15.67
C LEU B 198 66.98 23.69 15.46
N GLU B 199 67.62 23.12 14.43
CA GLU B 199 69.01 23.45 14.15
C GLU B 199 69.17 24.91 13.75
N MET B 200 68.28 25.41 12.89
CA MET B 200 68.35 26.81 12.48
C MET B 200 68.14 27.75 13.66
N SER B 201 67.16 27.43 14.52
CA SER B 201 66.92 28.24 15.70
C SER B 201 68.11 28.21 16.65
N ALA B 202 68.74 27.05 16.80
CA ALA B 202 69.91 26.94 17.66
C ALA B 202 71.06 27.79 17.12
N GLU B 203 71.30 27.74 15.81
CA GLU B 203 72.37 28.55 15.23
C GLU B 203 72.07 30.04 15.37
N PHE B 204 70.82 30.44 15.10
CA PHE B 204 70.46 31.85 15.23
C PHE B 204 70.59 32.33 16.67
N PHE B 205 70.17 31.51 17.63
CA PHE B 205 70.29 31.89 19.03
C PHE B 205 71.74 31.93 19.48
N GLN B 206 72.57 31.02 18.96
CA GLN B 206 73.98 31.04 19.29
C GLN B 206 74.64 32.32 18.79
N MET B 207 74.30 32.75 17.57
CA MET B 207 74.82 34.01 17.06
C MET B 207 74.28 35.19 17.87
N GLU B 208 72.98 35.17 18.19
CA GLU B 208 72.35 36.32 18.84
C GLU B 208 72.83 36.47 20.27
N SER B 209 73.16 35.36 20.94
CA SER B 209 73.66 35.45 22.32
C SER B 209 74.98 36.20 22.36
N GLN B 210 75.92 35.84 21.47
CA GLN B 210 77.18 36.56 21.40
C GLN B 210 76.97 38.01 20.99
N LYS B 211 76.07 38.24 20.02
CA LYS B 211 75.82 39.61 19.57
C LYS B 211 75.29 40.48 20.71
N PHE B 212 74.35 39.95 21.49
CA PHE B 212 73.77 40.72 22.59
C PHE B 212 74.76 40.89 23.74
N LEU B 213 75.57 39.86 24.00
CA LEU B 213 76.58 39.97 25.05
C LEU B 213 77.61 41.05 24.70
N ALA B 214 78.01 41.11 23.43
CA ALA B 214 78.99 42.11 23.02
C ALA B 214 78.37 43.51 22.98
N GLU B 215 77.16 43.64 22.42
CA GLU B 215 76.60 44.96 22.17
C GLU B 215 75.85 45.49 23.39
N ASN B 216 75.16 44.62 24.12
CA ASN B 216 74.23 45.05 25.17
C ASN B 216 74.77 44.70 26.55
N SER B 217 74.35 45.50 27.53
CA SER B 217 74.72 45.25 28.92
C SER B 217 73.85 44.14 29.51
N ALA B 218 74.09 43.86 30.79
CA ALA B 218 73.41 42.74 31.44
C ALA B 218 71.89 42.90 31.41
N SER B 219 71.38 44.05 31.86
CA SER B 219 69.95 44.29 31.79
C SER B 219 69.48 44.37 30.34
N VAL B 220 70.27 45.02 29.48
CA VAL B 220 69.91 45.12 28.07
C VAL B 220 69.92 43.73 27.42
N TYR B 221 70.90 42.90 27.77
CA TYR B 221 70.94 41.54 27.24
C TYR B 221 69.74 40.73 27.71
N ILE B 222 69.34 40.91 28.98
CA ILE B 222 68.17 40.22 29.50
C ILE B 222 66.92 40.66 28.74
N LYS B 223 66.79 41.97 28.50
CA LYS B 223 65.65 42.47 27.74
C LYS B 223 65.64 41.92 26.32
N LYS B 224 66.82 41.85 25.69
CA LYS B 224 66.90 41.29 24.33
C LYS B 224 66.52 39.82 24.32
N VAL B 225 66.96 39.06 25.32
CA VAL B 225 66.61 37.64 25.39
C VAL B 225 65.10 37.48 25.60
N GLU B 226 64.51 38.32 26.45
CA GLU B 226 63.07 38.27 26.66
C GLU B 226 62.32 38.60 25.37
N ALA B 227 62.80 39.61 24.63
CA ALA B 227 62.17 39.97 23.36
C ALA B 227 62.28 38.83 22.36
N ARG B 228 63.44 38.17 22.31
CA ARG B 228 63.60 37.04 21.40
C ARG B 228 62.67 35.89 21.77
N ILE B 229 62.52 35.63 23.08
CA ILE B 229 61.61 34.57 23.52
C ILE B 229 60.18 34.92 23.16
N ASN B 230 59.79 36.18 23.35
CA ASN B 230 58.43 36.60 22.99
C ASN B 230 58.20 36.48 21.49
N GLU B 231 59.20 36.85 20.68
CA GLU B 231 59.07 36.72 19.24
C GLU B 231 58.95 35.26 18.82
N GLU B 232 59.73 34.37 19.45
CA GLU B 232 59.61 32.96 19.15
C GLU B 232 58.25 32.42 19.53
N ILE B 233 57.71 32.84 20.69
CA ILE B 233 56.38 32.41 21.09
C ILE B 233 55.33 32.89 20.11
N GLU B 234 55.44 34.16 19.67
CA GLU B 234 54.49 34.70 18.71
C GLU B 234 54.57 33.95 17.38
N ARG B 235 55.79 33.63 16.93
CA ARG B 235 55.94 32.88 15.69
C ARG B 235 55.35 31.49 15.81
N VAL B 236 55.54 30.85 16.97
CA VAL B 236 54.96 29.52 17.19
C VAL B 236 53.44 29.59 17.18
N MET B 237 52.87 30.62 17.82
CA MET B 237 51.43 30.77 17.84
C MET B 237 50.87 31.05 16.46
N HIS B 238 51.58 31.84 15.65
CA HIS B 238 51.03 32.28 14.38
C HIS B 238 51.22 31.22 13.29
N CYS B 239 52.44 30.73 13.10
CA CYS B 239 52.76 29.87 11.96
C CYS B 239 53.60 28.66 12.35
N LEU B 240 53.26 27.98 13.45
CA LEU B 240 53.97 26.78 13.84
C LEU B 240 53.08 25.93 14.74
N ASP B 241 53.49 24.69 14.94
CA ASP B 241 52.72 23.77 15.78
C ASP B 241 52.82 24.19 17.24
N LYS B 242 51.70 24.08 17.95
CA LYS B 242 51.67 24.44 19.36
C LYS B 242 52.39 23.40 20.22
N SER B 243 52.33 22.13 19.82
CA SER B 243 52.97 21.07 20.60
C SER B 243 54.48 21.24 20.66
N THR B 244 55.09 21.61 19.53
CA THR B 244 56.54 21.76 19.46
C THR B 244 57.02 23.12 19.92
N GLU B 245 56.11 24.02 20.31
CA GLU B 245 56.53 25.35 20.74
C GLU B 245 57.38 25.29 22.01
N GLU B 246 57.02 24.43 22.95
CA GLU B 246 57.76 24.34 24.21
C GLU B 246 59.21 23.91 24.00
N PRO B 247 59.52 22.86 23.24
CA PRO B 247 60.94 22.52 23.03
C PRO B 247 61.73 23.62 22.33
N ILE B 248 61.11 24.32 21.38
CA ILE B 248 61.79 25.42 20.70
C ILE B 248 62.09 26.54 21.68
N VAL B 249 61.11 26.88 22.53
CA VAL B 249 61.32 27.93 23.52
C VAL B 249 62.42 27.54 24.50
N LYS B 250 62.41 26.27 24.93
CA LYS B 250 63.45 25.80 25.85
C LYS B 250 64.83 25.88 25.22
N VAL B 251 64.95 25.47 23.95
CA VAL B 251 66.23 25.52 23.27
C VAL B 251 66.69 26.97 23.11
N VAL B 252 65.77 27.86 22.76
CA VAL B 252 66.12 29.27 22.60
C VAL B 252 66.60 29.86 23.93
N GLU B 253 65.89 29.53 25.02
CA GLU B 253 66.30 30.04 26.33
C GLU B 253 67.65 29.49 26.74
N ARG B 254 67.91 28.20 26.48
CA ARG B 254 69.18 27.60 26.83
C ARG B 254 70.33 28.24 26.04
N GLU B 255 70.12 28.46 24.75
CA GLU B 255 71.19 29.00 23.91
C GLU B 255 71.43 30.48 24.22
N LEU B 256 70.36 31.24 24.47
CA LEU B 256 70.51 32.67 24.67
C LEU B 256 71.05 32.99 26.06
N ILE B 257 70.61 32.25 27.08
CA ILE B 257 70.92 32.59 28.46
C ILE B 257 72.05 31.75 29.04
N SER B 258 72.07 30.44 28.83
CA SER B 258 73.08 29.59 29.45
C SER B 258 74.42 29.64 28.75
N LYS B 259 74.51 30.29 27.60
CA LYS B 259 75.77 30.41 26.88
C LYS B 259 76.55 31.63 27.36
N LEU C 53 11.66 5.56 -33.75
CA LEU C 53 12.46 6.65 -33.21
C LEU C 53 13.33 6.17 -32.06
N PRO C 54 14.59 6.64 -32.01
CA PRO C 54 15.44 6.32 -30.85
C PRO C 54 14.98 7.09 -29.63
N GLN C 55 14.34 6.39 -28.68
CA GLN C 55 13.75 7.07 -27.54
C GLN C 55 14.78 7.25 -26.43
N GLU C 56 14.80 8.44 -25.83
CA GLU C 56 15.73 8.76 -24.76
C GLU C 56 15.05 8.49 -23.42
N PHE C 57 15.68 7.65 -22.60
CA PHE C 57 15.11 7.28 -21.32
C PHE C 57 15.81 8.02 -20.18
N PRO C 58 15.08 8.45 -19.17
CA PRO C 58 15.72 9.07 -18.00
C PRO C 58 16.59 8.06 -17.26
N GLU C 59 17.62 8.57 -16.59
CA GLU C 59 18.48 7.69 -15.82
C GLU C 59 17.71 7.01 -14.69
N VAL C 60 16.78 7.72 -14.08
CA VAL C 60 15.87 7.16 -13.09
C VAL C 60 14.55 6.88 -13.80
N VAL C 61 14.27 5.60 -14.05
CA VAL C 61 13.09 5.21 -14.82
C VAL C 61 11.93 4.92 -13.87
N PRO C 62 10.83 5.68 -13.94
CA PRO C 62 9.62 5.28 -13.22
C PRO C 62 8.86 4.20 -13.96
N LEU C 63 8.37 3.20 -13.24
CA LEU C 63 7.75 2.03 -13.87
C LEU C 63 6.35 1.85 -13.33
N ASN C 64 5.46 1.39 -14.20
CA ASN C 64 4.09 1.05 -13.86
C ASN C 64 3.82 -0.36 -14.36
N ILE C 65 3.76 -1.32 -13.44
CA ILE C 65 3.62 -2.73 -13.78
C ILE C 65 2.21 -3.14 -13.40
N GLY C 66 1.28 -3.01 -14.35
CA GLY C 66 -0.10 -3.39 -14.10
C GLY C 66 -0.73 -2.68 -12.93
N GLY C 67 -0.49 -1.37 -12.81
CA GLY C 67 -1.01 -0.60 -11.70
C GLY C 67 -0.12 -0.55 -10.48
N ALA C 68 1.00 -1.27 -10.48
CA ALA C 68 1.96 -1.25 -9.38
C ALA C 68 3.11 -0.33 -9.74
N HIS C 69 3.48 0.56 -8.84
CA HIS C 69 4.46 1.60 -9.11
C HIS C 69 5.83 1.16 -8.59
N PHE C 70 6.79 1.06 -9.51
CA PHE C 70 8.18 0.80 -9.18
C PHE C 70 9.05 1.88 -9.81
N THR C 71 10.19 2.15 -9.17
CA THR C 71 11.15 3.09 -9.70
C THR C 71 12.53 2.44 -9.64
N THR C 72 13.26 2.49 -10.76
CA THR C 72 14.57 1.88 -10.83
C THR C 72 15.43 2.66 -11.81
N ARG C 73 16.74 2.52 -11.66
CA ARG C 73 17.67 3.18 -12.56
C ARG C 73 17.68 2.50 -13.92
N LEU C 74 18.05 3.27 -14.95
CA LEU C 74 18.15 2.70 -16.28
C LEU C 74 19.22 1.63 -16.37
N SER C 75 20.28 1.76 -15.58
CA SER C 75 21.35 0.77 -15.59
C SER C 75 20.84 -0.57 -15.09
N THR C 76 19.93 -0.57 -14.12
CA THR C 76 19.39 -1.81 -13.59
C THR C 76 18.62 -2.58 -14.65
N LEU C 77 17.82 -1.87 -15.46
CA LEU C 77 17.02 -2.53 -16.48
C LEU C 77 17.89 -3.08 -17.61
N ARG C 78 18.96 -2.36 -17.96
CA ARG C 78 19.87 -2.77 -19.02
C ARG C 78 21.03 -3.62 -18.50
N ARG C 79 20.92 -4.17 -17.30
CA ARG C 79 22.05 -4.88 -16.71
C ARG C 79 22.39 -6.13 -17.51
N TYR C 80 21.38 -6.89 -17.90
CA TYR C 80 21.56 -8.06 -18.76
C TYR C 80 21.10 -7.67 -20.16
N GLU C 81 22.00 -7.82 -21.14
CA GLU C 81 21.72 -7.32 -22.47
C GLU C 81 20.61 -8.10 -23.16
N ASP C 82 20.53 -9.40 -22.92
CA ASP C 82 19.55 -10.25 -23.59
C ASP C 82 18.41 -10.54 -22.63
N THR C 83 17.49 -9.59 -22.51
CA THR C 83 16.29 -9.74 -21.69
C THR C 83 15.17 -8.94 -22.32
N MET C 84 13.94 -9.17 -21.84
CA MET C 84 12.83 -8.32 -22.23
C MET C 84 13.06 -6.88 -21.83
N LEU C 85 13.53 -6.65 -20.60
CA LEU C 85 13.65 -5.29 -20.09
C LEU C 85 14.76 -4.53 -20.80
N ALA C 86 15.82 -5.22 -21.20
CA ALA C 86 16.89 -4.55 -21.95
C ALA C 86 16.42 -4.18 -23.34
N ALA C 87 15.76 -5.10 -24.05
CA ALA C 87 15.28 -4.81 -25.39
C ALA C 87 14.21 -3.73 -25.37
N MET C 88 13.34 -3.77 -24.36
CA MET C 88 12.29 -2.77 -24.22
C MET C 88 12.87 -1.38 -23.99
N PHE C 89 13.89 -1.28 -23.14
CA PHE C 89 14.51 -0.02 -22.79
C PHE C 89 15.84 0.21 -23.51
N SER C 90 16.11 -0.54 -24.58
CA SER C 90 17.32 -0.31 -25.36
C SER C 90 17.24 1.01 -26.12
N GLY C 91 16.04 1.43 -26.48
CA GLY C 91 15.85 2.66 -27.24
C GLY C 91 15.40 2.45 -28.67
N ARG C 92 15.28 1.21 -29.12
CA ARG C 92 14.82 0.91 -30.47
C ARG C 92 13.32 0.80 -30.58
N HIS C 93 12.59 0.84 -29.47
CA HIS C 93 11.16 0.67 -29.45
C HIS C 93 10.51 1.85 -28.73
N TYR C 94 9.31 2.21 -29.17
CA TYR C 94 8.55 3.28 -28.53
C TYR C 94 7.77 2.68 -27.35
N ILE C 95 7.93 3.28 -26.19
CA ILE C 95 7.33 2.80 -24.95
C ILE C 95 6.22 3.76 -24.53
N PRO C 96 5.02 3.27 -24.24
CA PRO C 96 3.90 4.17 -23.91
C PRO C 96 3.91 4.54 -22.44
N THR C 97 3.78 5.84 -22.16
CA THR C 97 3.53 6.29 -20.81
C THR C 97 2.03 6.30 -20.53
N ASP C 98 1.67 6.39 -19.24
CA ASP C 98 0.29 6.25 -18.80
C ASP C 98 -0.10 7.43 -17.91
N SER C 99 -0.52 8.53 -18.54
CA SER C 99 -1.06 9.72 -17.89
C SER C 99 -0.08 10.34 -16.90
N GLU C 100 1.17 9.88 -16.88
CA GLU C 100 2.19 10.34 -15.95
C GLU C 100 3.54 10.13 -16.62
N GLY C 101 4.60 10.21 -15.81
CA GLY C 101 5.89 9.81 -16.31
C GLY C 101 6.15 8.33 -16.28
N ARG C 102 5.22 7.56 -15.70
CA ARG C 102 5.43 6.13 -15.55
C ARG C 102 5.46 5.44 -16.91
N TYR C 103 6.28 4.41 -17.01
CA TYR C 103 6.31 3.54 -18.18
C TYR C 103 5.52 2.27 -17.88
N PHE C 104 4.69 1.86 -18.82
CA PHE C 104 3.66 0.86 -18.58
C PHE C 104 4.09 -0.50 -19.12
N ILE C 105 4.03 -1.52 -18.26
CA ILE C 105 4.14 -2.92 -18.64
C ILE C 105 2.89 -3.63 -18.14
N ASP C 106 2.17 -4.27 -19.05
CA ASP C 106 0.87 -4.87 -18.72
C ASP C 106 1.09 -6.27 -18.15
N ARG C 107 1.48 -6.30 -16.87
CA ARG C 107 1.60 -7.57 -16.17
C ARG C 107 1.45 -7.31 -14.68
N ASP C 108 1.23 -8.39 -13.93
CA ASP C 108 1.10 -8.31 -12.49
C ASP C 108 2.43 -7.89 -11.86
N GLY C 109 2.36 -6.91 -10.96
CA GLY C 109 3.55 -6.38 -10.31
C GLY C 109 3.80 -6.87 -8.90
N THR C 110 3.11 -7.93 -8.46
CA THR C 110 3.32 -8.41 -7.10
C THR C 110 4.73 -8.95 -6.90
N HIS C 111 5.23 -9.72 -7.86
CA HIS C 111 6.55 -10.33 -7.78
C HIS C 111 7.55 -9.70 -8.73
N PHE C 112 7.29 -8.47 -9.18
CA PHE C 112 8.30 -7.74 -9.94
C PHE C 112 9.37 -7.17 -9.02
N GLY C 113 9.06 -7.05 -7.73
CA GLY C 113 10.06 -6.57 -6.79
C GLY C 113 11.27 -7.49 -6.72
N ASP C 114 11.03 -8.81 -6.74
CA ASP C 114 12.15 -9.75 -6.71
C ASP C 114 12.93 -9.73 -8.01
N VAL C 115 12.26 -9.49 -9.14
CA VAL C 115 12.96 -9.35 -10.41
C VAL C 115 13.89 -8.14 -10.37
N LEU C 116 13.37 -7.00 -9.88
CA LEU C 116 14.23 -5.82 -9.74
C LEU C 116 15.35 -6.08 -8.75
N ASN C 117 15.08 -6.81 -7.67
CA ASN C 117 16.12 -7.11 -6.70
C ASN C 117 17.23 -7.93 -7.33
N PHE C 118 16.88 -8.93 -8.14
CA PHE C 118 17.91 -9.69 -8.84
C PHE C 118 18.68 -8.82 -9.82
N LEU C 119 17.99 -7.94 -10.53
CA LEU C 119 18.70 -7.07 -11.48
C LEU C 119 19.68 -6.14 -10.78
N ARG C 120 19.29 -5.61 -9.61
CA ARG C 120 20.19 -4.75 -8.85
C ARG C 120 21.41 -5.52 -8.35
N SER C 121 21.18 -6.67 -7.72
CA SER C 121 22.25 -7.51 -7.22
C SER C 121 21.77 -8.95 -7.24
N GLY C 122 22.70 -9.89 -7.16
CA GLY C 122 22.33 -11.29 -7.28
C GLY C 122 21.59 -11.79 -6.05
N ASP C 123 20.39 -11.28 -5.82
CA ASP C 123 19.57 -11.62 -4.67
C ASP C 123 18.49 -12.60 -5.11
N LEU C 124 18.38 -13.70 -4.39
CA LEU C 124 17.37 -14.66 -4.81
C LEU C 124 16.15 -14.61 -3.89
N PRO C 125 14.97 -14.94 -4.40
CA PRO C 125 13.77 -14.88 -3.58
C PRO C 125 13.74 -15.99 -2.54
N PRO C 126 12.89 -15.88 -1.53
CA PRO C 126 12.70 -17.00 -0.60
C PRO C 126 12.07 -18.19 -1.32
N ARG C 127 12.03 -19.32 -0.61
CA ARG C 127 11.57 -20.57 -1.22
C ARG C 127 10.11 -20.47 -1.66
N GLU C 128 9.27 -19.81 -0.86
CA GLU C 128 7.86 -19.74 -1.20
C GLU C 128 7.62 -18.86 -2.42
N HIS C 129 8.56 -17.97 -2.74
CA HIS C 129 8.39 -17.10 -3.90
C HIS C 129 9.20 -17.58 -5.09
N VAL C 130 9.78 -18.78 -5.02
CA VAL C 130 10.63 -19.26 -6.12
C VAL C 130 9.80 -19.42 -7.40
N ARG C 131 8.59 -19.99 -7.26
CA ARG C 131 7.82 -20.34 -8.44
C ARG C 131 7.23 -19.12 -9.13
N ALA C 132 6.70 -18.17 -8.35
CA ALA C 132 6.12 -16.97 -8.95
C ALA C 132 7.20 -16.12 -9.62
N VAL C 133 8.33 -15.92 -8.94
CA VAL C 133 9.42 -15.18 -9.56
C VAL C 133 9.99 -15.96 -10.75
N TYR C 134 9.89 -17.29 -10.72
CA TYR C 134 10.29 -18.08 -11.87
C TYR C 134 9.41 -17.78 -13.07
N LYS C 135 8.09 -17.70 -12.85
CA LYS C 135 7.19 -17.34 -13.93
C LYS C 135 7.48 -15.94 -14.46
N GLU C 136 7.75 -15.00 -13.54
CA GLU C 136 8.10 -13.65 -13.96
C GLU C 136 9.37 -13.65 -14.80
N ALA C 137 10.38 -14.44 -14.40
CA ALA C 137 11.63 -14.51 -15.14
C ALA C 137 11.41 -15.14 -16.51
N GLN C 138 10.53 -16.13 -16.61
CA GLN C 138 10.19 -16.66 -17.93
C GLN C 138 9.56 -15.60 -18.81
N TYR C 139 8.65 -14.80 -18.25
CA TYR C 139 8.05 -13.74 -19.06
C TYR C 139 9.08 -12.73 -19.51
N TYR C 140 9.95 -12.29 -18.60
CA TYR C 140 10.94 -11.27 -18.92
C TYR C 140 12.19 -11.83 -19.56
N ALA C 141 12.27 -13.15 -19.74
CA ALA C 141 13.38 -13.80 -20.45
C ALA C 141 14.72 -13.46 -19.81
N ILE C 142 14.78 -13.52 -18.49
CA ILE C 142 16.02 -13.30 -17.74
C ILE C 142 16.64 -14.67 -17.52
N GLY C 143 17.60 -15.04 -18.39
CA GLY C 143 18.23 -16.34 -18.32
C GLY C 143 18.97 -16.64 -17.04
N PRO C 144 19.84 -15.75 -16.55
CA PRO C 144 20.51 -16.02 -15.27
C PRO C 144 19.55 -16.24 -14.12
N LEU C 145 18.48 -15.45 -14.05
CA LEU C 145 17.48 -15.65 -13.00
C LEU C 145 16.82 -17.01 -13.14
N LEU C 146 16.53 -17.42 -14.38
CA LEU C 146 15.94 -18.74 -14.59
C LEU C 146 16.87 -19.85 -14.12
N GLU C 147 18.16 -19.72 -14.40
CA GLU C 147 19.12 -20.73 -13.94
C GLU C 147 19.18 -20.79 -12.42
N GLN C 148 19.35 -19.64 -11.77
CA GLN C 148 19.48 -19.63 -10.31
C GLN C 148 18.19 -20.11 -9.65
N LEU C 149 17.03 -19.84 -10.26
CA LEU C 149 15.77 -20.32 -9.71
C LEU C 149 15.53 -21.79 -9.97
N GLU C 150 16.08 -22.34 -11.06
CA GLU C 150 16.02 -23.78 -11.29
C GLU C 150 17.04 -24.54 -10.46
N ASN C 151 18.02 -23.86 -9.87
CA ASN C 151 18.90 -24.48 -8.90
C ASN C 151 18.44 -24.29 -7.46
N MET C 152 17.20 -23.86 -7.26
CA MET C 152 16.62 -23.77 -5.92
C MET C 152 15.58 -24.86 -5.72
N GLN C 153 15.32 -25.18 -4.45
CA GLN C 153 14.68 -26.45 -4.12
C GLN C 153 13.29 -26.64 -4.71
N PRO C 154 12.35 -25.69 -4.64
CA PRO C 154 11.00 -25.99 -5.14
C PRO C 154 10.98 -26.45 -6.59
N LEU C 155 11.97 -26.03 -7.38
CA LEU C 155 12.05 -26.46 -8.77
C LEU C 155 13.10 -27.53 -9.00
N LYS C 156 14.10 -27.65 -8.12
CA LYS C 156 15.15 -28.65 -8.32
C LYS C 156 14.58 -30.07 -8.23
N GLY C 157 13.81 -30.35 -7.19
CA GLY C 157 13.19 -31.65 -7.07
C GLY C 157 12.19 -31.92 -8.20
N GLU C 158 11.52 -30.87 -8.66
CA GLU C 158 10.59 -31.03 -9.77
C GLU C 158 11.33 -31.42 -11.05
N LYS C 159 12.48 -30.81 -11.32
CA LYS C 159 13.28 -31.24 -12.46
C LYS C 159 13.77 -32.67 -12.29
N VAL C 160 14.18 -33.03 -11.07
CA VAL C 160 14.66 -34.39 -10.83
C VAL C 160 13.55 -35.40 -11.10
N ARG C 161 12.31 -35.11 -10.67
CA ARG C 161 11.23 -36.06 -10.90
C ARG C 161 10.77 -36.02 -12.36
N GLN C 162 10.87 -34.88 -13.02
CA GLN C 162 10.57 -34.80 -14.45
C GLN C 162 11.57 -35.59 -15.27
N ALA C 163 12.77 -35.80 -14.74
CA ALA C 163 13.71 -36.71 -15.38
C ALA C 163 13.13 -38.12 -15.47
N PHE C 164 12.37 -38.53 -14.45
CA PHE C 164 11.73 -39.85 -14.47
C PHE C 164 10.45 -39.81 -15.30
N LEU C 165 9.57 -38.86 -15.01
CA LEU C 165 8.30 -38.74 -15.73
C LEU C 165 8.49 -38.31 -17.19
N GLY C 166 9.69 -37.87 -17.57
CA GLY C 166 9.94 -37.54 -18.97
C GLY C 166 9.99 -38.78 -19.85
N LEU C 167 10.19 -39.95 -19.25
CA LEU C 167 10.11 -41.21 -19.99
C LEU C 167 8.70 -41.48 -20.50
N MET C 168 7.69 -40.87 -19.90
CA MET C 168 6.29 -41.08 -20.29
C MET C 168 5.69 -39.73 -20.63
N PRO C 169 5.63 -39.35 -21.90
CA PRO C 169 5.02 -38.07 -22.29
C PRO C 169 3.50 -38.04 -22.17
N TYR C 170 2.88 -39.16 -21.81
CA TYR C 170 1.43 -39.25 -21.63
C TYR C 170 1.02 -39.17 -20.18
N TYR C 171 1.92 -38.77 -19.28
CA TYR C 171 1.62 -38.81 -17.85
C TYR C 171 0.51 -37.83 -17.48
N LYS C 172 0.65 -36.57 -17.92
CA LYS C 172 -0.35 -35.57 -17.55
C LYS C 172 -1.70 -35.82 -18.21
N ASP C 173 -1.70 -36.31 -19.45
CA ASP C 173 -2.95 -36.68 -20.09
C ASP C 173 -3.65 -37.79 -19.31
N HIS C 174 -2.88 -38.76 -18.81
CA HIS C 174 -3.46 -39.85 -18.04
C HIS C 174 -3.97 -39.37 -16.69
N LEU C 175 -3.26 -38.43 -16.06
CA LEU C 175 -3.80 -37.83 -14.84
C LEU C 175 -5.13 -37.16 -15.11
N GLU C 176 -5.22 -36.38 -16.19
CA GLU C 176 -6.49 -35.75 -16.52
C GLU C 176 -7.56 -36.81 -16.74
N ARG C 177 -7.29 -37.78 -17.60
CA ARG C 177 -8.26 -38.84 -17.85
C ARG C 177 -8.76 -39.45 -16.54
N ILE C 178 -7.85 -39.68 -15.58
CA ILE C 178 -8.27 -40.16 -14.26
C ILE C 178 -9.25 -39.19 -13.62
N VAL C 179 -8.92 -37.90 -13.63
CA VAL C 179 -9.72 -36.92 -12.89
C VAL C 179 -11.12 -36.80 -13.48
N GLU C 180 -11.22 -36.60 -14.80
CA GLU C 180 -12.55 -36.47 -15.39
C GLU C 180 -13.31 -37.80 -15.45
N ILE C 181 -12.62 -38.94 -15.50
CA ILE C 181 -13.35 -40.20 -15.40
C ILE C 181 -13.98 -40.35 -14.02
N ALA C 182 -13.23 -40.03 -12.97
CA ALA C 182 -13.78 -40.08 -11.61
C ALA C 182 -14.92 -39.08 -11.46
N ARG C 183 -14.75 -37.87 -11.99
CA ARG C 183 -15.81 -36.86 -11.91
C ARG C 183 -17.06 -37.31 -12.64
N LEU C 184 -16.92 -37.86 -13.84
CA LEU C 184 -18.08 -38.32 -14.59
C LEU C 184 -18.79 -39.45 -13.87
N ARG C 185 -18.05 -40.40 -13.31
CA ARG C 185 -18.69 -41.49 -12.59
C ARG C 185 -19.43 -40.97 -11.36
N ALA C 186 -18.79 -40.09 -10.59
CA ALA C 186 -19.43 -39.57 -9.38
C ALA C 186 -20.69 -38.77 -9.72
N VAL C 187 -20.64 -37.95 -10.78
CA VAL C 187 -21.80 -37.15 -11.13
C VAL C 187 -22.92 -38.02 -11.69
N GLN C 188 -22.58 -38.96 -12.57
CA GLN C 188 -23.60 -39.80 -13.19
C GLN C 188 -24.28 -40.69 -12.16
N ARG C 189 -23.51 -41.30 -11.26
CA ARG C 189 -24.08 -42.16 -10.24
C ARG C 189 -24.59 -41.39 -9.03
N LYS C 190 -24.22 -40.11 -8.90
CA LYS C 190 -24.54 -39.30 -7.73
C LYS C 190 -23.98 -39.94 -6.45
N ALA C 191 -22.65 -40.06 -6.41
CA ALA C 191 -21.94 -40.62 -5.27
C ALA C 191 -20.97 -39.57 -4.74
N ARG C 192 -20.36 -39.89 -3.60
CA ARG C 192 -19.33 -39.01 -3.06
C ARG C 192 -17.95 -39.38 -3.59
N PHE C 193 -17.73 -40.66 -3.88
CA PHE C 193 -16.44 -41.16 -4.31
C PHE C 193 -16.59 -41.97 -5.59
N ALA C 194 -15.53 -41.97 -6.40
CA ALA C 194 -15.48 -42.75 -7.62
C ALA C 194 -14.25 -43.63 -7.61
N LYS C 195 -14.44 -44.91 -7.91
CA LYS C 195 -13.36 -45.89 -7.90
C LYS C 195 -13.05 -46.31 -9.33
N LEU C 196 -11.79 -46.15 -9.71
CA LEU C 196 -11.35 -46.51 -11.05
C LEU C 196 -10.08 -47.33 -10.97
N LYS C 197 -9.89 -48.22 -11.94
CA LYS C 197 -8.79 -49.16 -11.96
C LYS C 197 -7.70 -48.65 -12.89
N VAL C 198 -6.47 -48.59 -12.40
CA VAL C 198 -5.32 -48.20 -13.19
C VAL C 198 -4.31 -49.34 -13.18
N CYS C 199 -3.64 -49.55 -14.31
CA CYS C 199 -2.64 -50.59 -14.45
C CYS C 199 -1.26 -49.94 -14.58
N VAL C 200 -0.38 -50.23 -13.64
CA VAL C 200 0.99 -49.72 -13.65
C VAL C 200 1.91 -50.91 -13.73
N PHE C 201 2.60 -51.06 -14.86
CA PHE C 201 3.60 -52.11 -15.04
C PHE C 201 4.89 -51.46 -15.50
N LYS C 202 5.99 -51.80 -14.82
CA LYS C 202 7.28 -51.20 -15.14
C LYS C 202 7.85 -51.78 -16.44
N GLU C 203 7.74 -53.10 -16.62
CA GLU C 203 8.29 -53.74 -17.81
C GLU C 203 7.17 -54.20 -18.73
N GLU C 235 -9.56 -53.81 -19.29
CA GLU C 235 -10.62 -53.39 -18.38
C GLU C 235 -10.15 -52.25 -17.48
N VAL C 236 -8.97 -51.71 -17.79
CA VAL C 236 -8.37 -50.64 -17.01
C VAL C 236 -8.73 -49.31 -17.64
N ASP C 237 -9.15 -48.35 -16.81
CA ASP C 237 -9.51 -47.04 -17.31
C ASP C 237 -8.29 -46.29 -17.82
N VAL C 238 -7.22 -46.30 -17.03
CA VAL C 238 -6.00 -45.56 -17.34
C VAL C 238 -4.81 -46.51 -17.11
N SER C 239 -3.91 -46.57 -18.09
CA SER C 239 -2.76 -47.46 -18.04
C SER C 239 -1.48 -46.66 -18.22
N PHE C 240 -0.50 -46.92 -17.34
CA PHE C 240 0.82 -46.30 -17.43
C PHE C 240 1.81 -47.36 -17.91
N GLY C 241 2.37 -47.14 -19.10
CA GLY C 241 3.11 -48.17 -19.79
C GLY C 241 4.51 -48.36 -19.25
N PRO C 242 5.32 -49.12 -19.99
CA PRO C 242 6.66 -49.47 -19.49
C PRO C 242 7.61 -48.28 -19.53
N TRP C 243 8.63 -48.34 -18.68
CA TRP C 243 9.68 -47.34 -18.65
C TRP C 243 10.97 -47.99 -18.21
N GLU C 244 12.10 -47.40 -18.60
CA GLU C 244 13.42 -47.91 -18.25
C GLU C 244 14.07 -46.92 -17.29
N ALA C 245 13.99 -47.22 -16.00
CA ALA C 245 14.58 -46.38 -14.95
C ALA C 245 14.73 -47.25 -13.71
N VAL C 246 15.35 -46.69 -12.68
CA VAL C 246 15.51 -47.42 -11.42
C VAL C 246 14.37 -47.16 -10.45
N ALA C 247 13.47 -46.23 -10.77
CA ALA C 247 12.27 -46.06 -9.97
C ALA C 247 11.33 -47.24 -10.16
N ASP C 248 10.76 -47.70 -9.05
CA ASP C 248 9.91 -48.88 -9.04
C ASP C 248 8.47 -48.49 -9.38
N VAL C 249 7.59 -49.48 -9.36
CA VAL C 249 6.17 -49.23 -9.63
C VAL C 249 5.58 -48.32 -8.56
N TYR C 250 5.92 -48.58 -7.30
CA TYR C 250 5.30 -47.82 -6.20
C TYR C 250 5.74 -46.36 -6.22
N ASP C 251 6.84 -46.06 -6.91
CA ASP C 251 7.28 -44.67 -7.01
C ASP C 251 6.40 -43.89 -7.96
N LEU C 252 5.94 -44.52 -9.04
CA LEU C 252 4.95 -43.87 -9.91
C LEU C 252 3.65 -43.64 -9.17
N LEU C 253 3.23 -44.61 -8.36
CA LEU C 253 2.01 -44.44 -7.57
C LEU C 253 2.17 -43.29 -6.58
N HIS C 254 3.39 -43.05 -6.12
CA HIS C 254 3.63 -41.86 -5.30
C HIS C 254 3.49 -40.59 -6.12
N CYS C 255 3.91 -40.64 -7.39
CA CYS C 255 3.69 -39.50 -8.28
C CYS C 255 2.20 -39.29 -8.55
N LEU C 256 1.46 -40.38 -8.71
CA LEU C 256 0.01 -40.26 -8.97
C LEU C 256 -0.70 -39.63 -7.78
N VAL C 257 -0.49 -40.18 -6.59
CA VAL C 257 -1.22 -39.71 -5.41
C VAL C 257 -0.82 -38.29 -5.06
N THR C 258 0.48 -37.98 -5.10
CA THR C 258 0.92 -36.63 -4.74
C THR C 258 0.42 -35.60 -5.74
N ASP C 259 0.46 -35.92 -7.03
CA ASP C 259 -0.05 -34.98 -8.03
C ASP C 259 -1.56 -34.79 -7.89
N LEU C 260 -2.29 -35.88 -7.65
CA LEU C 260 -3.73 -35.77 -7.45
C LEU C 260 -4.05 -35.03 -6.14
N SER C 261 -3.27 -35.29 -5.09
CA SER C 261 -3.48 -34.58 -3.83
C SER C 261 -3.12 -33.11 -3.97
N ALA C 262 -2.10 -32.80 -4.77
CA ALA C 262 -1.76 -31.41 -5.03
C ALA C 262 -2.88 -30.69 -5.77
N GLN C 263 -3.75 -31.44 -6.43
CA GLN C 263 -4.92 -30.86 -7.08
C GLN C 263 -6.09 -30.67 -6.13
N GLY C 264 -5.93 -31.02 -4.85
CA GLY C 264 -6.98 -30.89 -3.88
C GLY C 264 -7.83 -32.14 -3.69
N LEU C 265 -7.62 -33.17 -4.51
CA LEU C 265 -8.41 -34.38 -4.41
C LEU C 265 -7.96 -35.23 -3.23
N THR C 266 -8.90 -36.00 -2.69
CA THR C 266 -8.61 -36.96 -1.63
C THR C 266 -8.55 -38.34 -2.26
N VAL C 267 -7.34 -38.88 -2.41
CA VAL C 267 -7.10 -40.08 -3.20
C VAL C 267 -6.54 -41.17 -2.32
N ASP C 268 -7.14 -42.36 -2.40
CA ASP C 268 -6.62 -43.56 -1.77
C ASP C 268 -6.52 -44.65 -2.81
N HIS C 269 -5.41 -45.38 -2.80
CA HIS C 269 -5.18 -46.44 -3.77
C HIS C 269 -4.95 -47.76 -3.05
N GLN C 270 -5.49 -48.84 -3.63
CA GLN C 270 -5.36 -50.17 -3.07
C GLN C 270 -5.17 -51.15 -4.21
N CYS C 271 -4.31 -52.14 -3.99
CA CYS C 271 -3.95 -53.11 -5.00
C CYS C 271 -5.02 -54.19 -5.05
N ILE C 272 -5.98 -54.05 -5.97
CA ILE C 272 -7.05 -55.01 -6.08
C ILE C 272 -6.53 -56.34 -6.63
N GLY C 273 -5.45 -56.30 -7.41
CA GLY C 273 -4.87 -57.50 -7.99
C GLY C 273 -5.50 -57.90 -9.30
N PRO C 288 -0.79 -56.39 -12.75
CA PRO C 288 -0.94 -55.51 -11.59
C PRO C 288 -1.95 -54.39 -11.84
N ILE C 289 -3.09 -54.45 -11.15
CA ILE C 289 -4.15 -53.46 -11.30
C ILE C 289 -4.35 -52.78 -9.96
N TYR C 290 -4.24 -51.45 -9.95
CA TYR C 290 -4.39 -50.65 -8.74
C TYR C 290 -5.69 -49.86 -8.83
N GLU C 291 -6.47 -49.87 -7.75
CA GLU C 291 -7.75 -49.20 -7.73
C GLU C 291 -7.66 -47.90 -6.93
N PHE C 292 -8.02 -46.80 -7.58
CA PHE C 292 -7.93 -45.47 -7.00
C PHE C 292 -9.32 -45.01 -6.58
N LYS C 293 -9.47 -44.59 -5.33
CA LYS C 293 -10.72 -44.06 -4.82
C LYS C 293 -10.55 -42.57 -4.55
N ILE C 294 -11.29 -41.74 -5.29
CA ILE C 294 -11.23 -40.30 -5.15
C ILE C 294 -12.52 -39.84 -4.50
N THR C 295 -12.41 -39.22 -3.33
CA THR C 295 -13.57 -38.77 -2.56
C THR C 295 -13.80 -37.29 -2.83
N TRP C 296 -14.94 -36.97 -3.44
CA TRP C 296 -15.23 -35.57 -3.77
C TRP C 296 -15.75 -34.82 -2.56
N TRP C 297 -16.49 -35.49 -1.69
CA TRP C 297 -17.03 -34.85 -0.49
C TRP C 297 -17.35 -35.91 0.56
N ASP D 14 27.68 6.96 23.07
CA ASP D 14 26.62 7.13 24.05
C ASP D 14 26.61 8.56 24.61
N GLU D 15 27.57 8.85 25.49
CA GLU D 15 27.63 10.18 26.10
C GLU D 15 28.00 11.24 25.08
N LYS D 16 28.71 10.87 24.02
CA LYS D 16 29.07 11.82 22.98
C LYS D 16 27.83 12.38 22.30
N TYR D 17 26.87 11.52 21.98
CA TYR D 17 25.62 11.96 21.38
C TYR D 17 24.74 12.68 22.40
N VAL D 18 24.80 12.24 23.67
CA VAL D 18 24.04 12.87 24.73
C VAL D 18 24.47 14.32 24.89
N ASN D 19 25.78 14.58 24.86
CA ASN D 19 26.26 15.95 24.97
C ASN D 19 25.78 16.80 23.80
N SER D 20 25.78 16.24 22.59
CA SER D 20 25.33 17.00 21.42
C SER D 20 23.85 17.35 21.52
N ILE D 21 23.01 16.37 21.90
CA ILE D 21 21.58 16.66 21.99
C ILE D 21 21.30 17.60 23.16
N TRP D 22 22.08 17.51 24.24
CA TRP D 22 21.90 18.48 25.32
C TRP D 22 22.30 19.88 24.88
N ASP D 23 23.38 20.00 24.11
CA ASP D 23 23.73 21.32 23.59
C ASP D 23 22.61 21.86 22.72
N LEU D 24 22.03 20.99 21.88
CA LEU D 24 20.93 21.41 21.03
C LEU D 24 19.72 21.85 21.86
N LEU D 25 19.35 21.07 22.87
CA LEU D 25 18.20 21.40 23.70
C LEU D 25 18.45 22.66 24.53
N LYS D 26 19.66 22.84 25.05
CA LYS D 26 19.98 24.03 25.81
C LYS D 26 19.93 25.27 24.92
N ASN D 27 20.44 25.15 23.69
CA ASN D 27 20.32 26.25 22.74
C ASN D 27 18.86 26.57 22.46
N ALA D 28 18.04 25.54 22.27
CA ALA D 28 16.61 25.77 22.00
C ALA D 28 15.93 26.43 23.20
N ILE D 29 16.22 25.96 24.41
CA ILE D 29 15.61 26.52 25.61
C ILE D 29 16.03 27.97 25.79
N GLN D 30 17.32 28.26 25.64
CA GLN D 30 17.79 29.63 25.77
C GLN D 30 17.17 30.53 24.70
N GLU D 31 17.04 30.01 23.48
CA GLU D 31 16.48 30.79 22.38
C GLU D 31 15.00 31.06 22.60
N ILE D 32 14.28 30.11 23.19
CA ILE D 32 12.89 30.34 23.57
C ILE D 32 12.81 31.38 24.68
N GLN D 33 13.70 31.28 25.67
CA GLN D 33 13.67 32.17 26.82
C GLN D 33 14.01 33.61 26.45
N ARG D 34 14.52 33.82 25.24
CA ARG D 34 14.77 35.16 24.71
C ARG D 34 13.70 35.60 23.72
N LYS D 35 12.57 34.88 23.66
CA LYS D 35 11.40 35.30 22.89
C LYS D 35 11.71 35.47 21.41
N ASN D 36 12.06 34.37 20.74
CA ASN D 36 12.31 34.36 19.32
C ASN D 36 11.86 33.02 18.73
N ASN D 37 11.66 33.01 17.41
CA ASN D 37 11.23 31.80 16.73
C ASN D 37 12.34 30.75 16.74
N SER D 38 11.98 29.54 17.17
CA SER D 38 12.97 28.47 17.30
C SER D 38 13.47 28.04 15.93
N GLY D 39 14.78 27.84 15.83
CA GLY D 39 15.35 27.34 14.58
C GLY D 39 14.90 25.93 14.25
N LEU D 40 14.81 25.07 15.26
CA LEU D 40 14.38 23.70 15.08
C LEU D 40 12.85 23.61 15.13
N SER D 41 12.36 22.38 15.24
CA SER D 41 10.94 22.09 15.33
C SER D 41 10.61 21.50 16.69
N PHE D 42 9.31 21.48 16.99
CA PHE D 42 8.86 20.90 18.26
C PHE D 42 9.19 19.42 18.34
N GLU D 43 8.98 18.68 17.25
CA GLU D 43 9.08 17.22 17.30
C GLU D 43 10.51 16.78 17.56
N GLU D 44 11.50 17.46 16.98
CA GLU D 44 12.89 17.06 17.17
C GLU D 44 13.32 17.26 18.62
N LEU D 45 12.97 18.41 19.21
CA LEU D 45 13.31 18.64 20.62
C LEU D 45 12.58 17.67 21.53
N TYR D 46 11.31 17.39 21.23
CA TYR D 46 10.58 16.42 22.03
C TYR D 46 11.23 15.05 21.95
N ARG D 47 11.66 14.63 20.75
CA ARG D 47 12.32 13.34 20.61
C ARG D 47 13.62 13.30 21.38
N ASN D 48 14.38 14.41 21.35
CA ASN D 48 15.63 14.45 22.11
C ASN D 48 15.37 14.29 23.60
N ALA D 49 14.39 15.02 24.14
CA ALA D 49 14.07 14.90 25.56
C ALA D 49 13.57 13.51 25.91
N TYR D 50 12.73 12.92 25.04
CA TYR D 50 12.18 11.60 25.29
C TYR D 50 13.27 10.53 25.28
N THR D 51 14.21 10.63 24.34
CA THR D 51 15.34 9.70 24.32
C THR D 51 16.22 9.87 25.54
N MET D 52 16.44 11.12 25.97
CA MET D 52 17.22 11.34 27.18
C MET D 52 16.57 10.70 28.40
N VAL D 53 15.25 10.86 28.53
CA VAL D 53 14.56 10.29 29.68
C VAL D 53 14.56 8.77 29.61
N LEU D 54 14.43 8.20 28.40
CA LEU D 54 14.47 6.74 28.28
C LEU D 54 15.81 6.17 28.74
N HIS D 55 16.91 6.79 28.32
CA HIS D 55 18.25 6.31 28.65
C HIS D 55 18.71 6.75 30.03
N LYS D 56 17.78 7.20 30.89
CA LYS D 56 18.09 7.61 32.26
C LYS D 56 19.11 8.73 32.27
N HIS D 57 19.08 9.57 31.24
CA HIS D 57 19.89 10.79 31.18
C HIS D 57 19.10 12.01 31.62
N GLY D 58 18.00 11.79 32.36
CA GLY D 58 17.16 12.91 32.76
C GLY D 58 17.81 13.82 33.77
N GLU D 59 18.84 13.32 34.47
CA GLU D 59 19.56 14.16 35.42
C GLU D 59 20.25 15.33 34.72
N LYS D 60 20.93 15.05 33.61
CA LYS D 60 21.62 16.11 32.89
C LYS D 60 20.64 17.16 32.36
N LEU D 61 19.55 16.71 31.74
CA LEU D 61 18.55 17.64 31.22
C LEU D 61 17.91 18.44 32.34
N TYR D 62 17.61 17.77 33.46
CA TYR D 62 16.95 18.43 34.58
C TYR D 62 17.84 19.51 35.21
N THR D 63 19.11 19.16 35.47
CA THR D 63 20.04 20.13 36.02
C THR D 63 20.32 21.26 35.04
N GLY D 64 20.37 20.96 33.74
CA GLY D 64 20.56 22.00 32.76
C GLY D 64 19.38 22.93 32.67
N LEU D 65 18.16 22.40 32.80
CA LEU D 65 16.98 23.24 32.88
C LEU D 65 17.05 24.15 34.09
N ARG D 66 17.43 23.61 35.25
CA ARG D 66 17.67 24.47 36.41
C ARG D 66 18.69 25.55 36.11
N GLU D 67 19.81 25.19 35.48
CA GLU D 67 20.86 26.16 35.23
C GLU D 67 20.37 27.28 34.31
N VAL D 68 19.64 26.92 33.25
CA VAL D 68 19.19 27.93 32.31
C VAL D 68 18.12 28.83 32.93
N VAL D 69 17.17 28.25 33.67
CA VAL D 69 16.13 29.07 34.27
C VAL D 69 16.72 29.95 35.37
N THR D 70 17.70 29.45 36.12
CA THR D 70 18.35 30.29 37.12
C THR D 70 19.13 31.42 36.46
N GLU D 71 19.80 31.13 35.34
CA GLU D 71 20.50 32.19 34.62
C GLU D 71 19.53 33.25 34.13
N HIS D 72 18.35 32.83 33.68
CA HIS D 72 17.36 33.80 33.22
C HIS D 72 16.58 34.47 34.34
N LEU D 73 16.62 33.95 35.57
CA LEU D 73 15.91 34.64 36.64
C LEU D 73 16.86 35.41 37.54
N ILE D 74 17.77 34.71 38.22
CA ILE D 74 18.68 35.37 39.16
C ILE D 74 19.62 36.31 38.42
N ASN D 75 20.13 35.89 37.28
CA ASN D 75 21.11 36.69 36.57
C ASN D 75 20.49 37.69 35.61
N LYS D 76 19.23 37.51 35.22
CA LYS D 76 18.58 38.44 34.29
C LYS D 76 17.44 39.21 34.92
N VAL D 77 16.38 38.56 35.40
CA VAL D 77 15.19 39.31 35.78
C VAL D 77 15.28 39.74 37.23
N ARG D 78 16.05 39.01 38.04
CA ARG D 78 16.32 39.49 39.39
C ARG D 78 17.05 40.82 39.35
N GLU D 79 18.06 40.94 38.48
CA GLU D 79 18.76 42.22 38.38
C GLU D 79 17.93 43.25 37.63
N ASP D 80 17.06 42.80 36.71
CA ASP D 80 16.15 43.75 36.07
C ASP D 80 15.22 44.40 37.08
N VAL D 81 14.62 43.60 37.98
CA VAL D 81 13.74 44.18 38.99
C VAL D 81 14.55 44.96 40.02
N LEU D 82 15.79 44.51 40.30
CA LEU D 82 16.65 45.27 41.20
C LEU D 82 17.09 46.59 40.58
N ASN D 83 17.41 46.59 39.29
CA ASN D 83 17.82 47.82 38.61
C ASN D 83 16.65 48.63 38.10
N SER D 84 15.41 48.17 38.29
CA SER D 84 14.22 48.92 37.92
C SER D 84 13.25 49.05 39.09
N LEU D 85 13.79 49.28 40.29
CA LEU D 85 12.93 49.48 41.47
C LEU D 85 12.06 50.72 41.32
N ASN D 86 12.64 51.82 40.84
CA ASN D 86 11.93 53.07 40.70
C ASN D 86 11.51 53.37 39.26
N ASN D 87 11.69 52.43 38.35
CA ASN D 87 11.33 52.61 36.94
C ASN D 87 10.37 51.50 36.55
N ASN D 88 9.07 51.76 36.74
CA ASN D 88 8.01 50.82 36.36
C ASN D 88 8.22 49.44 36.99
N PHE D 89 8.43 49.43 38.31
CA PHE D 89 8.68 48.19 39.03
C PHE D 89 7.55 47.19 38.82
N LEU D 90 6.31 47.62 39.04
CA LEU D 90 5.17 46.73 38.82
C LEU D 90 5.03 46.39 37.34
N GLN D 91 5.27 47.35 36.45
CA GLN D 91 5.15 47.09 35.01
C GLN D 91 6.19 46.10 34.54
N THR D 92 7.46 46.30 34.93
CA THR D 92 8.49 45.35 34.52
C THR D 92 8.29 44.00 35.16
N LEU D 93 7.78 43.96 36.39
CA LEU D 93 7.47 42.69 37.04
C LEU D 93 6.38 41.95 36.28
N ASN D 94 5.35 42.66 35.83
CA ASN D 94 4.29 42.03 35.05
C ASN D 94 4.82 41.52 33.71
N GLN D 95 5.68 42.30 33.05
CA GLN D 95 6.27 41.84 31.80
C GLN D 95 7.11 40.59 32.01
N ALA D 96 7.92 40.57 33.06
CA ALA D 96 8.73 39.40 33.37
C ALA D 96 7.84 38.19 33.69
N TRP D 97 6.73 38.42 34.40
CA TRP D 97 5.82 37.34 34.72
C TRP D 97 5.19 36.74 33.46
N ASN D 98 4.73 37.61 32.56
CA ASN D 98 4.12 37.11 31.33
C ASN D 98 5.13 36.34 30.48
N ASP D 99 6.34 36.87 30.36
CA ASP D 99 7.37 36.19 29.58
C ASP D 99 7.74 34.86 30.21
N HIS D 100 7.84 34.82 31.54
CA HIS D 100 8.14 33.58 32.24
C HIS D 100 7.04 32.55 32.02
N GLN D 101 5.78 32.97 32.10
CA GLN D 101 4.69 32.02 31.89
C GLN D 101 4.72 31.45 30.48
N THR D 102 4.91 32.31 29.48
CA THR D 102 4.96 31.81 28.10
C THR D 102 6.13 30.85 27.90
N ALA D 103 7.31 31.23 28.40
CA ALA D 103 8.49 30.39 28.23
C ALA D 103 8.31 29.05 28.93
N MET D 104 7.76 29.05 30.15
CA MET D 104 7.56 27.80 30.86
C MET D 104 6.50 26.93 30.19
N VAL D 105 5.47 27.54 29.59
CA VAL D 105 4.49 26.76 28.86
C VAL D 105 5.15 26.05 27.68
N MET D 106 5.96 26.78 26.90
CA MET D 106 6.64 26.14 25.77
C MET D 106 7.61 25.05 26.23
N ILE D 107 8.37 25.32 27.30
CA ILE D 107 9.34 24.34 27.79
C ILE D 107 8.63 23.10 28.31
N ARG D 108 7.51 23.28 29.03
CA ARG D 108 6.73 22.13 29.48
C ARG D 108 6.19 21.34 28.28
N ASP D 109 5.83 22.04 27.21
CA ASP D 109 5.42 21.34 25.99
C ASP D 109 6.56 20.49 25.45
N ILE D 110 7.78 21.02 25.47
CA ILE D 110 8.93 20.28 24.93
C ILE D 110 9.28 19.09 25.83
N LEU D 111 9.23 19.28 27.15
CA LEU D 111 9.69 18.30 28.12
C LEU D 111 8.56 17.51 28.76
N MET D 112 7.54 17.13 27.97
CA MET D 112 6.35 16.54 28.56
C MET D 112 6.59 15.12 29.06
N TYR D 113 7.44 14.36 28.38
CA TYR D 113 7.74 13.01 28.86
C TYR D 113 8.44 13.05 30.22
N MET D 114 9.21 14.11 30.47
CA MET D 114 9.74 14.30 31.81
C MET D 114 8.63 14.36 32.84
N ASP D 115 7.59 15.15 32.56
CA ASP D 115 6.42 15.18 33.44
C ASP D 115 5.80 13.80 33.59
N ARG D 116 5.73 13.05 32.49
CA ARG D 116 5.07 11.76 32.53
C ARG D 116 5.79 10.77 33.43
N VAL D 117 7.12 10.74 33.41
CA VAL D 117 7.82 9.70 34.17
C VAL D 117 8.84 10.25 35.16
N TYR D 118 9.73 11.13 34.71
CA TYR D 118 10.93 11.44 35.48
C TYR D 118 10.60 12.16 36.78
N VAL D 119 9.82 13.23 36.71
CA VAL D 119 9.50 13.97 37.92
C VAL D 119 8.45 13.23 38.74
N GLN D 120 7.70 12.32 38.11
CA GLN D 120 6.68 11.57 38.84
C GLN D 120 7.32 10.51 39.73
N GLN D 121 8.33 9.81 39.22
CA GLN D 121 8.97 8.77 40.02
C GLN D 121 9.84 9.36 41.12
N ASN D 122 10.28 10.60 40.94
CA ASN D 122 10.91 11.37 42.02
C ASN D 122 9.90 12.08 42.91
N ASN D 123 8.60 12.00 42.59
CA ASN D 123 7.53 12.69 43.28
C ASN D 123 7.66 14.21 43.21
N VAL D 124 8.60 14.72 42.43
CA VAL D 124 8.74 16.17 42.27
C VAL D 124 7.61 16.70 41.40
N GLU D 125 7.22 17.95 41.65
CA GLU D 125 6.16 18.58 40.90
C GLU D 125 6.58 18.80 39.44
N ASN D 126 5.59 19.10 38.61
CA ASN D 126 5.82 19.22 37.17
C ASN D 126 6.69 20.43 36.85
N VAL D 127 7.02 20.57 35.56
CA VAL D 127 7.91 21.62 35.09
C VAL D 127 7.30 23.00 35.31
N TYR D 128 5.99 23.15 35.08
CA TYR D 128 5.38 24.44 35.36
C TYR D 128 5.33 24.73 36.85
N ASN D 129 4.97 23.72 37.66
CA ASN D 129 5.05 23.89 39.11
C ASN D 129 6.49 24.10 39.55
N LEU D 130 7.45 23.44 38.90
CA LEU D 130 8.86 23.69 39.19
C LEU D 130 9.22 25.14 38.92
N GLY D 131 8.77 25.69 37.80
CA GLY D 131 9.06 27.08 37.49
C GLY D 131 8.40 28.03 38.48
N LEU D 132 7.17 27.71 38.90
CA LEU D 132 6.50 28.53 39.91
C LEU D 132 7.26 28.51 41.23
N ILE D 133 7.70 27.34 41.67
CA ILE D 133 8.46 27.24 42.92
C ILE D 133 9.77 28.01 42.81
N ILE D 134 10.50 27.82 41.71
CA ILE D 134 11.76 28.55 41.54
C ILE D 134 11.51 30.05 41.54
N PHE D 135 10.51 30.50 40.79
CA PHE D 135 10.29 31.94 40.68
C PHE D 135 9.91 32.54 42.03
N ARG D 136 8.97 31.90 42.75
CA ARG D 136 8.55 32.47 44.03
C ARG D 136 9.71 32.45 45.02
N ASP D 137 10.40 31.33 45.17
CA ASP D 137 11.49 31.25 46.14
C ASP D 137 12.60 32.25 45.82
N GLN D 138 13.09 32.26 44.58
CA GLN D 138 14.24 33.11 44.26
C GLN D 138 13.86 34.59 44.24
N VAL D 139 12.79 34.97 43.55
CA VAL D 139 12.47 36.38 43.36
C VAL D 139 11.48 36.92 44.38
N VAL D 140 10.39 36.22 44.67
CA VAL D 140 9.38 36.74 45.58
C VAL D 140 9.85 36.76 47.03
N ARG D 141 10.59 35.74 47.47
CA ARG D 141 11.22 35.74 48.78
C ARG D 141 12.50 36.56 48.84
N TYR D 142 12.96 37.10 47.71
CA TYR D 142 14.14 37.95 47.71
C TYR D 142 13.83 39.22 48.51
N GLY D 143 14.74 39.59 49.40
CA GLY D 143 14.44 40.62 50.38
C GLY D 143 14.12 41.97 49.75
N CYS D 144 14.96 42.43 48.82
CA CYS D 144 14.76 43.74 48.23
C CYS D 144 13.47 43.80 47.43
N ILE D 145 13.22 42.77 46.61
CA ILE D 145 11.99 42.73 45.84
C ILE D 145 10.79 42.64 46.77
N ARG D 146 10.91 41.87 47.85
CA ARG D 146 9.83 41.76 48.83
C ARG D 146 9.48 43.13 49.43
N ASP D 147 10.48 43.84 49.94
CA ASP D 147 10.18 45.12 50.60
C ASP D 147 9.67 46.14 49.60
N HIS D 148 10.25 46.18 48.39
CA HIS D 148 9.79 47.16 47.42
C HIS D 148 8.39 46.85 46.94
N LEU D 149 8.05 45.57 46.77
CA LEU D 149 6.70 45.20 46.38
C LEU D 149 5.70 45.58 47.47
N ARG D 150 6.06 45.32 48.74
CA ARG D 150 5.17 45.70 49.84
C ARG D 150 4.97 47.21 49.87
N GLN D 151 6.06 47.97 49.70
CA GLN D 151 5.96 49.44 49.71
C GLN D 151 5.10 49.93 48.55
N THR D 152 5.28 49.37 47.35
CA THR D 152 4.51 49.80 46.20
C THR D 152 3.02 49.47 46.38
N LEU D 153 2.72 48.28 46.90
CA LEU D 153 1.33 47.93 47.14
C LEU D 153 0.70 48.85 48.17
N LEU D 154 1.42 49.15 49.25
CA LEU D 154 0.91 50.05 50.28
C LEU D 154 0.69 51.45 49.72
N ASP D 155 1.63 51.94 48.90
CA ASP D 155 1.48 53.27 48.30
C ASP D 155 0.29 53.32 47.36
N MET D 156 0.10 52.27 46.56
CA MET D 156 -1.05 52.23 45.67
C MET D 156 -2.36 52.20 46.45
N ILE D 157 -2.40 51.43 47.54
CA ILE D 157 -3.61 51.37 48.37
C ILE D 157 -3.90 52.74 48.98
N ALA D 158 -2.84 53.41 49.49
CA ALA D 158 -3.03 54.73 50.08
C ALA D 158 -3.50 55.74 49.05
N ARG D 159 -2.93 55.70 47.84
CA ARG D 159 -3.36 56.60 46.79
C ARG D 159 -4.81 56.36 46.40
N GLU D 160 -5.22 55.09 46.32
CA GLU D 160 -6.62 54.78 46.05
C GLU D 160 -7.53 55.30 47.15
N ARG D 161 -7.10 55.15 48.41
CA ARG D 161 -7.87 55.68 49.52
C ARG D 161 -7.93 57.20 49.45
N LYS D 162 -6.81 57.85 49.10
CA LYS D 162 -6.78 59.30 48.97
C LYS D 162 -7.45 59.78 47.69
N GLY D 163 -7.82 58.88 46.79
CA GLY D 163 -8.45 59.27 45.54
C GLY D 163 -7.52 59.46 44.37
N GLU D 164 -6.24 59.15 44.51
CA GLU D 164 -5.28 59.30 43.44
C GLU D 164 -4.76 57.94 42.97
N ASP D 167 -2.22 52.15 38.52
CA ASP D 167 -3.54 51.84 37.98
C ASP D 167 -4.16 50.64 38.70
N ARG D 168 -5.50 50.62 38.75
CA ARG D 168 -6.18 49.51 39.39
C ARG D 168 -5.94 48.20 38.64
N GLY D 169 -5.91 48.26 37.31
CA GLY D 169 -5.68 47.06 36.53
C GLY D 169 -4.32 46.44 36.78
N ALA D 170 -3.29 47.28 36.92
CA ALA D 170 -1.95 46.77 37.22
C ALA D 170 -1.90 46.11 38.59
N ILE D 171 -2.58 46.69 39.58
CA ILE D 171 -2.62 46.08 40.90
C ILE D 171 -3.39 44.77 40.86
N ARG D 172 -4.44 44.69 40.04
CA ARG D 172 -5.15 43.43 39.85
C ARG D 172 -4.25 42.38 39.22
N ASN D 173 -3.42 42.80 38.24
CA ASN D 173 -2.47 41.89 37.64
C ASN D 173 -1.47 41.37 38.67
N ALA D 174 -0.98 42.27 39.53
CA ALA D 174 -0.05 41.86 40.58
C ALA D 174 -0.72 40.89 41.56
N CYS D 175 -1.99 41.13 41.87
CA CYS D 175 -2.71 40.23 42.77
C CYS D 175 -2.89 38.85 42.14
N GLN D 176 -3.25 38.81 40.85
CA GLN D 176 -3.38 37.54 40.15
C GLN D 176 -2.04 36.81 40.11
N MET D 177 -0.96 37.57 39.92
CA MET D 177 0.38 37.02 40.05
C MET D 177 0.58 36.35 41.40
N LEU D 178 0.48 37.13 42.48
CA LEU D 178 0.79 36.61 43.81
C LEU D 178 -0.15 35.48 44.20
N MET D 179 -1.33 35.42 43.58
CA MET D 179 -2.25 34.32 43.86
C MET D 179 -1.70 33.00 43.31
N ILE D 180 -0.98 33.05 42.19
CA ILE D 180 -0.55 31.82 41.52
C ILE D 180 0.93 31.52 41.78
N LEU D 181 1.69 32.44 42.38
CA LEU D 181 3.03 32.09 42.84
C LEU D 181 3.00 30.93 43.84
N GLY D 182 1.88 30.73 44.52
CA GLY D 182 1.74 29.60 45.41
C GLY D 182 1.49 28.31 44.65
N LEU D 183 1.93 27.20 45.24
CA LEU D 183 1.68 25.88 44.67
C LEU D 183 0.22 25.53 44.92
N GLU D 184 -0.68 26.16 44.16
CA GLU D 184 -2.12 26.06 44.38
C GLU D 184 -2.48 26.44 45.81
N GLY D 185 -1.81 27.48 46.32
CA GLY D 185 -2.04 27.94 47.66
C GLY D 185 -1.88 29.44 47.75
N ARG D 186 -2.53 30.03 48.76
CA ARG D 186 -2.51 31.47 48.97
C ARG D 186 -1.52 31.90 50.04
N SER D 187 -0.57 31.03 50.40
CA SER D 187 0.39 31.38 51.45
C SER D 187 1.28 32.54 51.02
N VAL D 188 1.80 32.47 49.79
CA VAL D 188 2.64 33.56 49.29
C VAL D 188 1.87 34.86 49.23
N TYR D 189 0.66 34.84 48.66
CA TYR D 189 -0.14 36.05 48.56
C TYR D 189 -0.45 36.61 49.94
N GLU D 190 -0.84 35.74 50.86
CA GLU D 190 -1.11 36.18 52.23
C GLU D 190 0.10 36.86 52.84
N GLU D 191 1.20 36.13 53.05
CA GLU D 191 2.28 36.65 53.88
C GLU D 191 3.14 37.65 53.10
N ASP D 192 2.82 37.90 51.83
CA ASP D 192 3.55 38.90 51.06
C ASP D 192 2.75 40.17 50.79
N PHE D 193 1.42 40.10 50.73
CA PHE D 193 0.64 41.31 50.51
C PHE D 193 -0.33 41.56 51.66
N GLU D 194 -1.09 40.54 52.05
CA GLU D 194 -2.22 40.77 52.94
C GLU D 194 -1.77 41.25 54.30
N ALA D 195 -0.73 40.65 54.86
CA ALA D 195 -0.25 41.07 56.18
C ALA D 195 0.19 42.52 56.20
N PRO D 196 1.08 42.99 55.32
CA PRO D 196 1.31 44.44 55.24
C PRO D 196 0.06 45.21 54.90
N PHE D 197 -0.78 44.67 54.01
CA PHE D 197 -2.04 45.32 53.70
C PHE D 197 -2.96 45.35 54.91
N LEU D 198 -3.00 44.26 55.68
CA LEU D 198 -3.82 44.25 56.88
C LEU D 198 -3.36 45.29 57.89
N GLU D 199 -2.03 45.39 58.10
CA GLU D 199 -1.51 46.37 59.04
C GLU D 199 -1.81 47.80 58.58
N MET D 200 -1.57 48.08 57.29
CA MET D 200 -1.84 49.42 56.77
C MET D 200 -3.32 49.75 56.85
N SER D 201 -4.18 48.78 56.53
CA SER D 201 -5.62 49.00 56.61
C SER D 201 -6.07 49.24 58.04
N ALA D 202 -5.48 48.51 59.00
CA ALA D 202 -5.82 48.72 60.40
C ALA D 202 -5.42 50.11 60.87
N GLU D 203 -4.20 50.55 60.50
CA GLU D 203 -3.76 51.89 60.88
C GLU D 203 -4.64 52.96 60.25
N PHE D 204 -4.95 52.82 58.96
CA PHE D 204 -5.80 53.79 58.28
C PHE D 204 -7.20 53.80 58.86
N PHE D 205 -7.74 52.63 59.20
CA PHE D 205 -9.07 52.55 59.79
C PHE D 205 -9.09 53.19 61.17
N GLN D 206 -8.05 52.98 61.96
CA GLN D 206 -7.98 53.64 63.27
C GLN D 206 -7.94 55.16 63.12
N MET D 207 -7.10 55.66 62.21
CA MET D 207 -7.02 57.10 62.00
C MET D 207 -8.35 57.66 61.50
N GLU D 208 -8.99 56.98 60.55
CA GLU D 208 -10.26 57.46 60.00
C GLU D 208 -11.37 57.41 61.05
N SER D 209 -11.37 56.37 61.88
CA SER D 209 -12.37 56.28 62.94
C SER D 209 -12.19 57.40 63.97
N GLN D 210 -10.93 57.68 64.34
CA GLN D 210 -10.69 58.80 65.24
C GLN D 210 -11.15 60.12 64.63
N LYS D 211 -10.83 60.34 63.36
CA LYS D 211 -11.23 61.58 62.69
C LYS D 211 -12.75 61.70 62.62
N PHE D 212 -13.44 60.61 62.30
CA PHE D 212 -14.89 60.65 62.17
C PHE D 212 -15.55 60.84 63.53
N LEU D 213 -15.01 60.21 64.57
CA LEU D 213 -15.55 60.41 65.92
C LEU D 213 -15.36 61.85 66.36
N ALA D 214 -14.22 62.44 66.03
CA ALA D 214 -13.96 63.82 66.42
C ALA D 214 -14.84 64.80 65.63
N GLU D 215 -15.05 64.55 64.34
CA GLU D 215 -15.68 65.56 63.50
C GLU D 215 -17.15 65.24 63.24
N ASN D 216 -17.48 63.97 63.01
CA ASN D 216 -18.80 63.59 62.53
C ASN D 216 -19.68 63.13 63.69
N SER D 217 -20.98 63.34 63.53
CA SER D 217 -21.96 62.90 64.50
C SER D 217 -22.21 61.39 64.37
N ALA D 218 -23.09 60.86 65.22
CA ALA D 218 -23.33 59.43 65.25
C ALA D 218 -23.84 58.92 63.89
N SER D 219 -24.87 59.56 63.35
CA SER D 219 -25.35 59.17 62.02
C SER D 219 -24.30 59.47 60.96
N VAL D 220 -23.62 60.61 61.08
CA VAL D 220 -22.57 60.95 60.12
C VAL D 220 -21.41 59.96 60.22
N TYR D 221 -21.04 59.58 61.44
CA TYR D 221 -19.97 58.59 61.60
C TYR D 221 -20.39 57.23 61.02
N ILE D 222 -21.65 56.84 61.20
CA ILE D 222 -22.13 55.60 60.62
C ILE D 222 -22.07 55.65 59.10
N LYS D 223 -22.48 56.79 58.53
CA LYS D 223 -22.42 56.95 57.08
C LYS D 223 -20.97 56.90 56.58
N LYS D 224 -20.05 57.52 57.31
CA LYS D 224 -18.65 57.49 56.93
C LYS D 224 -18.08 56.08 57.00
N VAL D 225 -18.45 55.32 58.03
CA VAL D 225 -17.99 53.94 58.15
C VAL D 225 -18.55 53.09 57.01
N GLU D 226 -19.82 53.29 56.68
CA GLU D 226 -20.41 52.57 55.56
C GLU D 226 -19.73 52.91 54.25
N ALA D 227 -19.41 54.20 54.04
CA ALA D 227 -18.69 54.60 52.84
C ALA D 227 -17.30 53.98 52.78
N ARG D 228 -16.60 53.93 53.92
CA ARG D 228 -15.29 53.29 53.96
C ARG D 228 -15.38 51.81 53.65
N ILE D 229 -16.41 51.13 54.19
CA ILE D 229 -16.60 49.72 53.91
C ILE D 229 -16.88 49.49 52.43
N ASN D 230 -17.72 50.34 51.84
CA ASN D 230 -18.03 50.23 50.42
C ASN D 230 -16.79 50.46 49.57
N GLU D 231 -15.97 51.45 49.94
CA GLU D 231 -14.73 51.70 49.22
C GLU D 231 -13.77 50.52 49.32
N GLU D 232 -13.68 49.92 50.51
CA GLU D 232 -12.83 48.74 50.66
C GLU D 232 -13.34 47.59 49.82
N ILE D 233 -14.65 47.39 49.77
CA ILE D 233 -15.22 46.32 48.95
C ILE D 233 -14.94 46.57 47.47
N GLU D 234 -15.09 47.82 47.03
CA GLU D 234 -14.81 48.16 45.64
C GLU D 234 -13.33 47.94 45.31
N ARG D 235 -12.44 48.32 46.22
CA ARG D 235 -11.01 48.10 46.00
C ARG D 235 -10.69 46.61 45.93
N VAL D 236 -11.33 45.81 46.79
CA VAL D 236 -11.13 44.36 46.76
C VAL D 236 -11.60 43.79 45.44
N MET D 237 -12.76 44.24 44.96
CA MET D 237 -13.31 43.75 43.70
C MET D 237 -12.43 44.14 42.52
N HIS D 238 -11.87 45.35 42.56
CA HIS D 238 -11.15 45.85 41.40
C HIS D 238 -9.71 45.34 41.35
N CYS D 239 -8.96 45.50 42.46
CA CYS D 239 -7.53 45.23 42.45
C CYS D 239 -7.05 44.46 43.67
N LEU D 240 -7.81 43.46 44.13
CA LEU D 240 -7.37 42.64 45.25
C LEU D 240 -8.01 41.26 45.12
N ASP D 241 -7.49 40.31 45.91
CA ASP D 241 -8.00 38.96 45.89
C ASP D 241 -9.40 38.90 46.49
N LYS D 242 -10.27 38.12 45.85
CA LYS D 242 -11.63 37.96 46.36
C LYS D 242 -11.65 37.12 47.63
N SER D 243 -10.77 36.12 47.73
CA SER D 243 -10.76 35.26 48.89
C SER D 243 -10.37 36.02 50.16
N THR D 244 -9.40 36.92 50.06
CA THR D 244 -8.91 37.69 51.19
C THR D 244 -9.73 38.94 51.45
N GLU D 245 -10.75 39.21 50.63
CA GLU D 245 -11.56 40.41 50.82
C GLU D 245 -12.30 40.37 52.15
N GLU D 246 -12.85 39.22 52.51
CA GLU D 246 -13.62 39.12 53.75
C GLU D 246 -12.78 39.41 54.99
N PRO D 247 -11.58 38.85 55.16
CA PRO D 247 -10.79 39.17 56.36
C PRO D 247 -10.45 40.65 56.48
N ILE D 248 -10.22 41.33 55.36
CA ILE D 248 -9.91 42.75 55.41
C ILE D 248 -11.13 43.56 55.82
N VAL D 249 -12.31 43.17 55.33
CA VAL D 249 -13.53 43.90 55.64
C VAL D 249 -13.84 43.83 57.13
N LYS D 250 -13.67 42.64 57.73
CA LYS D 250 -13.96 42.47 59.14
C LYS D 250 -13.06 43.36 60.01
N VAL D 251 -11.78 43.45 59.66
CA VAL D 251 -10.87 44.30 60.41
C VAL D 251 -11.25 45.77 60.28
N VAL D 252 -11.70 46.16 59.09
CA VAL D 252 -12.14 47.55 58.87
C VAL D 252 -13.35 47.87 59.75
N GLU D 253 -14.32 46.95 59.79
CA GLU D 253 -15.50 47.18 60.63
C GLU D 253 -15.14 47.18 62.11
N ARG D 254 -14.25 46.28 62.51
CA ARG D 254 -13.85 46.21 63.92
C ARG D 254 -13.15 47.50 64.36
N GLU D 255 -12.25 48.03 63.52
CA GLU D 255 -11.53 49.24 63.85
C GLU D 255 -12.40 50.48 63.61
N LEU E 53 -27.13 24.77 3.58
CA LEU E 53 -27.37 24.87 2.15
C LEU E 53 -27.44 23.48 1.52
N PRO E 54 -28.27 23.32 0.49
CA PRO E 54 -28.37 22.02 -0.19
C PRO E 54 -27.12 21.72 -0.99
N GLN E 55 -26.31 20.79 -0.49
CA GLN E 55 -25.04 20.47 -1.15
C GLN E 55 -25.28 19.48 -2.29
N GLU E 56 -24.59 19.72 -3.40
CA GLU E 56 -24.67 18.87 -4.58
C GLU E 56 -23.46 17.95 -4.62
N PHE E 57 -23.72 16.64 -4.74
CA PHE E 57 -22.64 15.67 -4.75
C PHE E 57 -22.43 15.10 -6.14
N PRO E 58 -21.20 14.76 -6.50
CA PRO E 58 -20.98 14.07 -7.78
C PRO E 58 -21.59 12.69 -7.77
N GLU E 59 -21.92 12.19 -8.96
CA GLU E 59 -22.46 10.84 -9.05
C GLU E 59 -21.44 9.81 -8.60
N VAL E 60 -20.16 10.04 -8.89
CA VAL E 60 -19.08 9.25 -8.34
C VAL E 60 -18.51 10.01 -7.16
N VAL E 61 -18.72 9.50 -5.96
CA VAL E 61 -18.36 10.20 -4.72
C VAL E 61 -16.98 9.74 -4.28
N PRO E 62 -15.97 10.60 -4.29
CA PRO E 62 -14.67 10.22 -3.74
C PRO E 62 -14.70 10.29 -2.21
N LEU E 63 -14.15 9.28 -1.56
CA LEU E 63 -14.26 9.15 -0.12
C LEU E 63 -12.89 9.03 0.52
N ASN E 64 -12.72 9.69 1.66
CA ASN E 64 -11.55 9.54 2.51
C ASN E 64 -12.02 9.14 3.90
N ILE E 65 -11.68 7.93 4.32
CA ILE E 65 -12.15 7.37 5.59
C ILE E 65 -10.92 7.24 6.49
N GLY E 66 -10.65 8.30 7.25
CA GLY E 66 -9.51 8.27 8.16
C GLY E 66 -8.18 8.01 7.50
N GLY E 67 -7.96 8.64 6.34
CA GLY E 67 -6.75 8.42 5.58
C GLY E 67 -6.79 7.28 4.59
N ALA E 68 -7.85 6.49 4.59
CA ALA E 68 -8.04 5.40 3.64
C ALA E 68 -8.84 5.90 2.46
N HIS E 69 -8.42 5.53 1.25
CA HIS E 69 -8.98 6.07 0.02
C HIS E 69 -9.98 5.09 -0.56
N PHE E 70 -11.24 5.53 -0.65
CA PHE E 70 -12.32 4.75 -1.24
C PHE E 70 -13.06 5.61 -2.25
N THR E 71 -13.72 4.95 -3.20
CA THR E 71 -14.53 5.62 -4.20
C THR E 71 -15.78 4.80 -4.45
N THR E 72 -16.93 5.47 -4.48
CA THR E 72 -18.20 4.78 -4.67
C THR E 72 -19.19 5.76 -5.28
N ARG E 73 -20.27 5.22 -5.81
CA ARG E 73 -21.32 6.04 -6.41
C ARG E 73 -22.23 6.62 -5.33
N LEU E 74 -22.87 7.74 -5.66
CA LEU E 74 -23.82 8.34 -4.75
C LEU E 74 -25.00 7.42 -4.48
N SER E 75 -25.40 6.62 -5.47
CA SER E 75 -26.50 5.69 -5.27
C SER E 75 -26.16 4.64 -4.23
N THR E 76 -24.91 4.20 -4.19
CA THR E 76 -24.49 3.21 -3.20
C THR E 76 -24.63 3.76 -1.79
N LEU E 77 -24.23 5.01 -1.57
CA LEU E 77 -24.30 5.58 -0.23
C LEU E 77 -25.74 5.85 0.20
N ARG E 78 -26.61 6.19 -0.75
CA ARG E 78 -28.00 6.51 -0.47
C ARG E 78 -28.91 5.29 -0.61
N ARG E 79 -28.36 4.08 -0.58
CA ARG E 79 -29.16 2.90 -0.85
C ARG E 79 -30.18 2.65 0.25
N TYR E 80 -29.76 2.79 1.52
CA TYR E 80 -30.67 2.71 2.66
C TYR E 80 -30.86 4.12 3.19
N GLU E 81 -32.11 4.59 3.20
CA GLU E 81 -32.36 5.99 3.52
C GLU E 81 -32.10 6.29 5.00
N ASP E 82 -32.42 5.35 5.89
CA ASP E 82 -32.18 5.54 7.32
C ASP E 82 -30.81 4.98 7.68
N THR E 83 -29.79 5.80 7.44
CA THR E 83 -28.40 5.40 7.65
C THR E 83 -27.57 6.66 7.83
N MET E 84 -26.45 6.52 8.55
CA MET E 84 -25.48 7.61 8.62
C MET E 84 -25.07 8.08 7.24
N LEU E 85 -24.74 7.14 6.35
CA LEU E 85 -24.19 7.51 5.06
C LEU E 85 -25.23 8.20 4.19
N ALA E 86 -26.50 7.80 4.31
CA ALA E 86 -27.56 8.47 3.56
C ALA E 86 -27.82 9.86 4.12
N ALA E 87 -27.90 9.98 5.45
CA ALA E 87 -28.16 11.28 6.06
C ALA E 87 -27.04 12.27 5.79
N MET E 88 -25.80 11.79 5.85
CA MET E 88 -24.65 12.63 5.56
C MET E 88 -24.66 13.11 4.12
N PHE E 89 -24.95 12.21 3.18
CA PHE E 89 -24.95 12.53 1.77
C PHE E 89 -26.33 12.82 1.22
N SER E 90 -27.30 13.11 2.10
CA SER E 90 -28.63 13.49 1.64
C SER E 90 -28.64 14.88 1.03
N GLY E 91 -27.65 15.71 1.36
CA GLY E 91 -27.58 17.07 0.88
C GLY E 91 -28.05 18.11 1.86
N ARG E 92 -28.52 17.72 3.04
CA ARG E 92 -28.98 18.66 4.05
C ARG E 92 -27.85 19.14 4.95
N HIS E 93 -26.65 18.58 4.82
CA HIS E 93 -25.53 18.92 5.68
C HIS E 93 -24.33 19.29 4.83
N TYR E 94 -23.40 20.03 5.42
CA TYR E 94 -22.18 20.45 4.75
C TYR E 94 -21.03 19.55 5.18
N ILE E 95 -20.36 18.94 4.21
CA ILE E 95 -19.32 17.95 4.46
C ILE E 95 -17.98 18.53 4.01
N PRO E 96 -16.94 18.47 4.83
CA PRO E 96 -15.66 19.05 4.45
C PRO E 96 -14.96 18.21 3.39
N THR E 97 -14.10 18.87 2.61
CA THR E 97 -13.24 18.21 1.64
C THR E 97 -11.79 18.42 2.04
N ASP E 98 -10.99 17.35 1.97
CA ASP E 98 -9.65 17.36 2.55
C ASP E 98 -8.59 17.68 1.49
N SER E 99 -8.69 18.90 0.96
CA SER E 99 -7.62 19.51 0.17
C SER E 99 -7.36 18.81 -1.16
N GLU E 100 -8.08 17.72 -1.43
CA GLU E 100 -7.92 16.99 -2.68
C GLU E 100 -9.25 16.55 -3.27
N GLY E 101 -10.37 17.09 -2.80
CA GLY E 101 -11.67 16.75 -3.31
C GLY E 101 -12.35 15.58 -2.65
N ARG E 102 -11.64 14.84 -1.80
CA ARG E 102 -12.25 13.73 -1.11
C ARG E 102 -13.19 14.22 -0.02
N TYR E 103 -14.14 13.37 0.35
CA TYR E 103 -15.06 13.67 1.45
C TYR E 103 -14.60 12.90 2.68
N PHE E 104 -14.42 13.61 3.78
CA PHE E 104 -13.71 13.09 4.94
C PHE E 104 -14.67 12.53 5.98
N ILE E 105 -14.37 11.34 6.48
CA ILE E 105 -15.03 10.74 7.62
C ILE E 105 -13.96 10.31 8.62
N ASP E 106 -13.97 10.92 9.81
CA ASP E 106 -12.95 10.65 10.81
C ASP E 106 -13.26 9.32 11.48
N ARG E 107 -12.96 8.25 10.75
CA ARG E 107 -13.23 6.90 11.23
C ARG E 107 -12.23 5.95 10.59
N ASP E 108 -11.97 4.84 11.27
CA ASP E 108 -11.04 3.85 10.74
C ASP E 108 -11.58 3.25 9.45
N GLY E 109 -10.74 3.26 8.42
CA GLY E 109 -11.11 2.75 7.12
C GLY E 109 -10.68 1.34 6.82
N THR E 110 -10.27 0.57 7.83
CA THR E 110 -9.79 -0.79 7.58
C THR E 110 -10.91 -1.68 7.05
N HIS E 111 -12.08 -1.65 7.71
CA HIS E 111 -13.18 -2.52 7.36
C HIS E 111 -14.34 -1.76 6.72
N PHE E 112 -14.10 -0.56 6.19
CA PHE E 112 -15.15 0.14 5.45
C PHE E 112 -15.38 -0.50 4.09
N GLY E 113 -14.43 -1.30 3.62
CA GLY E 113 -14.62 -2.01 2.36
C GLY E 113 -15.80 -2.96 2.41
N ASP E 114 -15.95 -3.67 3.52
CA ASP E 114 -17.08 -4.59 3.66
C ASP E 114 -18.40 -3.83 3.79
N VAL E 115 -18.38 -2.66 4.42
CA VAL E 115 -19.56 -1.82 4.47
C VAL E 115 -19.98 -1.39 3.07
N LEU E 116 -19.00 -0.95 2.27
CA LEU E 116 -19.30 -0.59 0.88
C LEU E 116 -19.78 -1.81 0.09
N ASN E 117 -19.23 -2.99 0.38
CA ASN E 117 -19.66 -4.20 -0.30
C ASN E 117 -21.12 -4.52 0.01
N PHE E 118 -21.51 -4.37 1.28
CA PHE E 118 -22.91 -4.61 1.64
C PHE E 118 -23.82 -3.53 1.06
N LEU E 119 -23.30 -2.32 0.87
CA LEU E 119 -24.12 -1.28 0.25
C LEU E 119 -24.28 -1.54 -1.25
N ARG E 120 -23.26 -2.09 -1.91
CA ARG E 120 -23.35 -2.37 -3.34
C ARG E 120 -24.23 -3.59 -3.59
N SER E 121 -23.83 -4.74 -3.07
CA SER E 121 -24.58 -5.99 -3.19
C SER E 121 -24.95 -6.47 -1.79
N GLY E 122 -25.50 -7.67 -1.71
CA GLY E 122 -25.86 -8.24 -0.42
C GLY E 122 -24.70 -8.98 0.22
N ASP E 123 -23.50 -8.72 -0.27
CA ASP E 123 -22.33 -9.45 0.19
C ASP E 123 -22.09 -9.26 1.69
N LEU E 124 -21.69 -10.33 2.35
CA LEU E 124 -21.45 -10.32 3.79
C LEU E 124 -19.98 -10.61 4.08
N PRO E 125 -19.45 -10.10 5.17
CA PRO E 125 -18.03 -10.27 5.46
C PRO E 125 -17.69 -11.72 5.75
N PRO E 126 -16.43 -12.11 5.61
CA PRO E 126 -16.01 -13.45 6.02
C PRO E 126 -16.14 -13.64 7.52
N ARG E 127 -15.82 -14.85 7.97
CA ARG E 127 -16.07 -15.24 9.35
C ARG E 127 -15.26 -14.38 10.32
N GLU E 128 -14.00 -14.10 9.99
CA GLU E 128 -13.14 -13.34 10.89
C GLU E 128 -13.61 -11.90 11.02
N HIS E 129 -14.13 -11.33 9.94
CA HIS E 129 -14.42 -9.90 9.93
C HIS E 129 -15.82 -9.59 10.40
N VAL E 130 -16.53 -10.58 10.94
CA VAL E 130 -17.92 -10.36 11.36
C VAL E 130 -17.99 -9.30 12.46
N ARG E 131 -17.10 -9.41 13.45
CA ARG E 131 -17.19 -8.54 14.62
C ARG E 131 -16.76 -7.12 14.29
N ALA E 132 -15.67 -6.96 13.53
CA ALA E 132 -15.22 -5.62 13.17
C ALA E 132 -16.20 -4.91 12.26
N VAL E 133 -16.74 -5.61 11.26
CA VAL E 133 -17.75 -4.99 10.40
C VAL E 133 -19.03 -4.73 11.18
N TYR E 134 -19.32 -5.56 12.19
CA TYR E 134 -20.45 -5.26 13.06
C TYR E 134 -20.23 -3.95 13.81
N LYS E 135 -19.01 -3.75 14.32
CA LYS E 135 -18.69 -2.48 14.98
C LYS E 135 -18.83 -1.31 14.03
N GLU E 136 -18.36 -1.47 12.79
CA GLU E 136 -18.49 -0.40 11.80
C GLU E 136 -19.96 -0.10 11.48
N ALA E 137 -20.76 -1.15 11.29
CA ALA E 137 -22.16 -0.96 10.96
C ALA E 137 -22.93 -0.33 12.12
N GLN E 138 -22.49 -0.61 13.36
CA GLN E 138 -23.08 0.09 14.50
C GLN E 138 -22.84 1.59 14.41
N TYR E 139 -21.62 1.99 14.05
CA TYR E 139 -21.33 3.41 13.90
C TYR E 139 -22.14 4.02 12.77
N TYR E 140 -22.21 3.33 11.62
CA TYR E 140 -22.89 3.87 10.45
C TYR E 140 -24.40 3.64 10.50
N ALA E 141 -24.91 2.95 11.53
CA ALA E 141 -26.34 2.77 11.74
C ALA E 141 -27.00 2.09 10.54
N ILE E 142 -26.33 1.09 9.96
CA ILE E 142 -26.87 0.31 8.85
C ILE E 142 -27.65 -0.85 9.45
N GLY E 143 -28.99 -0.72 9.49
CA GLY E 143 -29.83 -1.71 10.11
C GLY E 143 -29.80 -3.09 9.50
N PRO E 144 -30.04 -3.25 8.19
CA PRO E 144 -29.96 -4.59 7.59
C PRO E 144 -28.63 -5.27 7.78
N LEU E 145 -27.53 -4.51 7.69
CA LEU E 145 -26.22 -5.09 7.95
C LEU E 145 -26.12 -5.59 9.37
N LEU E 146 -26.64 -4.83 10.34
CA LEU E 146 -26.62 -5.27 11.73
C LEU E 146 -27.42 -6.55 11.92
N GLU E 147 -28.59 -6.63 11.27
CA GLU E 147 -29.40 -7.85 11.38
C GLU E 147 -28.66 -9.05 10.81
N GLN E 148 -28.12 -8.91 9.60
CA GLN E 148 -27.47 -10.05 8.94
C GLN E 148 -26.18 -10.42 9.64
N LEU E 149 -25.54 -9.47 10.33
CA LEU E 149 -24.33 -9.80 11.08
C LEU E 149 -24.65 -10.45 12.41
N GLU E 150 -25.69 -9.98 13.10
CA GLU E 150 -26.15 -10.68 14.30
C GLU E 150 -26.71 -12.04 14.00
N ASN E 151 -27.09 -12.31 12.75
CA ASN E 151 -27.53 -13.63 12.34
C ASN E 151 -26.38 -14.54 11.94
N MET E 152 -25.15 -14.07 12.01
CA MET E 152 -23.97 -14.85 11.63
C MET E 152 -23.26 -15.34 12.88
N GLN E 153 -22.45 -16.39 12.71
CA GLN E 153 -22.10 -17.26 13.83
C GLN E 153 -21.39 -16.56 14.98
N PRO E 154 -20.33 -15.76 14.78
CA PRO E 154 -19.63 -15.21 15.96
C PRO E 154 -20.54 -14.42 16.87
N LEU E 155 -21.59 -13.80 16.33
CA LEU E 155 -22.49 -13.02 17.17
C LEU E 155 -23.73 -13.82 17.54
N LYS E 156 -24.08 -14.85 16.76
CA LYS E 156 -25.27 -15.63 17.07
C LYS E 156 -25.11 -16.41 18.36
N GLY E 157 -23.97 -17.10 18.51
CA GLY E 157 -23.71 -17.82 19.75
C GLY E 157 -23.60 -16.88 20.93
N GLU E 158 -23.04 -15.69 20.72
CA GLU E 158 -22.93 -14.71 21.80
C GLU E 158 -24.31 -14.22 22.22
N LYS E 159 -25.22 -14.01 21.27
CA LYS E 159 -26.60 -13.68 21.64
C LYS E 159 -27.25 -14.81 22.41
N VAL E 160 -27.02 -16.05 21.99
CA VAL E 160 -27.61 -17.18 22.70
C VAL E 160 -27.09 -17.24 24.14
N ARG E 161 -25.79 -16.99 24.34
CA ARG E 161 -25.26 -17.04 25.70
C ARG E 161 -25.67 -15.83 26.53
N GLN E 162 -25.81 -14.65 25.90
CA GLN E 162 -26.33 -13.50 26.62
C GLN E 162 -27.78 -13.68 27.00
N ALA E 163 -28.51 -14.57 26.32
CA ALA E 163 -29.83 -14.94 26.80
C ALA E 163 -29.75 -15.56 28.18
N PHE E 164 -28.76 -16.43 28.41
CA PHE E 164 -28.55 -17.00 29.74
C PHE E 164 -28.02 -15.96 30.71
N LEU E 165 -26.99 -15.22 30.31
CA LEU E 165 -26.35 -14.26 31.20
C LEU E 165 -27.15 -12.98 31.38
N GLY E 166 -28.24 -12.80 30.63
CA GLY E 166 -29.09 -11.64 30.85
C GLY E 166 -29.85 -11.72 32.16
N LEU E 167 -29.99 -12.92 32.71
CA LEU E 167 -30.61 -13.07 34.02
C LEU E 167 -29.74 -12.47 35.11
N MET E 168 -28.47 -12.20 34.83
CA MET E 168 -27.52 -11.71 35.81
C MET E 168 -26.88 -10.43 35.31
N PRO E 169 -27.43 -9.26 35.59
CA PRO E 169 -26.81 -8.01 35.11
C PRO E 169 -25.50 -7.68 35.78
N TYR E 170 -25.13 -8.38 36.85
CA TYR E 170 -23.89 -8.15 37.57
C TYR E 170 -22.75 -9.06 37.10
N TYR E 171 -22.95 -9.79 36.01
CA TYR E 171 -21.97 -10.78 35.59
C TYR E 171 -20.63 -10.14 35.24
N LYS E 172 -20.64 -9.12 34.39
CA LYS E 172 -19.40 -8.49 33.98
C LYS E 172 -18.71 -7.76 35.12
N ASP E 173 -19.50 -7.14 36.01
CA ASP E 173 -18.92 -6.51 37.20
C ASP E 173 -18.21 -7.55 38.06
N HIS E 174 -18.80 -8.73 38.21
CA HIS E 174 -18.17 -9.77 39.03
C HIS E 174 -16.94 -10.35 38.33
N LEU E 175 -16.96 -10.46 37.00
CA LEU E 175 -15.74 -10.88 36.31
C LEU E 175 -14.61 -9.88 36.54
N GLU E 176 -14.90 -8.59 36.39
CA GLU E 176 -13.88 -7.59 36.70
C GLU E 176 -13.39 -7.75 38.13
N ARG E 177 -14.33 -7.78 39.10
CA ARG E 177 -13.94 -7.94 40.49
C ARG E 177 -13.01 -9.12 40.68
N ILE E 178 -13.31 -10.25 40.04
CA ILE E 178 -12.40 -11.40 40.09
C ILE E 178 -11.01 -11.00 39.61
N VAL E 179 -10.95 -10.30 38.48
CA VAL E 179 -9.65 -9.97 37.89
C VAL E 179 -8.84 -9.07 38.83
N GLU E 180 -9.44 -8.00 39.34
CA GLU E 180 -8.64 -7.12 40.21
C GLU E 180 -8.36 -7.72 41.59
N ILE E 181 -9.26 -8.54 42.16
CA ILE E 181 -8.87 -9.19 43.40
C ILE E 181 -7.68 -10.10 43.17
N ALA E 182 -7.69 -10.86 42.07
CA ALA E 182 -6.53 -11.70 41.76
C ALA E 182 -5.28 -10.85 41.56
N ARG E 183 -5.40 -9.73 40.84
CA ARG E 183 -4.23 -8.90 40.54
C ARG E 183 -3.66 -8.28 41.80
N LEU E 184 -4.49 -7.68 42.65
CA LEU E 184 -4.00 -7.10 43.90
C LEU E 184 -3.42 -8.15 44.82
N ARG E 185 -4.04 -9.34 44.90
CA ARG E 185 -3.46 -10.38 45.74
C ARG E 185 -2.07 -10.79 45.24
N ALA E 186 -1.95 -11.00 43.93
CA ALA E 186 -0.65 -11.41 43.38
C ALA E 186 0.39 -10.32 43.57
N VAL E 187 0.02 -9.06 43.37
CA VAL E 187 0.98 -7.97 43.50
C VAL E 187 1.40 -7.78 44.95
N GLN E 188 0.43 -7.75 45.87
CA GLN E 188 0.73 -7.50 47.27
C GLN E 188 1.55 -8.65 47.87
N ARG E 189 1.17 -9.89 47.58
CA ARG E 189 1.93 -11.02 48.08
C ARG E 189 3.18 -11.30 47.25
N LYS E 190 3.29 -10.71 46.07
CA LYS E 190 4.39 -10.96 45.14
C LYS E 190 4.48 -12.45 44.79
N ALA E 191 3.40 -12.94 44.18
CA ALA E 191 3.27 -14.33 43.77
C ALA E 191 3.13 -14.39 42.26
N ARG E 192 3.10 -15.63 41.75
CA ARG E 192 2.81 -15.82 40.34
C ARG E 192 1.32 -16.08 40.12
N PHE E 193 0.67 -16.72 41.09
CA PHE E 193 -0.73 -17.09 40.98
C PHE E 193 -1.51 -16.56 42.17
N ALA E 194 -2.77 -16.20 41.92
CA ALA E 194 -3.68 -15.74 42.97
C ALA E 194 -4.88 -16.68 43.01
N LYS E 195 -5.22 -17.15 44.20
CA LYS E 195 -6.33 -18.06 44.40
C LYS E 195 -7.45 -17.34 45.13
N LEU E 196 -8.63 -17.32 44.53
CA LEU E 196 -9.80 -16.68 45.12
C LEU E 196 -10.98 -17.63 45.04
N LYS E 197 -11.88 -17.49 46.01
CA LYS E 197 -13.04 -18.38 46.13
C LYS E 197 -14.28 -17.69 45.59
N VAL E 198 -15.04 -18.40 44.77
CA VAL E 198 -16.31 -17.91 44.23
C VAL E 198 -17.40 -18.91 44.57
N CYS E 199 -18.58 -18.40 44.86
CA CYS E 199 -19.74 -19.21 45.20
C CYS E 199 -20.76 -19.13 44.07
N VAL E 200 -21.07 -20.26 43.45
CA VAL E 200 -22.03 -20.33 42.36
C VAL E 200 -23.14 -21.29 42.79
N PHE E 201 -24.36 -20.77 42.90
CA PHE E 201 -25.52 -21.58 43.26
C PHE E 201 -26.67 -21.22 42.33
N LYS E 202 -27.34 -22.23 41.79
CA LYS E 202 -28.45 -21.99 40.89
C LYS E 202 -29.68 -21.49 41.64
N GLU E 203 -30.00 -22.11 42.76
CA GLU E 203 -31.14 -21.71 43.57
C GLU E 203 -30.71 -20.84 44.75
N GLU E 235 -17.08 -15.33 53.42
CA GLU E 235 -15.68 -15.61 53.12
C GLU E 235 -15.47 -15.77 51.62
N VAL E 236 -16.54 -15.56 50.86
CA VAL E 236 -16.50 -15.71 49.42
C VAL E 236 -16.21 -14.36 48.80
N ASP E 237 -15.19 -14.30 47.95
CA ASP E 237 -14.80 -13.03 47.34
C ASP E 237 -15.85 -12.54 46.35
N VAL E 238 -16.29 -13.42 45.46
CA VAL E 238 -17.24 -13.08 44.40
C VAL E 238 -18.34 -14.13 44.38
N SER E 239 -19.59 -13.70 44.42
CA SER E 239 -20.73 -14.61 44.46
C SER E 239 -21.63 -14.35 43.26
N PHE E 240 -22.07 -15.44 42.62
CA PHE E 240 -23.00 -15.37 41.50
C PHE E 240 -24.35 -15.92 41.95
N GLY E 241 -25.35 -15.06 41.97
CA GLY E 241 -26.60 -15.35 42.63
C GLY E 241 -27.49 -16.31 41.87
N PRO E 242 -28.72 -16.50 42.35
CA PRO E 242 -29.62 -17.47 41.72
C PRO E 242 -30.11 -16.99 40.36
N TRP E 243 -30.45 -17.96 39.51
CA TRP E 243 -31.02 -17.67 38.21
C TRP E 243 -32.03 -18.77 37.86
N GLU E 244 -32.98 -18.43 37.00
CA GLU E 244 -34.00 -19.37 36.55
C GLU E 244 -33.76 -19.67 35.09
N ALA E 245 -33.17 -20.83 34.81
CA ALA E 245 -32.88 -21.28 33.45
C ALA E 245 -32.61 -22.77 33.52
N VAL E 246 -32.31 -23.36 32.37
CA VAL E 246 -31.96 -24.78 32.33
C VAL E 246 -30.46 -25.01 32.27
N ALA E 247 -29.66 -23.94 32.23
CA ALA E 247 -28.22 -24.09 32.33
C ALA E 247 -27.82 -24.33 33.79
N ASP E 248 -26.96 -25.33 33.98
CA ASP E 248 -26.58 -25.78 35.30
C ASP E 248 -25.49 -24.88 35.88
N VAL E 249 -25.04 -25.22 37.09
CA VAL E 249 -23.96 -24.47 37.73
C VAL E 249 -22.68 -24.59 36.91
N TYR E 250 -22.39 -25.80 36.41
CA TYR E 250 -21.15 -26.02 35.68
C TYR E 250 -21.12 -25.25 34.36
N ASP E 251 -22.29 -24.82 33.87
CA ASP E 251 -22.31 -24.03 32.64
C ASP E 251 -21.88 -22.60 32.90
N LEU E 252 -22.21 -22.07 34.09
CA LEU E 252 -21.70 -20.75 34.46
C LEU E 252 -20.19 -20.78 34.60
N LEU E 253 -19.65 -21.84 35.20
CA LEU E 253 -18.19 -21.95 35.32
C LEU E 253 -17.53 -22.02 33.97
N HIS E 254 -18.22 -22.57 32.96
CA HIS E 254 -17.71 -22.49 31.61
C HIS E 254 -17.68 -21.06 31.10
N CYS E 255 -18.71 -20.27 31.45
CA CYS E 255 -18.70 -18.85 31.08
C CYS E 255 -17.57 -18.11 31.78
N LEU E 256 -17.32 -18.43 33.04
CA LEU E 256 -16.26 -17.75 33.78
C LEU E 256 -14.88 -18.05 33.19
N VAL E 257 -14.57 -19.33 32.99
CA VAL E 257 -13.24 -19.71 32.53
C VAL E 257 -13.02 -19.24 31.09
N THR E 258 -14.02 -19.40 30.24
CA THR E 258 -13.86 -18.97 28.85
C THR E 258 -13.70 -17.46 28.75
N ASP E 259 -14.50 -16.70 29.51
CA ASP E 259 -14.37 -15.26 29.48
C ASP E 259 -13.04 -14.80 30.06
N LEU E 260 -12.61 -15.43 31.16
CA LEU E 260 -11.31 -15.08 31.74
C LEU E 260 -10.17 -15.49 30.83
N SER E 261 -10.28 -16.65 30.19
CA SER E 261 -9.25 -17.07 29.25
C SER E 261 -9.24 -16.18 28.02
N ALA E 262 -10.41 -15.74 27.57
CA ALA E 262 -10.46 -14.80 26.45
C ALA E 262 -9.79 -13.48 26.79
N GLN E 263 -9.67 -13.18 28.09
CA GLN E 263 -8.95 -12.01 28.53
C GLN E 263 -7.45 -12.22 28.56
N GLY E 264 -6.98 -13.43 28.22
CA GLY E 264 -5.57 -13.75 28.23
C GLY E 264 -5.09 -14.41 29.50
N LEU E 265 -5.93 -14.46 30.54
CA LEU E 265 -5.55 -15.05 31.81
C LEU E 265 -5.52 -16.57 31.71
N THR E 266 -4.74 -17.19 32.60
CA THR E 266 -4.66 -18.63 32.72
C THR E 266 -5.39 -19.05 33.99
N VAL E 267 -6.54 -19.70 33.82
CA VAL E 267 -7.47 -19.92 34.92
C VAL E 267 -7.70 -21.41 35.13
N ASP E 268 -7.63 -21.83 36.38
CA ASP E 268 -8.00 -23.17 36.80
C ASP E 268 -8.94 -23.07 37.99
N HIS E 269 -9.91 -23.98 38.06
CA HIS E 269 -10.89 -23.97 39.14
C HIS E 269 -11.09 -25.38 39.67
N GLN E 270 -11.51 -25.45 40.94
CA GLN E 270 -11.84 -26.71 41.58
C GLN E 270 -12.87 -26.44 42.66
N CYS E 271 -13.58 -27.50 43.06
CA CYS E 271 -14.63 -27.40 44.07
C CYS E 271 -14.01 -27.67 45.43
N ILE E 272 -13.65 -26.59 46.15
CA ILE E 272 -13.06 -26.74 47.47
C ILE E 272 -14.09 -27.26 48.47
N GLY E 273 -15.36 -26.95 48.24
CA GLY E 273 -16.42 -27.41 49.13
C GLY E 273 -16.74 -26.41 50.24
N PRO E 288 -21.77 -24.35 48.08
CA PRO E 288 -20.87 -24.66 46.97
C PRO E 288 -19.91 -23.52 46.67
N ILE E 289 -18.66 -23.65 47.07
CA ILE E 289 -17.63 -22.64 46.86
C ILE E 289 -16.57 -23.21 45.94
N TYR E 290 -16.29 -22.49 44.86
CA TYR E 290 -15.30 -22.90 43.87
C TYR E 290 -14.08 -22.00 43.96
N GLU E 291 -12.90 -22.61 44.00
CA GLU E 291 -11.66 -21.86 44.12
C GLU E 291 -11.04 -21.67 42.74
N PHE E 292 -10.83 -20.41 42.35
CA PHE E 292 -10.24 -20.06 41.08
C PHE E 292 -8.80 -19.66 41.27
N LYS E 293 -7.90 -20.30 40.54
CA LYS E 293 -6.48 -19.97 40.57
C LYS E 293 -6.08 -19.38 39.22
N ILE E 294 -5.55 -18.16 39.25
CA ILE E 294 -5.15 -17.44 38.04
C ILE E 294 -3.64 -17.30 38.08
N THR E 295 -2.96 -17.80 37.05
CA THR E 295 -1.51 -17.76 36.96
C THR E 295 -1.11 -16.59 36.07
N TRP E 296 -0.41 -15.61 36.65
CA TRP E 296 0.00 -14.43 35.90
C TRP E 296 1.25 -14.71 35.07
N TRP E 297 2.14 -15.54 35.58
CA TRP E 297 3.37 -15.87 34.86
C TRP E 297 3.92 -17.22 35.32
N ASP F 14 -9.50 -20.99 -28.96
CA ASP F 14 -8.09 -21.37 -29.04
C ASP F 14 -7.49 -20.96 -30.38
N GLU F 15 -7.80 -21.72 -31.43
CA GLU F 15 -7.20 -21.47 -32.73
C GLU F 15 -7.68 -20.15 -33.32
N LYS F 16 -8.93 -19.77 -33.03
CA LYS F 16 -9.47 -18.54 -33.60
C LYS F 16 -8.74 -17.31 -33.08
N TYR F 17 -8.45 -17.27 -31.77
CA TYR F 17 -7.67 -16.17 -31.22
C TYR F 17 -6.22 -16.23 -31.68
N VAL F 18 -5.69 -17.46 -31.84
CA VAL F 18 -4.33 -17.62 -32.34
C VAL F 18 -4.20 -17.01 -33.73
N ASN F 19 -5.20 -17.23 -34.58
CA ASN F 19 -5.17 -16.65 -35.92
C ASN F 19 -5.23 -15.12 -35.86
N SER F 20 -5.98 -14.57 -34.90
CA SER F 20 -6.07 -13.12 -34.77
C SER F 20 -4.73 -12.52 -34.37
N ILE F 21 -4.09 -13.08 -33.33
CA ILE F 21 -2.78 -12.57 -32.94
C ILE F 21 -1.75 -12.85 -34.03
N TRP F 22 -1.97 -13.90 -34.84
CA TRP F 22 -1.18 -14.05 -36.05
C TRP F 22 -1.33 -12.91 -37.02
N ASP F 23 -2.54 -12.51 -37.36
CA ASP F 23 -2.67 -11.41 -38.30
C ASP F 23 -2.02 -10.16 -37.74
N LEU F 24 -2.14 -9.98 -36.42
CA LEU F 24 -1.54 -8.83 -35.75
C LEU F 24 -0.02 -8.84 -35.87
N LEU F 25 0.62 -9.95 -35.51
CA LEU F 25 2.08 -10.05 -35.60
C LEU F 25 2.56 -10.02 -37.04
N LYS F 26 1.77 -10.58 -37.95
CA LYS F 26 2.11 -10.55 -39.37
C LYS F 26 2.17 -9.11 -39.87
N ASN F 27 1.14 -8.32 -39.55
CA ASN F 27 1.16 -6.90 -39.91
C ASN F 27 2.32 -6.17 -39.24
N ALA F 28 2.58 -6.47 -37.97
CA ALA F 28 3.67 -5.79 -37.27
C ALA F 28 5.01 -6.09 -37.92
N ILE F 29 5.27 -7.35 -38.24
CA ILE F 29 6.55 -7.71 -38.87
C ILE F 29 6.66 -7.10 -40.25
N GLN F 30 5.56 -7.08 -41.01
CA GLN F 30 5.60 -6.44 -42.32
C GLN F 30 5.92 -4.96 -42.22
N GLU F 31 5.27 -4.25 -41.28
CA GLU F 31 5.50 -2.82 -41.20
C GLU F 31 6.87 -2.49 -40.62
N ILE F 32 7.43 -3.40 -39.83
CA ILE F 32 8.82 -3.26 -39.41
C ILE F 32 9.75 -3.41 -40.61
N GLN F 33 9.51 -4.45 -41.42
CA GLN F 33 10.37 -4.68 -42.58
C GLN F 33 10.23 -3.58 -43.63
N ARG F 34 9.15 -2.80 -43.56
CA ARG F 34 8.93 -1.70 -44.49
C ARG F 34 9.31 -0.35 -43.88
N LYS F 35 10.00 -0.36 -42.74
CA LYS F 35 10.55 0.84 -42.12
C LYS F 35 9.47 1.87 -41.79
N ASN F 36 8.55 1.49 -40.91
CA ASN F 36 7.52 2.39 -40.40
C ASN F 36 7.36 2.18 -38.90
N ASN F 37 6.87 3.21 -38.23
CA ASN F 37 6.59 3.12 -36.80
C ASN F 37 5.49 2.11 -36.54
N SER F 38 5.72 1.25 -35.55
CA SER F 38 4.73 0.23 -35.19
C SER F 38 3.45 0.88 -34.71
N GLY F 39 2.32 0.41 -35.22
CA GLY F 39 1.04 0.85 -34.69
C GLY F 39 0.83 0.38 -33.27
N LEU F 40 1.31 -0.82 -32.95
CA LEU F 40 1.23 -1.37 -31.60
C LEU F 40 2.47 -0.96 -30.80
N SER F 41 2.65 -1.58 -29.65
CA SER F 41 3.82 -1.37 -28.81
C SER F 41 4.64 -2.65 -28.76
N PHE F 42 5.85 -2.53 -28.22
CA PHE F 42 6.73 -3.69 -28.08
C PHE F 42 6.12 -4.73 -27.15
N GLU F 43 5.54 -4.29 -26.04
CA GLU F 43 5.10 -5.22 -25.00
C GLU F 43 3.96 -6.11 -25.49
N GLU F 44 3.03 -5.56 -26.27
CA GLU F 44 1.90 -6.35 -26.75
C GLU F 44 2.36 -7.43 -27.71
N LEU F 45 3.24 -7.08 -28.65
CA LEU F 45 3.76 -8.07 -29.59
C LEU F 45 4.59 -9.12 -28.88
N TYR F 46 5.40 -8.71 -27.90
CA TYR F 46 6.17 -9.68 -27.14
C TYR F 46 5.25 -10.63 -26.38
N ARG F 47 4.18 -10.10 -25.78
CA ARG F 47 3.24 -10.96 -25.07
C ARG F 47 2.56 -11.94 -26.03
N ASN F 48 2.20 -11.48 -27.23
CA ASN F 48 1.61 -12.36 -28.21
C ASN F 48 2.57 -13.51 -28.56
N ALA F 49 3.83 -13.17 -28.82
CA ALA F 49 4.81 -14.22 -29.16
C ALA F 49 5.04 -15.17 -27.98
N TYR F 50 5.09 -14.62 -26.76
CA TYR F 50 5.33 -15.45 -25.58
C TYR F 50 4.18 -16.42 -25.34
N THR F 51 2.94 -15.95 -25.50
CA THR F 51 1.79 -16.85 -25.39
C THR F 51 1.79 -17.87 -26.51
N MET F 52 2.17 -17.45 -27.73
CA MET F 52 2.25 -18.39 -28.84
C MET F 52 3.21 -19.52 -28.52
N VAL F 53 4.37 -19.19 -27.96
CA VAL F 53 5.36 -20.22 -27.63
C VAL F 53 4.88 -21.08 -26.46
N LEU F 54 4.20 -20.47 -25.48
CA LEU F 54 3.76 -21.24 -24.31
C LEU F 54 2.81 -22.36 -24.69
N HIS F 55 1.85 -22.07 -25.57
CA HIS F 55 0.85 -23.04 -25.97
C HIS F 55 1.34 -23.98 -27.06
N LYS F 56 2.65 -23.99 -27.33
CA LYS F 56 3.25 -24.85 -28.36
C LYS F 56 2.68 -24.54 -29.75
N HIS F 57 2.49 -23.25 -30.03
CA HIS F 57 2.20 -22.78 -31.38
C HIS F 57 3.41 -22.13 -32.03
N GLY F 58 4.62 -22.51 -31.58
CA GLY F 58 5.82 -21.90 -32.13
C GLY F 58 6.10 -22.28 -33.58
N GLU F 59 5.55 -23.41 -34.04
CA GLU F 59 5.77 -23.83 -35.42
C GLU F 59 5.19 -22.81 -36.41
N LYS F 60 3.95 -22.37 -36.16
CA LYS F 60 3.28 -21.49 -37.10
C LYS F 60 3.92 -20.10 -37.12
N LEU F 61 4.27 -19.56 -35.94
CA LEU F 61 4.94 -18.27 -35.89
C LEU F 61 6.32 -18.35 -36.53
N TYR F 62 7.03 -19.45 -36.28
CA TYR F 62 8.32 -19.69 -36.93
C TYR F 62 8.19 -19.69 -38.45
N THR F 63 7.28 -20.50 -38.98
CA THR F 63 7.20 -20.62 -40.43
C THR F 63 6.65 -19.34 -41.06
N GLY F 64 5.80 -18.60 -40.34
CA GLY F 64 5.35 -17.32 -40.85
C GLY F 64 6.44 -16.27 -40.87
N LEU F 65 7.30 -16.26 -39.84
CA LEU F 65 8.48 -15.41 -39.89
C LEU F 65 9.35 -15.77 -41.08
N ARG F 66 9.51 -17.07 -41.34
CA ARG F 66 10.25 -17.51 -42.52
C ARG F 66 9.59 -16.99 -43.80
N GLU F 67 8.26 -17.08 -43.87
CA GLU F 67 7.55 -16.60 -45.06
C GLU F 67 7.74 -15.10 -45.25
N VAL F 68 7.67 -14.33 -44.16
CA VAL F 68 7.77 -12.88 -44.27
C VAL F 68 9.19 -12.47 -44.66
N VAL F 69 10.21 -13.08 -44.04
CA VAL F 69 11.58 -12.75 -44.41
C VAL F 69 11.87 -13.19 -45.84
N THR F 70 11.27 -14.30 -46.28
CA THR F 70 11.46 -14.71 -47.67
C THR F 70 10.80 -13.73 -48.63
N GLU F 71 9.57 -13.29 -48.34
CA GLU F 71 8.92 -12.39 -49.28
C GLU F 71 9.63 -11.03 -49.30
N HIS F 72 10.20 -10.61 -48.17
CA HIS F 72 10.95 -9.36 -48.15
C HIS F 72 12.37 -9.51 -48.66
N LEU F 73 12.89 -10.72 -48.79
CA LEU F 73 14.28 -10.87 -49.24
C LEU F 73 14.31 -11.38 -50.67
N ILE F 74 13.80 -12.60 -50.87
CA ILE F 74 13.83 -13.24 -52.19
C ILE F 74 12.92 -12.51 -53.17
N ASN F 75 11.79 -12.03 -52.70
CA ASN F 75 10.84 -11.39 -53.59
C ASN F 75 11.00 -9.88 -53.66
N LYS F 76 11.75 -9.27 -52.74
CA LYS F 76 11.95 -7.81 -52.78
C LYS F 76 13.39 -7.43 -53.05
N VAL F 77 14.35 -7.79 -52.19
CA VAL F 77 15.68 -7.22 -52.35
C VAL F 77 16.49 -8.05 -53.34
N ARG F 78 16.15 -9.34 -53.47
CA ARG F 78 16.73 -10.16 -54.52
C ARG F 78 16.40 -9.60 -55.90
N GLU F 79 15.15 -9.21 -56.12
CA GLU F 79 14.81 -8.63 -57.41
C GLU F 79 15.33 -7.19 -57.52
N ASP F 80 15.43 -6.48 -56.39
CA ASP F 80 16.04 -5.14 -56.42
C ASP F 80 17.48 -5.21 -56.89
N VAL F 81 18.28 -6.11 -56.32
CA VAL F 81 19.67 -6.24 -56.74
C VAL F 81 19.74 -6.81 -58.16
N LEU F 82 18.81 -7.71 -58.51
CA LEU F 82 18.74 -8.20 -59.88
C LEU F 82 18.37 -7.08 -60.86
N ASN F 83 17.45 -6.20 -60.46
CA ASN F 83 17.06 -5.08 -61.30
C ASN F 83 17.96 -3.87 -61.13
N SER F 84 18.97 -3.93 -60.25
CA SER F 84 19.94 -2.87 -60.09
C SER F 84 21.37 -3.40 -60.18
N LEU F 85 21.61 -4.30 -61.13
CA LEU F 85 22.96 -4.85 -61.31
C LEU F 85 23.94 -3.76 -61.74
N ASN F 86 23.52 -2.88 -62.65
CA ASN F 86 24.39 -1.83 -63.17
C ASN F 86 24.11 -0.47 -62.56
N ASN F 87 23.20 -0.37 -61.59
CA ASN F 87 22.86 0.89 -60.93
C ASN F 87 23.17 0.77 -59.45
N ASN F 88 24.39 1.13 -59.07
CA ASN F 88 24.83 1.15 -57.68
C ASN F 88 24.63 -0.22 -57.03
N PHE F 89 25.18 -1.26 -57.66
CA PHE F 89 25.01 -2.62 -57.16
C PHE F 89 25.56 -2.76 -55.75
N LEU F 90 26.79 -2.29 -55.52
CA LEU F 90 27.36 -2.35 -54.18
C LEU F 90 26.58 -1.45 -53.22
N GLN F 91 26.15 -0.28 -53.70
CA GLN F 91 25.41 0.64 -52.83
C GLN F 91 24.05 0.06 -52.44
N THR F 92 23.32 -0.51 -53.40
CA THR F 92 22.02 -1.10 -53.07
C THR F 92 22.19 -2.34 -52.21
N LEU F 93 23.27 -3.10 -52.43
CA LEU F 93 23.55 -4.25 -51.57
C LEU F 93 23.81 -3.80 -50.14
N ASN F 94 24.56 -2.71 -49.97
CA ASN F 94 24.82 -2.18 -48.63
C ASN F 94 23.54 -1.70 -47.97
N GLN F 95 22.68 -1.01 -48.73
CA GLN F 95 21.40 -0.58 -48.18
C GLN F 95 20.55 -1.76 -47.75
N ALA F 96 20.49 -2.80 -48.58
CA ALA F 96 19.74 -4.00 -48.23
C ALA F 96 20.32 -4.66 -46.98
N TRP F 97 21.65 -4.70 -46.87
CA TRP F 97 22.27 -5.30 -45.70
C TRP F 97 21.94 -4.53 -44.43
N ASN F 98 22.02 -3.20 -44.49
CA ASN F 98 21.71 -2.38 -43.32
C ASN F 98 20.24 -2.55 -42.92
N ASP F 99 19.34 -2.53 -43.91
CA ASP F 99 17.93 -2.71 -43.60
C ASP F 99 17.65 -4.08 -43.02
N HIS F 100 18.28 -5.12 -43.56
CA HIS F 100 18.10 -6.47 -43.03
C HIS F 100 18.60 -6.56 -41.59
N GLN F 101 19.75 -5.97 -41.31
CA GLN F 101 20.28 -6.03 -39.95
C GLN F 101 19.36 -5.32 -38.97
N THR F 102 18.92 -4.10 -39.30
CA THR F 102 18.03 -3.37 -38.39
C THR F 102 16.71 -4.12 -38.19
N ALA F 103 16.11 -4.60 -39.29
CA ALA F 103 14.84 -5.28 -39.19
C ALA F 103 14.95 -6.55 -38.35
N MET F 104 16.01 -7.33 -38.56
CA MET F 104 16.17 -8.56 -37.78
C MET F 104 16.51 -8.26 -36.32
N VAL F 105 17.21 -7.16 -36.04
CA VAL F 105 17.42 -6.78 -34.64
C VAL F 105 16.08 -6.52 -33.96
N MET F 106 15.20 -5.74 -34.61
CA MET F 106 13.91 -5.47 -34.00
C MET F 106 13.06 -6.73 -33.87
N ILE F 107 13.06 -7.57 -34.90
CA ILE F 107 12.26 -8.79 -34.87
C ILE F 107 12.75 -9.74 -33.79
N ARG F 108 14.07 -9.89 -33.67
CA ARG F 108 14.64 -10.73 -32.62
C ARG F 108 14.31 -10.16 -31.25
N ASP F 109 14.22 -8.82 -31.14
CA ASP F 109 13.75 -8.22 -29.91
C ASP F 109 12.32 -8.63 -29.59
N ILE F 110 11.46 -8.67 -30.60
CA ILE F 110 10.06 -9.05 -30.36
C ILE F 110 9.94 -10.54 -30.06
N LEU F 111 10.70 -11.38 -30.78
CA LEU F 111 10.55 -12.82 -30.70
C LEU F 111 11.62 -13.47 -29.84
N MET F 112 11.97 -12.84 -28.73
CA MET F 112 13.08 -13.31 -27.91
C MET F 112 12.76 -14.63 -27.21
N TYR F 113 11.48 -14.93 -26.98
CA TYR F 113 11.15 -16.12 -26.21
C TYR F 113 11.46 -17.39 -26.98
N MET F 114 11.30 -17.38 -28.30
CA MET F 114 11.84 -18.51 -29.07
C MET F 114 13.34 -18.62 -28.90
N ASP F 115 14.05 -17.50 -28.94
CA ASP F 115 15.48 -17.53 -28.67
C ASP F 115 15.78 -18.20 -27.33
N ARG F 116 14.86 -18.07 -26.38
CA ARG F 116 15.08 -18.73 -25.08
C ARG F 116 14.76 -20.23 -25.13
N VAL F 117 13.65 -20.63 -25.73
CA VAL F 117 13.22 -22.02 -25.59
C VAL F 117 13.04 -22.73 -26.92
N TYR F 118 12.39 -22.08 -27.88
CA TYR F 118 11.93 -22.79 -29.08
C TYR F 118 13.08 -23.17 -30.00
N VAL F 119 13.97 -22.23 -30.32
CA VAL F 119 15.11 -22.57 -31.16
C VAL F 119 16.05 -23.50 -30.41
N GLN F 120 15.97 -23.50 -29.08
CA GLN F 120 16.81 -24.40 -28.29
C GLN F 120 16.32 -25.84 -28.40
N GLN F 121 15.01 -26.05 -28.25
CA GLN F 121 14.47 -27.41 -28.31
C GLN F 121 14.55 -27.98 -29.72
N ASN F 122 14.37 -27.13 -30.74
CA ASN F 122 14.49 -27.56 -32.12
C ASN F 122 15.92 -27.48 -32.65
N ASN F 123 16.87 -27.06 -31.81
CA ASN F 123 18.30 -26.97 -32.12
C ASN F 123 18.60 -25.97 -33.23
N VAL F 124 17.60 -25.24 -33.72
CA VAL F 124 17.85 -24.22 -34.73
C VAL F 124 18.59 -23.04 -34.10
N GLU F 125 19.45 -22.41 -34.88
CA GLU F 125 20.17 -21.23 -34.43
C GLU F 125 19.17 -20.10 -34.12
N ASN F 126 19.70 -19.04 -33.50
CA ASN F 126 18.84 -17.95 -33.03
C ASN F 126 18.20 -17.22 -34.20
N VAL F 127 17.30 -16.30 -33.87
CA VAL F 127 16.53 -15.58 -34.88
C VAL F 127 17.45 -14.75 -35.77
N TYR F 128 18.41 -14.04 -35.16
CA TYR F 128 19.35 -13.26 -35.95
C TYR F 128 20.24 -14.17 -36.78
N ASN F 129 20.69 -15.29 -36.21
CA ASN F 129 21.45 -16.25 -36.99
C ASN F 129 20.60 -16.88 -38.09
N LEU F 130 19.32 -17.09 -37.82
CA LEU F 130 18.43 -17.57 -38.87
C LEU F 130 18.34 -16.57 -40.02
N GLY F 131 18.21 -15.28 -39.68
CA GLY F 131 18.20 -14.26 -40.72
C GLY F 131 19.50 -14.24 -41.50
N LEU F 132 20.63 -14.43 -40.81
CA LEU F 132 21.92 -14.49 -41.48
C LEU F 132 22.02 -15.68 -42.43
N ILE F 133 21.54 -16.85 -41.99
CA ILE F 133 21.57 -18.03 -42.85
C ILE F 133 20.69 -17.81 -44.08
N ILE F 134 19.49 -17.26 -43.88
CA ILE F 134 18.61 -16.99 -45.01
C ILE F 134 19.26 -15.99 -45.94
N PHE F 135 19.87 -14.94 -45.39
CA PHE F 135 20.54 -13.95 -46.23
C PHE F 135 21.63 -14.58 -47.08
N ARG F 136 22.54 -15.33 -46.46
CA ARG F 136 23.62 -15.91 -47.26
C ARG F 136 23.06 -16.86 -48.32
N ASP F 137 22.20 -17.81 -47.91
CA ASP F 137 21.72 -18.83 -48.82
C ASP F 137 20.96 -18.23 -50.00
N GLN F 138 20.09 -17.25 -49.74
CA GLN F 138 19.26 -16.74 -50.82
C GLN F 138 19.95 -15.61 -51.57
N VAL F 139 20.31 -14.53 -50.89
CA VAL F 139 20.81 -13.33 -51.54
C VAL F 139 22.33 -13.18 -51.44
N VAL F 140 23.07 -14.27 -51.21
CA VAL F 140 24.52 -14.23 -51.38
C VAL F 140 24.94 -15.34 -52.33
N ARG F 141 24.37 -16.53 -52.14
CA ARG F 141 24.81 -17.73 -52.84
C ARG F 141 24.18 -17.89 -54.22
N TYR F 142 23.31 -16.98 -54.64
CA TYR F 142 22.76 -17.07 -55.99
C TYR F 142 23.86 -16.84 -57.03
N GLY F 143 23.79 -17.56 -58.14
CA GLY F 143 24.86 -17.53 -59.12
C GLY F 143 25.05 -16.16 -59.77
N CYS F 144 23.95 -15.53 -60.20
CA CYS F 144 24.07 -14.27 -60.93
C CYS F 144 24.65 -13.17 -60.06
N ILE F 145 24.09 -12.98 -58.86
CA ILE F 145 24.63 -11.96 -57.95
C ILE F 145 26.02 -12.33 -57.49
N ARG F 146 26.31 -13.63 -57.38
CA ARG F 146 27.67 -14.06 -57.07
C ARG F 146 28.67 -13.59 -58.11
N ASP F 147 28.39 -13.87 -59.39
CA ASP F 147 29.33 -13.47 -60.44
C ASP F 147 29.40 -11.96 -60.57
N HIS F 148 28.27 -11.26 -60.40
CA HIS F 148 28.30 -9.81 -60.49
C HIS F 148 29.10 -9.20 -59.35
N LEU F 149 28.96 -9.73 -58.14
CA LEU F 149 29.74 -9.24 -57.01
C LEU F 149 31.21 -9.51 -57.19
N ARG F 150 31.56 -10.70 -57.70
CA ARG F 150 32.96 -11.01 -57.97
C ARG F 150 33.53 -10.07 -59.01
N GLN F 151 32.77 -9.81 -60.08
CA GLN F 151 33.24 -8.92 -61.13
C GLN F 151 33.41 -7.50 -60.61
N THR F 152 32.45 -7.02 -59.80
CA THR F 152 32.54 -5.67 -59.25
C THR F 152 33.74 -5.53 -58.32
N LEU F 153 33.96 -6.53 -57.46
CA LEU F 153 35.11 -6.48 -56.56
C LEU F 153 36.42 -6.51 -57.34
N LEU F 154 36.51 -7.36 -58.36
CA LEU F 154 37.72 -7.43 -59.17
C LEU F 154 37.96 -6.12 -59.91
N ASP F 155 36.90 -5.51 -60.45
CA ASP F 155 37.04 -4.24 -61.16
C ASP F 155 37.47 -3.14 -60.21
N MET F 156 36.92 -3.10 -59.00
CA MET F 156 37.33 -2.10 -58.02
C MET F 156 38.79 -2.30 -57.63
N ILE F 157 39.21 -3.54 -57.42
CA ILE F 157 40.59 -3.81 -57.05
C ILE F 157 41.54 -3.40 -58.19
N ALA F 158 41.17 -3.71 -59.43
CA ALA F 158 42.00 -3.33 -60.57
C ALA F 158 42.08 -1.81 -60.71
N ARG F 159 40.94 -1.12 -60.53
CA ARG F 159 40.95 0.34 -60.62
C ARG F 159 41.82 0.96 -59.54
N GLU F 160 41.75 0.42 -58.32
CA GLU F 160 42.63 0.89 -57.26
C GLU F 160 44.09 0.65 -57.60
N ARG F 161 44.40 -0.54 -58.13
CA ARG F 161 45.77 -0.83 -58.55
C ARG F 161 46.18 0.04 -59.73
N LYS F 162 45.28 0.26 -60.68
CA LYS F 162 45.58 1.08 -61.85
C LYS F 162 45.70 2.57 -61.52
N GLY F 163 45.33 2.98 -60.32
CA GLY F 163 45.38 4.37 -59.91
C GLY F 163 44.03 5.08 -59.90
N GLU F 164 43.00 4.47 -60.45
CA GLU F 164 41.67 5.07 -60.41
C GLU F 164 41.17 5.14 -58.97
N VAL F 165 40.49 6.23 -58.64
CA VAL F 165 39.99 6.49 -57.30
C VAL F 165 38.56 5.96 -57.19
N VAL F 166 38.34 5.05 -56.24
CA VAL F 166 37.02 4.48 -55.99
C VAL F 166 36.72 4.59 -54.50
N ASP F 167 35.47 4.34 -54.15
CA ASP F 167 35.04 4.43 -52.76
C ASP F 167 35.59 3.24 -51.98
N ARG F 168 36.69 3.47 -51.26
CA ARG F 168 37.27 2.41 -50.45
C ARG F 168 36.36 2.04 -49.28
N GLY F 169 35.64 3.02 -48.72
CA GLY F 169 34.72 2.74 -47.64
C GLY F 169 33.59 1.81 -48.07
N ALA F 170 33.12 1.97 -49.31
CA ALA F 170 32.08 1.09 -49.82
C ALA F 170 32.58 -0.35 -49.93
N ILE F 171 33.82 -0.53 -50.40
CA ILE F 171 34.38 -1.87 -50.49
C ILE F 171 34.61 -2.46 -49.10
N ARG F 172 34.99 -1.61 -48.13
CA ARG F 172 35.13 -2.07 -46.77
C ARG F 172 33.79 -2.52 -46.20
N ASN F 173 32.73 -1.77 -46.48
CA ASN F 173 31.39 -2.16 -46.04
C ASN F 173 30.97 -3.48 -46.68
N ALA F 174 31.27 -3.64 -47.98
CA ALA F 174 30.96 -4.90 -48.66
C ALA F 174 31.71 -6.07 -48.04
N CYS F 175 33.00 -5.86 -47.69
CA CYS F 175 33.76 -6.91 -47.04
C CYS F 175 33.20 -7.24 -45.67
N GLN F 176 32.77 -6.22 -44.92
CA GLN F 176 32.16 -6.46 -43.62
C GLN F 176 30.86 -7.26 -43.77
N MET F 177 30.05 -6.92 -44.78
CA MET F 177 28.83 -7.68 -45.03
C MET F 177 29.14 -9.12 -45.39
N LEU F 178 30.16 -9.34 -46.23
CA LEU F 178 30.52 -10.69 -46.63
C LEU F 178 31.02 -11.50 -45.43
N MET F 179 31.79 -10.87 -44.55
CA MET F 179 32.31 -11.59 -43.39
C MET F 179 31.19 -12.02 -42.45
N ILE F 180 30.19 -11.16 -42.25
CA ILE F 180 29.09 -11.46 -41.34
C ILE F 180 27.98 -12.26 -42.01
N LEU F 181 28.03 -12.41 -43.33
CA LEU F 181 27.02 -13.22 -44.02
C LEU F 181 27.08 -14.68 -43.57
N GLY F 182 28.27 -15.22 -43.40
CA GLY F 182 28.41 -16.55 -42.87
C GLY F 182 28.15 -16.60 -41.37
N LEU F 183 27.81 -17.79 -40.88
CA LEU F 183 27.48 -17.98 -39.48
C LEU F 183 28.77 -17.98 -38.66
N GLU F 184 29.29 -16.77 -38.39
CA GLU F 184 30.51 -16.60 -37.61
C GLU F 184 31.67 -17.40 -38.20
N GLY F 185 31.76 -17.39 -39.53
CA GLY F 185 32.79 -18.13 -40.22
C GLY F 185 33.27 -17.38 -41.45
N ARG F 186 34.51 -17.67 -41.84
CA ARG F 186 35.11 -17.04 -43.00
C ARG F 186 34.83 -17.81 -44.29
N SER F 187 34.08 -18.91 -44.21
CA SER F 187 33.79 -19.70 -45.42
C SER F 187 33.01 -18.88 -46.44
N VAL F 188 32.01 -18.13 -45.98
CA VAL F 188 31.24 -17.30 -46.89
C VAL F 188 32.12 -16.22 -47.51
N TYR F 189 32.87 -15.49 -46.68
CA TYR F 189 33.73 -14.43 -47.19
C TYR F 189 34.80 -15.00 -48.12
N GLU F 190 35.41 -16.12 -47.73
CA GLU F 190 36.40 -16.75 -48.59
C GLU F 190 35.80 -17.11 -49.95
N GLU F 191 34.80 -17.99 -49.97
CA GLU F 191 34.26 -18.50 -51.22
C GLU F 191 33.60 -17.39 -52.04
N ASP F 192 33.28 -16.26 -51.41
CA ASP F 192 32.64 -15.16 -52.12
C ASP F 192 33.64 -14.18 -52.73
N PHE F 193 34.71 -13.83 -52.03
CA PHE F 193 35.63 -12.83 -52.55
C PHE F 193 37.04 -13.37 -52.72
N GLU F 194 37.54 -14.08 -51.71
CA GLU F 194 38.98 -14.34 -51.62
C GLU F 194 39.47 -15.17 -52.79
N ALA F 195 38.76 -16.24 -53.14
CA ALA F 195 39.19 -17.07 -54.25
C ALA F 195 39.26 -16.31 -55.57
N PRO F 196 38.20 -15.61 -56.01
CA PRO F 196 38.35 -14.74 -57.18
C PRO F 196 39.39 -13.65 -56.95
N PHE F 197 39.45 -13.09 -55.74
CA PHE F 197 40.47 -12.10 -55.43
C PHE F 197 41.87 -12.71 -55.49
N LEU F 198 42.03 -13.94 -54.98
CA LEU F 198 43.33 -14.60 -55.04
C LEU F 198 43.75 -14.84 -56.48
N GLU F 199 42.82 -15.31 -57.33
CA GLU F 199 43.16 -15.56 -58.72
C GLU F 199 43.51 -14.26 -59.45
N MET F 200 42.72 -13.21 -59.25
CA MET F 200 43.01 -11.93 -59.89
C MET F 200 44.34 -11.36 -59.42
N SER F 201 44.61 -11.47 -58.11
CA SER F 201 45.87 -10.98 -57.57
C SER F 201 47.05 -11.77 -58.12
N ALA F 202 46.89 -13.09 -58.27
CA ALA F 202 47.97 -13.89 -58.84
C ALA F 202 48.25 -13.50 -60.29
N GLU F 203 47.19 -13.31 -61.08
CA GLU F 203 47.38 -12.91 -62.47
C GLU F 203 48.03 -11.53 -62.56
N PHE F 204 47.56 -10.57 -61.76
CA PHE F 204 48.13 -9.23 -61.77
C PHE F 204 49.58 -9.25 -61.30
N PHE F 205 49.89 -10.06 -60.29
CA PHE F 205 51.26 -10.17 -59.80
C PHE F 205 52.18 -10.77 -60.85
N GLN F 206 51.70 -11.80 -61.56
CA GLN F 206 52.50 -12.37 -62.64
C GLN F 206 52.78 -11.35 -63.74
N MET F 207 51.74 -10.63 -64.16
CA MET F 207 51.94 -9.61 -65.20
C MET F 207 52.89 -8.51 -64.75
N GLU F 208 52.71 -8.03 -63.51
CA GLU F 208 53.57 -6.96 -63.01
C GLU F 208 55.01 -7.44 -62.83
N SER F 209 55.20 -8.67 -62.37
CA SER F 209 56.55 -9.22 -62.22
C SER F 209 57.22 -9.35 -63.58
N GLN F 210 56.49 -9.82 -64.60
CA GLN F 210 57.06 -9.89 -65.93
C GLN F 210 57.44 -8.51 -66.45
N LYS F 211 56.56 -7.53 -66.26
CA LYS F 211 56.84 -6.17 -66.72
C LYS F 211 58.05 -5.58 -66.00
N PHE F 212 58.15 -5.79 -64.69
CA PHE F 212 59.26 -5.26 -63.92
C PHE F 212 60.58 -5.93 -64.31
N LEU F 213 60.54 -7.25 -64.51
CA LEU F 213 61.75 -7.95 -64.95
C LEU F 213 62.21 -7.46 -66.32
N ALA F 214 61.25 -7.22 -67.22
CA ALA F 214 61.60 -6.75 -68.57
C ALA F 214 62.15 -5.33 -68.54
N GLU F 215 61.55 -4.46 -67.73
CA GLU F 215 61.87 -3.03 -67.82
C GLU F 215 62.84 -2.60 -66.73
N ASN F 216 62.66 -3.09 -65.51
CA ASN F 216 63.39 -2.59 -64.36
C ASN F 216 64.58 -3.48 -64.03
N SER F 217 65.63 -2.85 -63.50
CA SER F 217 66.82 -3.57 -63.08
C SER F 217 66.57 -4.30 -61.76
N ALA F 218 67.62 -4.98 -61.28
CA ALA F 218 67.48 -5.81 -60.08
C ALA F 218 67.04 -4.97 -58.88
N SER F 219 67.75 -3.88 -58.59
CA SER F 219 67.34 -3.00 -57.51
C SER F 219 66.00 -2.34 -57.83
N VAL F 220 65.80 -1.94 -59.08
CA VAL F 220 64.54 -1.33 -59.48
C VAL F 220 63.40 -2.33 -59.36
N TYR F 221 63.64 -3.59 -59.76
CA TYR F 221 62.61 -4.61 -59.61
C TYR F 221 62.29 -4.88 -58.14
N ILE F 222 63.32 -4.87 -57.28
CA ILE F 222 63.09 -5.06 -55.86
C ILE F 222 62.26 -3.91 -55.30
N LYS F 223 62.57 -2.68 -55.71
CA LYS F 223 61.79 -1.53 -55.27
C LYS F 223 60.34 -1.62 -55.75
N LYS F 224 60.14 -2.05 -56.99
CA LYS F 224 58.80 -2.20 -57.52
C LYS F 224 58.02 -3.27 -56.77
N VAL F 225 58.68 -4.39 -56.44
CA VAL F 225 58.02 -5.45 -55.68
C VAL F 225 57.65 -4.95 -54.28
N GLU F 226 58.56 -4.19 -53.65
CA GLU F 226 58.25 -3.64 -52.33
C GLU F 226 57.09 -2.66 -52.40
N ALA F 227 57.04 -1.83 -53.45
CA ALA F 227 55.93 -0.91 -53.62
C ALA F 227 54.62 -1.66 -53.83
N ARG F 228 54.64 -2.73 -54.62
CA ARG F 228 53.44 -3.53 -54.83
C ARG F 228 52.98 -4.17 -53.53
N ILE F 229 53.91 -4.68 -52.72
CA ILE F 229 53.56 -5.28 -51.44
C ILE F 229 52.95 -4.23 -50.52
N ASN F 230 53.54 -3.04 -50.48
CA ASN F 230 53.00 -1.96 -49.65
C ASN F 230 51.61 -1.55 -50.11
N GLU F 231 51.40 -1.48 -51.43
CA GLU F 231 50.07 -1.14 -51.95
C GLU F 231 49.06 -2.22 -51.59
N GLU F 232 49.45 -3.49 -51.69
CA GLU F 232 48.54 -4.57 -51.30
C GLU F 232 48.20 -4.50 -49.82
N ILE F 233 49.18 -4.21 -48.98
CA ILE F 233 48.93 -4.09 -47.55
C ILE F 233 47.99 -2.92 -47.27
N GLU F 234 48.20 -1.79 -47.94
CA GLU F 234 47.33 -0.64 -47.76
C GLU F 234 45.91 -0.94 -48.21
N ARG F 235 45.76 -1.64 -49.34
CA ARG F 235 44.43 -2.02 -49.82
C ARG F 235 43.74 -2.97 -48.85
N VAL F 236 44.51 -3.92 -48.28
CA VAL F 236 43.94 -4.84 -47.30
C VAL F 236 43.47 -4.08 -46.06
N MET F 237 44.29 -3.12 -45.60
CA MET F 237 43.93 -2.35 -44.42
C MET F 237 42.70 -1.47 -44.68
N HIS F 238 42.60 -0.90 -45.88
CA HIS F 238 41.54 0.07 -46.14
C HIS F 238 40.23 -0.61 -46.51
N CYS F 239 40.25 -1.52 -47.48
CA CYS F 239 39.00 -2.05 -48.03
C CYS F 239 39.07 -3.57 -48.22
N LEU F 240 39.57 -4.29 -47.23
CA LEU F 240 39.59 -5.75 -47.30
C LEU F 240 39.65 -6.30 -45.89
N ASP F 241 39.40 -7.61 -45.78
CA ASP F 241 39.45 -8.27 -44.48
C ASP F 241 40.89 -8.37 -43.97
N LYS F 242 41.06 -8.15 -42.67
CA LYS F 242 42.39 -8.22 -42.09
C LYS F 242 42.86 -9.67 -41.94
N SER F 243 41.93 -10.59 -41.73
CA SER F 243 42.30 -11.99 -41.56
C SER F 243 42.92 -12.57 -42.83
N THR F 244 42.36 -12.22 -43.98
CA THR F 244 42.84 -12.74 -45.26
C THR F 244 43.97 -11.89 -45.85
N GLU F 245 44.40 -10.84 -45.16
CA GLU F 245 45.48 -10.01 -45.68
C GLU F 245 46.78 -10.78 -45.80
N GLU F 246 47.10 -11.61 -44.81
CA GLU F 246 48.35 -12.36 -44.83
C GLU F 246 48.43 -13.33 -46.01
N PRO F 247 47.40 -14.13 -46.32
CA PRO F 247 47.52 -15.05 -47.46
C PRO F 247 47.74 -14.34 -48.78
N ILE F 248 47.18 -13.15 -48.96
CA ILE F 248 47.35 -12.41 -50.21
C ILE F 248 48.79 -11.93 -50.35
N VAL F 249 49.42 -11.54 -49.23
CA VAL F 249 50.79 -11.03 -49.28
C VAL F 249 51.75 -12.13 -49.71
N LYS F 250 51.56 -13.35 -49.22
CA LYS F 250 52.45 -14.44 -49.57
C LYS F 250 52.39 -14.75 -51.07
N VAL F 251 51.19 -14.73 -51.64
CA VAL F 251 51.06 -14.97 -53.08
C VAL F 251 51.72 -13.85 -53.88
N VAL F 252 51.62 -12.62 -53.37
CA VAL F 252 52.25 -11.49 -54.05
C VAL F 252 53.77 -11.65 -54.07
N GLU F 253 54.36 -12.08 -52.96
CA GLU F 253 55.80 -12.29 -52.91
C GLU F 253 56.23 -13.41 -53.85
N ARG F 254 55.46 -14.50 -53.90
CA ARG F 254 55.81 -15.60 -54.79
C ARG F 254 55.71 -15.17 -56.26
N GLU F 255 54.68 -14.42 -56.61
CA GLU F 255 54.49 -13.97 -57.98
C GLU F 255 54.77 -12.48 -58.11
N LEU G 53 5.07 31.43 16.49
CA LEU G 53 3.90 32.04 15.86
C LEU G 53 2.63 31.28 16.21
N PRO G 54 1.51 32.00 16.35
CA PRO G 54 0.23 31.33 16.60
C PRO G 54 -0.27 30.63 15.35
N GLN G 55 0.26 29.43 15.08
CA GLN G 55 -0.08 28.72 13.86
C GLN G 55 -1.56 28.34 13.85
N GLU G 56 -2.18 28.47 12.69
CA GLU G 56 -3.59 28.13 12.50
C GLU G 56 -3.67 26.81 11.74
N PHE G 57 -4.39 25.84 12.31
CA PHE G 57 -4.50 24.53 11.71
C PHE G 57 -5.89 24.34 11.09
N PRO G 58 -5.98 23.65 9.97
CA PRO G 58 -7.29 23.35 9.40
C PRO G 58 -8.08 22.40 10.29
N GLU G 59 -9.40 22.45 10.16
CA GLU G 59 -10.24 21.54 10.95
C GLU G 59 -9.96 20.10 10.60
N VAL G 60 -9.78 19.80 9.31
CA VAL G 60 -9.31 18.50 8.86
C VAL G 60 -7.81 18.59 8.69
N VAL G 61 -7.07 17.83 9.48
CA VAL G 61 -5.62 17.91 9.54
C VAL G 61 -5.03 16.73 8.76
N PRO G 62 -4.42 16.96 7.60
CA PRO G 62 -3.67 15.88 6.95
C PRO G 62 -2.38 15.59 7.69
N LEU G 63 -2.10 14.31 7.89
CA LEU G 63 -0.97 13.89 8.70
C LEU G 63 -0.06 12.99 7.88
N ASN G 64 1.25 13.15 8.08
CA ASN G 64 2.26 12.31 7.46
C ASN G 64 3.17 11.80 8.56
N ILE G 65 3.07 10.51 8.87
CA ILE G 65 3.78 9.91 9.99
C ILE G 65 4.86 9.01 9.41
N GLY G 66 6.05 9.56 9.20
CA GLY G 66 7.15 8.78 8.67
C GLY G 66 6.86 8.16 7.32
N GLY G 67 6.25 8.92 6.41
CA GLY G 67 5.89 8.40 5.11
C GLY G 67 4.53 7.73 5.03
N ALA G 68 3.83 7.58 6.15
CA ALA G 68 2.50 6.99 6.18
C ALA G 68 1.48 8.12 6.26
N HIS G 69 0.47 8.06 5.40
CA HIS G 69 -0.50 9.14 5.26
C HIS G 69 -1.74 8.85 6.10
N PHE G 70 -2.03 9.75 7.03
CA PHE G 70 -3.22 9.70 7.85
C PHE G 70 -3.95 11.03 7.75
N THR G 71 -5.26 11.00 7.96
CA THR G 71 -6.06 12.20 7.98
C THR G 71 -7.00 12.14 9.17
N THR G 72 -7.05 13.23 9.93
CA THR G 72 -7.86 13.28 11.13
C THR G 72 -8.30 14.73 11.37
N ARG G 73 -9.25 14.89 12.27
CA ARG G 73 -9.78 16.20 12.60
C ARG G 73 -8.94 16.83 13.71
N LEU G 74 -9.01 18.16 13.78
CA LEU G 74 -8.25 18.88 14.80
C LEU G 74 -8.72 18.51 16.20
N SER G 75 -10.03 18.35 16.38
CA SER G 75 -10.56 18.03 17.70
C SER G 75 -10.09 16.65 18.17
N THR G 76 -9.87 15.73 17.24
CA THR G 76 -9.34 14.42 17.61
C THR G 76 -7.94 14.54 18.20
N LEU G 77 -7.08 15.35 17.57
CA LEU G 77 -5.71 15.50 18.06
C LEU G 77 -5.69 16.24 19.40
N ARG G 78 -6.53 17.26 19.55
CA ARG G 78 -6.60 18.07 20.75
C ARG G 78 -7.53 17.49 21.81
N ARG G 79 -7.85 16.19 21.72
CA ARG G 79 -8.87 15.63 22.61
C ARG G 79 -8.37 15.56 24.05
N TYR G 80 -7.15 15.10 24.25
CA TYR G 80 -6.51 15.08 25.57
C TYR G 80 -5.51 16.22 25.62
N GLU G 81 -5.70 17.14 26.57
CA GLU G 81 -4.93 18.39 26.56
C GLU G 81 -3.46 18.14 26.88
N ASP G 82 -3.15 17.21 27.78
CA ASP G 82 -1.77 16.90 28.13
C ASP G 82 -1.32 15.70 27.30
N THR G 83 -0.80 16.02 26.11
CA THR G 83 -0.38 15.00 25.15
C THR G 83 0.57 15.65 24.16
N MET G 84 1.48 14.84 23.61
CA MET G 84 2.31 15.32 22.51
C MET G 84 1.48 15.91 21.39
N LEU G 85 0.41 15.22 21.00
CA LEU G 85 -0.36 15.66 19.84
C LEU G 85 -1.11 16.95 20.13
N ALA G 86 -1.58 17.12 21.37
CA ALA G 86 -2.26 18.37 21.73
C ALA G 86 -1.29 19.53 21.77
N ALA G 87 -0.13 19.36 22.41
CA ALA G 87 0.84 20.43 22.50
C ALA G 87 1.40 20.78 21.13
N MET G 88 1.63 19.77 20.29
CA MET G 88 2.14 20.00 18.94
C MET G 88 1.12 20.77 18.11
N PHE G 89 -0.16 20.44 18.24
CA PHE G 89 -1.23 21.08 17.48
C PHE G 89 -2.00 22.09 18.32
N SER G 90 -1.38 22.64 19.35
CA SER G 90 -2.00 23.70 20.14
C SER G 90 -1.84 25.07 19.51
N GLY G 91 -1.03 25.20 18.46
CA GLY G 91 -0.79 26.47 17.82
C GLY G 91 0.35 27.28 18.38
N ARG G 92 1.00 26.80 19.45
CA ARG G 92 2.13 27.50 20.05
C ARG G 92 3.45 27.16 19.38
N HIS G 93 3.49 26.16 18.52
CA HIS G 93 4.73 25.71 17.89
C HIS G 93 4.56 25.70 16.38
N TYR G 94 5.65 25.95 15.67
CA TYR G 94 5.63 25.91 14.21
C TYR G 94 5.84 24.47 13.74
N ILE G 95 4.94 23.99 12.90
CA ILE G 95 4.94 22.60 12.45
C ILE G 95 5.32 22.58 10.98
N PRO G 96 6.27 21.73 10.57
CA PRO G 96 6.72 21.75 9.17
C PRO G 96 5.88 20.82 8.30
N THR G 97 5.45 21.34 7.16
CA THR G 97 4.81 20.54 6.13
C THR G 97 5.88 19.91 5.23
N ASP G 98 5.47 18.88 4.49
CA ASP G 98 6.39 18.09 3.67
C ASP G 98 5.94 18.07 2.21
N SER G 99 6.34 19.10 1.45
CA SER G 99 6.11 19.24 0.02
C SER G 99 4.63 19.26 -0.34
N GLU G 100 3.74 19.20 0.66
CA GLU G 100 2.31 19.16 0.45
C GLU G 100 1.66 19.88 1.62
N GLY G 101 0.35 19.68 1.76
CA GLY G 101 -0.34 20.21 2.91
C GLY G 101 -0.18 19.39 4.18
N ARG G 102 0.45 18.23 4.08
CA ARG G 102 0.50 17.31 5.22
C ARG G 102 1.54 17.74 6.24
N TYR G 103 1.23 17.50 7.51
CA TYR G 103 2.16 17.78 8.59
C TYR G 103 2.96 16.54 8.94
N PHE G 104 4.25 16.73 9.21
CA PHE G 104 5.20 15.63 9.28
C PHE G 104 5.56 15.32 10.72
N ILE G 105 5.51 14.04 11.08
CA ILE G 105 6.02 13.53 12.34
C ILE G 105 7.00 12.40 12.04
N ASP G 106 8.25 12.59 12.44
CA ASP G 106 9.31 11.60 12.14
C ASP G 106 9.19 10.43 13.11
N ARG G 107 8.20 9.58 12.83
CA ARG G 107 7.93 8.42 13.67
C ARG G 107 7.30 7.34 12.79
N ASP G 108 7.43 6.10 13.24
CA ASP G 108 6.84 4.97 12.52
C ASP G 108 5.31 5.06 12.58
N GLY G 109 4.68 4.94 11.41
CA GLY G 109 3.25 5.11 11.31
C GLY G 109 2.46 3.84 11.17
N THR G 110 3.10 2.69 11.42
CA THR G 110 2.39 1.42 11.28
C THR G 110 1.28 1.29 12.31
N HIS G 111 1.55 1.67 13.56
CA HIS G 111 0.58 1.54 14.64
C HIS G 111 0.03 2.88 15.10
N PHE G 112 0.17 3.93 14.28
CA PHE G 112 -0.48 5.19 14.60
C PHE G 112 -1.98 5.12 14.37
N GLY G 113 -2.43 4.14 13.58
CA GLY G 113 -3.86 3.97 13.38
C GLY G 113 -4.59 3.66 14.67
N ASP G 114 -4.00 2.84 15.53
CA ASP G 114 -4.63 2.51 16.80
C ASP G 114 -4.63 3.71 17.74
N VAL G 115 -3.57 4.53 17.70
CA VAL G 115 -3.55 5.74 18.50
C VAL G 115 -4.66 6.69 18.07
N LEU G 116 -4.82 6.86 16.76
CA LEU G 116 -5.90 7.70 16.25
C LEU G 116 -7.27 7.10 16.60
N ASN G 117 -7.38 5.78 16.57
CA ASN G 117 -8.64 5.13 16.93
C ASN G 117 -8.99 5.41 18.38
N PHE G 118 -7.99 5.32 19.28
CA PHE G 118 -8.25 5.64 20.69
C PHE G 118 -8.63 7.11 20.85
N LEU G 119 -7.97 7.99 20.12
CA LEU G 119 -8.30 9.42 20.23
C LEU G 119 -9.72 9.70 19.76
N ARG G 120 -10.16 9.03 18.68
CA ARG G 120 -11.52 9.20 18.20
C ARG G 120 -12.54 8.66 19.19
N SER G 121 -12.34 7.42 19.64
CA SER G 121 -13.23 6.77 20.60
C SER G 121 -12.40 5.83 21.45
N GLY G 122 -12.95 5.45 22.60
CA GLY G 122 -12.18 4.64 23.53
C GLY G 122 -11.94 3.22 23.05
N ASP G 123 -11.34 3.08 21.86
CA ASP G 123 -11.04 1.79 21.29
C ASP G 123 -9.65 1.33 21.71
N LEU G 124 -9.43 0.02 21.68
CA LEU G 124 -8.19 -0.54 22.18
C LEU G 124 -7.60 -1.53 21.19
N PRO G 125 -6.27 -1.72 21.20
CA PRO G 125 -5.66 -2.63 20.24
C PRO G 125 -6.13 -4.05 20.47
N PRO G 126 -6.10 -4.89 19.43
CA PRO G 126 -6.65 -6.25 19.53
C PRO G 126 -5.65 -7.30 20.01
N ARG G 127 -4.99 -7.03 21.14
CA ARG G 127 -4.27 -8.02 21.92
C ARG G 127 -2.97 -8.47 21.24
N GLU G 128 -2.76 -8.09 19.99
CA GLU G 128 -1.49 -8.40 19.35
C GLU G 128 -0.65 -7.13 19.22
N HIS G 129 -1.30 -5.97 19.20
CA HIS G 129 -0.63 -4.70 19.09
C HIS G 129 -0.59 -3.95 20.41
N VAL G 130 -0.85 -4.63 21.54
CA VAL G 130 -0.86 -3.95 22.83
C VAL G 130 0.52 -3.37 23.13
N ARG G 131 1.58 -4.14 22.86
CA ARG G 131 2.92 -3.67 23.16
C ARG G 131 3.38 -2.58 22.19
N ALA G 132 3.10 -2.73 20.90
CA ALA G 132 3.51 -1.71 19.93
C ALA G 132 2.75 -0.41 20.15
N VAL G 133 1.43 -0.49 20.34
CA VAL G 133 0.67 0.71 20.64
C VAL G 133 1.05 1.27 22.00
N TYR G 134 1.52 0.41 22.91
CA TYR G 134 2.04 0.91 24.18
C TYR G 134 3.29 1.76 23.96
N LYS G 135 4.19 1.31 23.09
CA LYS G 135 5.35 2.12 22.75
C LYS G 135 4.94 3.44 22.09
N GLU G 136 3.95 3.37 21.18
CA GLU G 136 3.49 4.59 20.53
C GLU G 136 2.88 5.57 21.53
N ALA G 137 2.08 5.06 22.47
CA ALA G 137 1.47 5.94 23.47
C ALA G 137 2.51 6.50 24.42
N GLN G 138 3.55 5.71 24.72
CA GLN G 138 4.66 6.24 25.51
C GLN G 138 5.32 7.39 24.79
N TYR G 139 5.56 7.26 23.48
CA TYR G 139 6.16 8.35 22.73
C TYR G 139 5.25 9.58 22.72
N TYR G 140 3.96 9.37 22.47
CA TYR G 140 3.01 10.47 22.35
C TYR G 140 2.48 10.97 23.69
N ALA G 141 2.88 10.32 24.79
CA ALA G 141 2.51 10.75 26.15
C ALA G 141 1.00 10.82 26.33
N ILE G 142 0.29 9.80 25.83
CA ILE G 142 -1.15 9.71 25.99
C ILE G 142 -1.40 8.89 27.26
N GLY G 143 -1.67 9.59 28.38
CA GLY G 143 -1.83 8.95 29.66
C GLY G 143 -2.96 7.94 29.77
N PRO G 144 -4.19 8.30 29.39
CA PRO G 144 -5.29 7.31 29.45
C PRO G 144 -5.03 6.08 28.59
N LEU G 145 -4.45 6.26 27.41
CA LEU G 145 -4.13 5.10 26.58
C LEU G 145 -3.12 4.21 27.28
N LEU G 146 -2.12 4.81 27.95
CA LEU G 146 -1.16 4.02 28.70
C LEU G 146 -1.83 3.26 29.83
N GLU G 147 -2.79 3.88 30.53
CA GLU G 147 -3.48 3.19 31.62
C GLU G 147 -4.27 1.99 31.09
N GLN G 148 -5.12 2.21 30.09
CA GLN G 148 -5.92 1.09 29.58
C GLN G 148 -5.06 0.05 28.89
N LEU G 149 -3.87 0.42 28.40
CA LEU G 149 -2.99 -0.59 27.83
C LEU G 149 -2.30 -1.41 28.92
N GLU G 150 -1.92 -0.76 30.03
CA GLU G 150 -1.34 -1.49 31.15
C GLU G 150 -2.37 -2.35 31.86
N ASN G 151 -3.65 -2.07 31.68
CA ASN G 151 -4.69 -2.94 32.21
C ASN G 151 -5.07 -4.07 31.26
N MET G 152 -4.35 -4.23 30.14
CA MET G 152 -4.59 -5.34 29.24
C MET G 152 -3.54 -6.43 29.45
N GLN G 153 -3.88 -7.64 29.01
CA GLN G 153 -3.17 -8.83 29.49
C GLN G 153 -1.69 -8.87 29.16
N PRO G 154 -1.22 -8.61 27.93
CA PRO G 154 0.21 -8.78 27.66
C PRO G 154 1.10 -7.98 28.58
N LEU G 155 0.60 -6.84 29.09
CA LEU G 155 1.41 -6.04 30.01
C LEU G 155 0.99 -6.25 31.45
N LYS G 156 -0.25 -6.71 31.68
CA LYS G 156 -0.71 -6.89 33.06
C LYS G 156 0.11 -7.96 33.78
N GLY G 157 0.29 -9.12 33.15
CA GLY G 157 1.12 -10.15 33.75
C GLY G 157 2.57 -9.71 33.88
N GLU G 158 3.04 -8.87 32.96
CA GLU G 158 4.42 -8.38 33.05
C GLU G 158 4.61 -7.48 34.26
N LYS G 159 3.65 -6.60 34.54
CA LYS G 159 3.72 -5.81 35.78
C LYS G 159 3.59 -6.70 37.01
N VAL G 160 2.73 -7.73 36.95
CA VAL G 160 2.60 -8.62 38.11
C VAL G 160 3.93 -9.32 38.39
N ARG G 161 4.62 -9.77 37.35
CA ARG G 161 5.91 -10.44 37.58
C ARG G 161 7.01 -9.44 37.93
N GLN G 162 6.93 -8.21 37.40
CA GLN G 162 7.89 -7.18 37.78
C GLN G 162 7.73 -6.78 39.24
N ALA G 163 6.55 -7.00 39.82
CA ALA G 163 6.41 -6.83 41.26
C ALA G 163 7.35 -7.76 42.01
N PHE G 164 7.47 -9.01 41.56
CA PHE G 164 8.41 -9.94 42.17
C PHE G 164 9.85 -9.62 41.80
N LEU G 165 10.11 -9.36 40.51
CA LEU G 165 11.46 -9.10 40.04
C LEU G 165 11.97 -7.72 40.43
N GLY G 166 11.09 -6.84 40.91
CA GLY G 166 11.55 -5.56 41.44
C GLY G 166 12.32 -5.70 42.72
N LEU G 167 12.18 -6.82 43.42
CA LEU G 167 12.98 -7.09 44.60
C LEU G 167 14.45 -7.26 44.25
N MET G 168 14.77 -7.59 43.00
CA MET G 168 16.14 -7.78 42.54
C MET G 168 16.41 -6.82 41.39
N PRO G 169 16.96 -5.63 41.65
CA PRO G 169 17.27 -4.71 40.55
C PRO G 169 18.41 -5.17 39.65
N TYR G 170 19.15 -6.20 40.06
CA TYR G 170 20.28 -6.72 39.29
C TYR G 170 19.89 -7.83 38.33
N TYR G 171 18.59 -8.11 38.19
CA TYR G 171 18.15 -9.29 37.46
C TYR G 171 18.57 -9.24 35.99
N LYS G 172 18.24 -8.15 35.30
CA LYS G 172 18.54 -8.05 33.87
C LYS G 172 20.04 -8.10 33.61
N ASP G 173 20.83 -7.44 34.47
CA ASP G 173 22.28 -7.53 34.34
C ASP G 173 22.76 -8.98 34.47
N HIS G 174 22.12 -9.76 35.34
CA HIS G 174 22.54 -11.14 35.51
C HIS G 174 22.15 -12.01 34.33
N LEU G 175 20.99 -11.76 33.70
CA LEU G 175 20.70 -12.45 32.45
C LEU G 175 21.72 -12.10 31.37
N GLU G 176 22.09 -10.82 31.27
CA GLU G 176 23.07 -10.44 30.27
C GLU G 176 24.41 -11.10 30.54
N ARG G 177 24.79 -11.20 31.82
CA ARG G 177 26.00 -11.93 32.18
C ARG G 177 25.91 -13.39 31.80
N ILE G 178 24.76 -14.02 32.05
CA ILE G 178 24.57 -15.42 31.70
C ILE G 178 24.77 -15.63 30.22
N VAL G 179 24.09 -14.82 29.40
CA VAL G 179 24.17 -14.97 27.95
C VAL G 179 25.59 -14.73 27.46
N GLU G 180 26.24 -13.68 27.99
CA GLU G 180 27.59 -13.36 27.52
C GLU G 180 28.60 -14.43 27.92
N ILE G 181 28.51 -14.95 29.14
CA ILE G 181 29.43 -16.00 29.56
C ILE G 181 29.21 -17.26 28.73
N ALA G 182 27.95 -17.62 28.48
CA ALA G 182 27.67 -18.79 27.65
C ALA G 182 28.23 -18.61 26.25
N ARG G 183 28.01 -17.43 25.65
CA ARG G 183 28.52 -17.18 24.31
C ARG G 183 30.04 -17.21 24.28
N LEU G 184 30.69 -16.61 25.26
CA LEU G 184 32.15 -16.62 25.30
C LEU G 184 32.69 -18.04 25.44
N ARG G 185 32.09 -18.84 26.31
CA ARG G 185 32.55 -20.21 26.48
C ARG G 185 32.36 -21.01 25.19
N ALA G 186 31.20 -20.87 24.56
CA ALA G 186 30.93 -21.62 23.33
C ALA G 186 31.88 -21.20 22.22
N VAL G 187 32.16 -19.90 22.09
CA VAL G 187 33.05 -19.43 21.02
C VAL G 187 34.49 -19.85 21.29
N GLN G 188 34.96 -19.67 22.53
CA GLN G 188 36.35 -19.98 22.84
C GLN G 188 36.62 -21.48 22.76
N ARG G 189 35.72 -22.29 23.30
CA ARG G 189 35.89 -23.74 23.23
C ARG G 189 35.45 -24.32 21.90
N LYS G 190 34.71 -23.56 21.09
CA LYS G 190 34.17 -24.04 19.82
C LYS G 190 33.25 -25.24 20.04
N ALA G 191 32.18 -25.00 20.80
CA ALA G 191 31.18 -26.01 21.11
C ALA G 191 29.83 -25.56 20.59
N ARG G 192 28.84 -26.44 20.72
CA ARG G 192 27.47 -26.06 20.40
C ARG G 192 26.73 -25.54 21.62
N PHE G 193 27.11 -26.03 22.80
CA PHE G 193 26.44 -25.67 24.04
C PHE G 193 27.44 -25.24 25.08
N ALA G 194 27.04 -24.31 25.94
CA ALA G 194 27.85 -23.86 27.06
C ALA G 194 27.08 -24.06 28.35
N LYS G 195 27.71 -24.72 29.31
CA LYS G 195 27.09 -25.01 30.60
C LYS G 195 27.69 -24.09 31.66
N LEU G 196 26.83 -23.36 32.37
CA LEU G 196 27.26 -22.45 33.41
C LEU G 196 26.42 -22.69 34.65
N LYS G 197 27.01 -22.40 35.81
CA LYS G 197 26.39 -22.66 37.10
C LYS G 197 25.83 -21.37 37.67
N VAL G 198 24.59 -21.40 38.12
CA VAL G 198 23.95 -20.27 38.79
C VAL G 198 23.52 -20.73 40.18
N CYS G 199 23.55 -19.81 41.14
CA CYS G 199 23.16 -20.08 42.51
C CYS G 199 21.94 -19.24 42.84
N VAL G 200 20.82 -19.90 43.13
CA VAL G 200 19.57 -19.24 43.46
C VAL G 200 19.18 -19.67 44.87
N PHE G 201 19.20 -18.71 45.80
CA PHE G 201 18.79 -18.95 47.18
C PHE G 201 17.79 -17.88 47.58
N LYS G 202 16.66 -18.29 48.14
CA LYS G 202 15.63 -17.34 48.52
C LYS G 202 16.03 -16.57 49.78
N GLU G 203 16.60 -17.26 50.77
CA GLU G 203 16.99 -16.62 52.01
C GLU G 203 18.50 -16.50 52.11
N GLU G 235 32.25 -20.21 43.22
CA GLU G 235 32.52 -20.93 41.99
C GLU G 235 31.34 -20.82 41.03
N VAL G 236 30.36 -20.02 41.40
CA VAL G 236 29.16 -19.82 40.59
C VAL G 236 29.40 -18.62 39.67
N ASP G 237 28.99 -18.76 38.40
CA ASP G 237 29.16 -17.66 37.45
C ASP G 237 28.22 -16.51 37.76
N VAL G 238 26.96 -16.82 38.03
CA VAL G 238 25.92 -15.82 38.28
C VAL G 238 25.15 -16.24 39.53
N SER G 239 24.91 -15.29 40.42
CA SER G 239 24.20 -15.56 41.66
C SER G 239 23.04 -14.60 41.82
N PHE G 240 21.86 -15.15 42.13
CA PHE G 240 20.66 -14.35 42.40
C PHE G 240 20.41 -14.35 43.90
N GLY G 241 20.47 -13.18 44.51
CA GLY G 241 20.53 -13.05 45.95
C GLY G 241 19.19 -13.26 46.63
N PRO G 242 19.13 -12.97 47.92
CA PRO G 242 17.90 -13.21 48.68
C PRO G 242 16.80 -12.23 48.31
N TRP G 243 15.56 -12.66 48.50
CA TRP G 243 14.40 -11.81 48.29
C TRP G 243 13.33 -12.19 49.31
N GLU G 244 12.44 -11.24 49.60
CA GLU G 244 11.35 -11.45 50.53
C GLU G 244 10.04 -11.40 49.74
N ALA G 245 9.47 -12.57 49.46
CA ALA G 245 8.22 -12.69 48.74
C ALA G 245 7.70 -14.10 48.98
N VAL G 246 6.54 -14.40 48.37
CA VAL G 246 5.99 -15.75 48.46
C VAL G 246 6.33 -16.59 47.24
N ALA G 247 6.98 -16.00 46.23
CA ALA G 247 7.48 -16.77 45.11
C ALA G 247 8.68 -17.60 45.54
N ASP G 248 8.76 -18.82 45.00
CA ASP G 248 9.73 -19.81 45.42
C ASP G 248 10.99 -19.70 44.56
N VAL G 249 11.98 -20.53 44.90
CA VAL G 249 13.19 -20.60 44.10
C VAL G 249 12.87 -21.09 42.70
N TYR G 250 11.99 -22.09 42.59
CA TYR G 250 11.66 -22.64 41.28
C TYR G 250 10.88 -21.64 40.43
N ASP G 251 10.32 -20.61 41.06
CA ASP G 251 9.63 -19.57 40.30
C ASP G 251 10.62 -18.64 39.61
N LEU G 252 11.73 -18.34 40.27
CA LEU G 252 12.76 -17.52 39.63
C LEU G 252 13.41 -18.26 38.47
N LEU G 253 13.63 -19.57 38.62
CA LEU G 253 14.15 -20.35 37.52
C LEU G 253 13.17 -20.39 36.35
N HIS G 254 11.88 -20.28 36.63
CA HIS G 254 10.91 -20.10 35.57
C HIS G 254 11.09 -18.75 34.89
N CYS G 255 11.38 -17.71 35.66
CA CYS G 255 11.67 -16.41 35.07
C CYS G 255 12.94 -16.47 34.22
N LEU G 256 13.95 -17.19 34.69
CA LEU G 256 15.19 -17.28 33.93
C LEU G 256 14.98 -18.02 32.62
N VAL G 257 14.35 -19.18 32.66
CA VAL G 257 14.20 -19.99 31.45
C VAL G 257 13.30 -19.30 30.45
N THR G 258 12.17 -18.76 30.90
CA THR G 258 11.26 -18.09 29.97
C THR G 258 11.90 -16.85 29.37
N ASP G 259 12.59 -16.05 30.19
CA ASP G 259 13.26 -14.86 29.67
C ASP G 259 14.38 -15.23 28.70
N LEU G 260 15.16 -16.27 29.04
CA LEU G 260 16.21 -16.72 28.12
C LEU G 260 15.61 -17.30 26.85
N SER G 261 14.53 -18.07 26.97
CA SER G 261 13.84 -18.57 25.79
C SER G 261 13.19 -17.44 25.00
N ALA G 262 12.74 -16.39 25.69
CA ALA G 262 12.21 -15.22 24.99
C ALA G 262 13.30 -14.52 24.20
N GLN G 263 14.56 -14.77 24.53
CA GLN G 263 15.67 -14.24 23.75
C GLN G 263 16.05 -15.15 22.59
N GLY G 264 15.39 -16.30 22.44
CA GLY G 264 15.66 -17.23 21.36
C GLY G 264 16.58 -18.37 21.73
N LEU G 265 17.11 -18.37 22.95
CA LEU G 265 18.04 -19.41 23.36
C LEU G 265 17.30 -20.69 23.73
N THR G 266 17.98 -21.82 23.54
CA THR G 266 17.47 -23.11 23.98
C THR G 266 18.14 -23.45 25.30
N VAL G 267 17.39 -23.38 26.40
CA VAL G 267 17.95 -23.43 27.74
C VAL G 267 17.38 -24.63 28.48
N ASP G 268 18.27 -25.40 29.10
CA ASP G 268 17.90 -26.48 30.01
C ASP G 268 18.65 -26.30 31.31
N HIS G 269 17.93 -26.43 32.43
CA HIS G 269 18.52 -26.23 33.74
C HIS G 269 18.39 -27.51 34.57
N GLN G 270 19.44 -27.81 35.33
CA GLN G 270 19.48 -28.99 36.18
C GLN G 270 20.07 -28.61 37.52
N CYS G 271 19.61 -29.28 38.57
CA CYS G 271 20.10 -29.04 39.93
C CYS G 271 21.33 -29.92 40.16
N ILE G 272 22.51 -29.33 40.00
CA ILE G 272 23.75 -30.09 40.17
C ILE G 272 24.04 -30.32 41.65
N GLY G 273 23.41 -29.54 42.52
CA GLY G 273 23.62 -29.69 43.95
C GLY G 273 24.96 -29.15 44.42
N PRO G 288 22.65 -24.33 47.05
CA PRO G 288 21.86 -24.72 45.88
C PRO G 288 22.40 -24.10 44.59
N ILE G 289 23.08 -24.90 43.78
CA ILE G 289 23.67 -24.44 42.53
C ILE G 289 22.95 -25.16 41.39
N TYR G 290 22.42 -24.38 40.45
CA TYR G 290 21.67 -24.91 39.31
C TYR G 290 22.51 -24.75 38.05
N GLU G 291 22.75 -25.84 37.36
CA GLU G 291 23.52 -25.78 36.13
C GLU G 291 22.62 -25.47 34.94
N PHE G 292 23.01 -24.46 34.17
CA PHE G 292 22.25 -24.00 33.01
C PHE G 292 23.02 -24.36 31.75
N LYS G 293 22.35 -25.02 30.81
CA LYS G 293 22.94 -25.38 29.53
C LYS G 293 22.18 -24.66 28.42
N ILE G 294 22.92 -23.91 27.60
CA ILE G 294 22.35 -23.16 26.48
C ILE G 294 22.92 -23.73 25.20
N THR G 295 22.03 -24.17 24.30
CA THR G 295 22.44 -24.81 23.05
C THR G 295 22.35 -23.78 21.93
N TRP G 296 23.50 -23.39 21.39
CA TRP G 296 23.53 -22.37 20.35
C TRP G 296 23.11 -22.94 19.01
N TRP G 297 23.47 -24.18 18.73
CA TRP G 297 23.11 -24.82 17.47
C TRP G 297 23.12 -26.33 17.62
N ASP H 14 -37.15 -5.85 0.39
CA ASP H 14 -36.83 -6.74 -0.72
C ASP H 14 -37.58 -6.33 -1.99
N GLU H 15 -38.90 -6.53 -1.98
CA GLU H 15 -39.70 -6.22 -3.17
C GLU H 15 -39.75 -4.71 -3.42
N LYS H 16 -39.72 -3.92 -2.35
CA LYS H 16 -39.82 -2.47 -2.51
C LYS H 16 -38.61 -1.91 -3.23
N TYR H 17 -37.42 -2.43 -2.93
CA TYR H 17 -36.22 -1.99 -3.66
C TYR H 17 -36.18 -2.60 -5.05
N VAL H 18 -36.75 -3.79 -5.21
CA VAL H 18 -36.84 -4.40 -6.54
C VAL H 18 -37.66 -3.52 -7.46
N ASN H 19 -38.76 -2.95 -6.96
CA ASN H 19 -39.57 -2.05 -7.79
C ASN H 19 -38.82 -0.77 -8.12
N SER H 20 -37.97 -0.29 -7.20
CA SER H 20 -37.19 0.91 -7.49
C SER H 20 -36.18 0.68 -8.59
N ILE H 21 -35.39 -0.40 -8.49
CA ILE H 21 -34.48 -0.72 -9.57
C ILE H 21 -35.25 -1.05 -10.84
N TRP H 22 -36.49 -1.55 -10.68
CA TRP H 22 -37.34 -1.80 -11.83
C TRP H 22 -37.70 -0.55 -12.60
N ASP H 23 -38.27 0.46 -11.94
CA ASP H 23 -38.65 1.63 -12.72
C ASP H 23 -37.42 2.39 -13.19
N LEU H 24 -36.30 2.23 -12.46
CA LEU H 24 -35.04 2.76 -12.97
C LEU H 24 -34.65 2.10 -14.30
N LEU H 25 -34.65 0.77 -14.35
CA LEU H 25 -34.30 0.06 -15.58
C LEU H 25 -35.34 0.28 -16.67
N LYS H 26 -36.61 0.40 -16.29
CA LYS H 26 -37.68 0.69 -17.23
C LYS H 26 -37.44 2.01 -17.93
N ASN H 27 -37.16 3.06 -17.15
CA ASN H 27 -36.83 4.35 -17.73
C ASN H 27 -35.57 4.26 -18.58
N ALA H 28 -34.57 3.50 -18.12
CA ALA H 28 -33.33 3.39 -18.89
C ALA H 28 -33.56 2.74 -20.25
N ILE H 29 -34.32 1.64 -20.27
CA ILE H 29 -34.56 0.92 -21.54
C ILE H 29 -35.42 1.77 -22.46
N GLN H 30 -36.49 2.39 -21.93
CA GLN H 30 -37.31 3.25 -22.76
C GLN H 30 -36.49 4.41 -23.33
N GLU H 31 -35.68 5.04 -22.49
CA GLU H 31 -34.88 6.17 -22.92
C GLU H 31 -33.84 5.76 -23.94
N ILE H 32 -33.34 4.52 -23.85
CA ILE H 32 -32.47 3.98 -24.90
C ILE H 32 -33.24 3.84 -26.19
N GLN H 33 -34.48 3.33 -26.12
CA GLN H 33 -35.23 3.06 -27.33
C GLN H 33 -35.61 4.35 -28.08
N ARG H 34 -35.58 5.48 -27.39
CA ARG H 34 -35.90 6.77 -28.00
C ARG H 34 -34.65 7.54 -28.43
N LYS H 35 -33.50 6.89 -28.46
CA LYS H 35 -32.28 7.44 -29.07
C LYS H 35 -31.85 8.75 -28.40
N ASN H 36 -31.53 8.68 -27.11
CA ASN H 36 -30.98 9.81 -26.38
C ASN H 36 -29.89 9.31 -25.43
N ASN H 37 -29.08 10.24 -24.94
CA ASN H 37 -28.01 9.89 -24.03
C ASN H 37 -28.58 9.40 -22.70
N SER H 38 -28.11 8.23 -22.26
CA SER H 38 -28.63 7.62 -21.04
C SER H 38 -28.31 8.50 -19.84
N GLY H 39 -29.31 8.73 -18.99
CA GLY H 39 -29.08 9.52 -17.79
C GLY H 39 -28.14 8.83 -16.82
N LEU H 40 -28.26 7.51 -16.68
CA LEU H 40 -27.41 6.75 -15.78
C LEU H 40 -26.16 6.29 -16.51
N SER H 41 -25.40 5.40 -15.87
CA SER H 41 -24.22 4.80 -16.46
C SER H 41 -24.49 3.33 -16.79
N PHE H 42 -23.62 2.76 -17.61
CA PHE H 42 -23.75 1.35 -17.96
C PHE H 42 -23.58 0.45 -16.74
N GLU H 43 -22.61 0.77 -15.88
CA GLU H 43 -22.28 -0.12 -14.77
C GLU H 43 -23.41 -0.21 -13.76
N GLU H 44 -24.10 0.91 -13.51
CA GLU H 44 -25.21 0.88 -12.55
C GLU H 44 -26.34 0.01 -13.05
N LEU H 45 -26.74 0.16 -14.31
CA LEU H 45 -27.81 -0.66 -14.86
C LEU H 45 -27.40 -2.13 -14.93
N TYR H 46 -26.14 -2.40 -15.27
CA TYR H 46 -25.67 -3.78 -15.28
C TYR H 46 -25.74 -4.38 -13.88
N ARG H 47 -25.33 -3.62 -12.86
CA ARG H 47 -25.40 -4.12 -11.50
C ARG H 47 -26.85 -4.38 -11.09
N ASN H 48 -27.76 -3.49 -11.49
CA ASN H 48 -29.18 -3.71 -11.17
C ASN H 48 -29.69 -5.00 -11.79
N ALA H 49 -29.39 -5.23 -13.07
CA ALA H 49 -29.85 -6.45 -13.73
C ALA H 49 -29.21 -7.69 -13.11
N TYR H 50 -27.92 -7.61 -12.78
CA TYR H 50 -27.22 -8.74 -12.20
C TYR H 50 -27.78 -9.10 -10.83
N THR H 51 -28.05 -8.10 -10.00
CA THR H 51 -28.69 -8.35 -8.72
C THR H 51 -30.11 -8.89 -8.90
N MET H 52 -30.82 -8.39 -9.91
CA MET H 52 -32.16 -8.89 -10.18
C MET H 52 -32.13 -10.37 -10.51
N VAL H 53 -31.16 -10.79 -11.31
CA VAL H 53 -31.06 -12.20 -11.69
C VAL H 53 -30.60 -13.05 -10.51
N LEU H 54 -29.69 -12.51 -9.68
CA LEU H 54 -29.19 -13.28 -8.54
C LEU H 54 -30.31 -13.66 -7.58
N HIS H 55 -31.20 -12.72 -7.28
CA HIS H 55 -32.29 -12.96 -6.35
C HIS H 55 -33.47 -13.67 -7.01
N LYS H 56 -33.26 -14.28 -8.18
CA LYS H 56 -34.30 -15.02 -8.91
C LYS H 56 -35.50 -14.12 -9.22
N HIS H 57 -35.22 -12.86 -9.54
CA HIS H 57 -36.22 -11.94 -10.05
C HIS H 57 -36.12 -11.76 -11.56
N GLY H 58 -35.47 -12.70 -12.25
CA GLY H 58 -35.28 -12.56 -13.67
C GLY H 58 -36.56 -12.71 -14.46
N GLU H 59 -37.58 -13.34 -13.87
CA GLU H 59 -38.85 -13.51 -14.57
C GLU H 59 -39.50 -12.17 -14.86
N LYS H 60 -39.57 -11.29 -13.85
CA LYS H 60 -40.22 -10.00 -14.04
C LYS H 60 -39.38 -9.08 -14.91
N LEU H 61 -38.05 -9.14 -14.78
CA LEU H 61 -37.18 -8.38 -15.66
C LEU H 61 -37.36 -8.81 -17.11
N TYR H 62 -37.40 -10.12 -17.34
CA TYR H 62 -37.63 -10.68 -18.67
C TYR H 62 -38.95 -10.21 -19.24
N THR H 63 -40.04 -10.39 -18.49
CA THR H 63 -41.35 -10.03 -19.03
C THR H 63 -41.45 -8.53 -19.24
N GLY H 64 -40.87 -7.72 -18.35
CA GLY H 64 -40.92 -6.28 -18.53
C GLY H 64 -40.16 -5.82 -19.76
N LEU H 65 -38.99 -6.42 -20.01
CA LEU H 65 -38.32 -6.20 -21.29
C LEU H 65 -39.25 -6.56 -22.43
N ARG H 66 -40.03 -7.64 -22.27
CA ARG H 66 -40.97 -8.01 -23.32
C ARG H 66 -42.02 -6.93 -23.56
N GLU H 67 -42.62 -6.38 -22.49
CA GLU H 67 -43.61 -5.33 -22.72
C GLU H 67 -42.96 -4.09 -23.33
N VAL H 68 -41.73 -3.76 -22.91
CA VAL H 68 -41.08 -2.57 -23.46
C VAL H 68 -40.82 -2.74 -24.95
N VAL H 69 -40.27 -3.89 -25.36
CA VAL H 69 -39.98 -4.09 -26.77
C VAL H 69 -41.28 -4.18 -27.57
N THR H 70 -42.33 -4.78 -27.01
CA THR H 70 -43.60 -4.83 -27.72
C THR H 70 -44.20 -3.45 -27.87
N GLU H 71 -44.13 -2.62 -26.83
CA GLU H 71 -44.65 -1.25 -26.93
C GLU H 71 -43.87 -0.46 -27.97
N HIS H 72 -42.55 -0.65 -28.03
CA HIS H 72 -41.77 0.09 -29.01
C HIS H 72 -41.85 -0.51 -30.41
N LEU H 73 -42.35 -1.74 -30.56
CA LEU H 73 -42.37 -2.35 -31.88
C LEU H 73 -43.79 -2.44 -32.42
N ILE H 74 -44.64 -3.22 -31.74
CA ILE H 74 -46.02 -3.43 -32.18
C ILE H 74 -46.82 -2.15 -32.09
N ASN H 75 -46.55 -1.33 -31.06
CA ASN H 75 -47.32 -0.12 -30.87
C ASN H 75 -46.69 1.10 -31.54
N LYS H 76 -45.41 1.05 -31.89
CA LYS H 76 -44.75 2.20 -32.50
C LYS H 76 -44.34 1.95 -33.95
N VAL H 77 -43.48 0.96 -34.22
CA VAL H 77 -42.95 0.85 -35.58
C VAL H 77 -43.90 0.05 -36.44
N ARG H 78 -44.73 -0.79 -35.83
CA ARG H 78 -45.81 -1.45 -36.56
C ARG H 78 -46.78 -0.43 -37.11
N GLU H 79 -47.17 0.56 -36.30
CA GLU H 79 -48.07 1.59 -36.81
C GLU H 79 -47.33 2.56 -37.73
N ASP H 80 -46.03 2.76 -37.51
CA ASP H 80 -45.24 3.58 -38.43
C ASP H 80 -45.19 2.97 -39.82
N VAL H 81 -44.97 1.65 -39.91
CA VAL H 81 -44.99 1.02 -41.22
C VAL H 81 -46.41 0.95 -41.77
N LEU H 82 -47.41 0.81 -40.89
CA LEU H 82 -48.80 0.78 -41.35
C LEU H 82 -49.23 2.11 -41.97
N ASN H 83 -48.90 3.22 -41.32
CA ASN H 83 -49.29 4.52 -41.88
C ASN H 83 -48.28 5.06 -42.88
N SER H 84 -47.20 4.32 -43.17
CA SER H 84 -46.27 4.68 -44.23
C SER H 84 -46.11 3.54 -45.24
N LEU H 85 -47.23 2.90 -45.61
CA LEU H 85 -47.17 1.85 -46.62
C LEU H 85 -46.78 2.43 -47.99
N ASN H 86 -47.25 3.64 -48.28
CA ASN H 86 -46.96 4.30 -49.55
C ASN H 86 -45.99 5.47 -49.41
N ASN H 87 -45.44 5.69 -48.23
CA ASN H 87 -44.51 6.80 -47.99
C ASN H 87 -43.17 6.22 -47.56
N ASN H 88 -42.30 5.92 -48.53
CA ASN H 88 -40.97 5.40 -48.28
C ASN H 88 -41.02 4.15 -47.40
N PHE H 89 -41.93 3.24 -47.76
CA PHE H 89 -42.14 2.03 -46.97
C PHE H 89 -40.85 1.28 -46.73
N LEU H 90 -40.06 1.05 -47.78
CA LEU H 90 -38.78 0.39 -47.61
C LEU H 90 -37.82 1.23 -46.79
N GLN H 91 -37.84 2.55 -46.98
CA GLN H 91 -36.93 3.43 -46.26
C GLN H 91 -37.26 3.45 -44.76
N THR H 92 -38.55 3.60 -44.42
CA THR H 92 -38.93 3.57 -43.01
C THR H 92 -38.68 2.20 -42.40
N LEU H 93 -38.89 1.13 -43.17
CA LEU H 93 -38.61 -0.21 -42.67
C LEU H 93 -37.12 -0.37 -42.37
N ASN H 94 -36.25 0.14 -43.25
CA ASN H 94 -34.82 0.06 -43.01
C ASN H 94 -34.41 0.88 -41.79
N GLN H 95 -35.00 2.07 -41.63
CA GLN H 95 -34.70 2.88 -40.45
C GLN H 95 -35.13 2.16 -39.18
N ALA H 96 -36.32 1.55 -39.19
CA ALA H 96 -36.78 0.79 -38.03
C ALA H 96 -35.86 -0.39 -37.76
N TRP H 97 -35.39 -1.06 -38.80
CA TRP H 97 -34.48 -2.19 -38.63
C TRP H 97 -33.17 -1.75 -37.98
N ASN H 98 -32.60 -0.64 -38.46
CA ASN H 98 -31.36 -0.15 -37.88
C ASN H 98 -31.56 0.26 -36.42
N ASP H 99 -32.67 0.95 -36.13
CA ASP H 99 -32.95 1.35 -34.77
C ASP H 99 -33.12 0.15 -33.86
N HIS H 100 -33.84 -0.87 -34.34
CA HIS H 100 -34.03 -2.09 -33.55
C HIS H 100 -32.70 -2.78 -33.28
N GLN H 101 -31.84 -2.89 -34.30
CA GLN H 101 -30.56 -3.55 -34.09
C GLN H 101 -29.70 -2.80 -33.07
N THR H 102 -29.61 -1.48 -33.20
CA THR H 102 -28.79 -0.72 -32.25
C THR H 102 -29.35 -0.82 -30.83
N ALA H 103 -30.68 -0.67 -30.69
CA ALA H 103 -31.28 -0.74 -29.37
C ALA H 103 -31.09 -2.11 -28.74
N MET H 104 -31.28 -3.18 -29.51
CA MET H 104 -31.09 -4.52 -28.96
C MET H 104 -29.64 -4.78 -28.61
N VAL H 105 -28.70 -4.22 -29.38
CA VAL H 105 -27.29 -4.38 -29.04
C VAL H 105 -26.99 -3.73 -27.69
N MET H 106 -27.45 -2.50 -27.49
CA MET H 106 -27.19 -1.83 -26.22
C MET H 106 -27.89 -2.55 -25.06
N ILE H 107 -29.13 -3.00 -25.28
CA ILE H 107 -29.87 -3.67 -24.22
C ILE H 107 -29.22 -5.00 -23.86
N ARG H 108 -28.75 -5.75 -24.86
CA ARG H 108 -28.02 -6.98 -24.58
C ARG H 108 -26.74 -6.69 -23.82
N ASP H 109 -26.09 -5.56 -24.14
CA ASP H 109 -24.91 -5.15 -23.39
C ASP H 109 -25.26 -4.95 -21.92
N ILE H 110 -26.42 -4.34 -21.65
CA ILE H 110 -26.84 -4.14 -20.26
C ILE H 110 -27.20 -5.47 -19.60
N LEU H 111 -27.81 -6.38 -20.37
CA LEU H 111 -28.39 -7.61 -19.83
C LEU H 111 -27.53 -8.85 -20.10
N MET H 112 -26.21 -8.75 -19.94
CA MET H 112 -25.34 -9.89 -20.17
C MET H 112 -25.69 -11.06 -19.26
N TYR H 113 -26.04 -10.78 -18.01
CA TYR H 113 -26.19 -11.86 -17.04
C TYR H 113 -27.41 -12.74 -17.32
N MET H 114 -28.47 -12.19 -17.92
CA MET H 114 -29.49 -13.06 -18.50
C MET H 114 -28.85 -14.10 -19.41
N ASP H 115 -28.11 -13.65 -20.42
CA ASP H 115 -27.49 -14.56 -21.38
C ASP H 115 -26.60 -15.58 -20.66
N ARG H 116 -25.98 -15.18 -19.55
CA ARG H 116 -25.10 -16.11 -18.86
C ARG H 116 -25.87 -17.20 -18.12
N VAL H 117 -26.93 -16.83 -17.41
CA VAL H 117 -27.59 -17.84 -16.57
C VAL H 117 -29.09 -17.97 -16.85
N TYR H 118 -29.80 -16.84 -16.89
CA TYR H 118 -31.25 -16.88 -16.80
C TYR H 118 -31.89 -17.46 -18.06
N VAL H 119 -31.60 -16.86 -19.21
CA VAL H 119 -32.20 -17.33 -20.46
C VAL H 119 -31.62 -18.68 -20.88
N GLN H 120 -30.42 -19.02 -20.41
CA GLN H 120 -29.83 -20.32 -20.69
C GLN H 120 -30.51 -21.44 -19.92
N GLN H 121 -30.81 -21.23 -18.63
CA GLN H 121 -31.43 -22.29 -17.85
C GLN H 121 -32.87 -22.52 -18.29
N ASN H 122 -33.49 -21.52 -18.91
CA ASN H 122 -34.79 -21.72 -19.56
C ASN H 122 -34.65 -22.24 -20.98
N ASN H 123 -33.43 -22.39 -21.49
CA ASN H 123 -33.14 -22.87 -22.85
C ASN H 123 -33.70 -21.95 -23.93
N VAL H 124 -34.15 -20.76 -23.56
CA VAL H 124 -34.65 -19.82 -24.56
C VAL H 124 -33.49 -19.14 -25.26
N GLU H 125 -33.76 -18.65 -26.47
CA GLU H 125 -32.75 -17.94 -27.24
C GLU H 125 -32.39 -16.62 -26.56
N ASN H 126 -31.19 -16.14 -26.83
CA ASN H 126 -30.62 -15.00 -26.12
C ASN H 126 -31.42 -13.72 -26.40
N VAL H 127 -31.00 -12.65 -25.73
CA VAL H 127 -31.74 -11.38 -25.79
C VAL H 127 -31.77 -10.84 -27.22
N TYR H 128 -30.62 -10.86 -27.90
CA TYR H 128 -30.62 -10.42 -29.30
C TYR H 128 -31.44 -11.34 -30.17
N ASN H 129 -31.35 -12.65 -29.95
CA ASN H 129 -32.19 -13.59 -30.68
C ASN H 129 -33.66 -13.40 -30.32
N LEU H 130 -33.94 -13.06 -29.05
CA LEU H 130 -35.31 -12.74 -28.66
C LEU H 130 -35.83 -11.54 -29.43
N GLY H 131 -35.02 -10.49 -29.55
CA GLY H 131 -35.42 -9.33 -30.31
C GLY H 131 -35.62 -9.65 -31.79
N LEU H 132 -34.76 -10.50 -32.34
CA LEU H 132 -34.92 -10.93 -33.72
C LEU H 132 -36.22 -11.68 -33.92
N ILE H 133 -36.54 -12.59 -33.01
CA ILE H 133 -37.76 -13.39 -33.11
C ILE H 133 -38.99 -12.51 -32.96
N ILE H 134 -38.95 -11.56 -32.02
CA ILE H 134 -40.08 -10.64 -31.86
C ILE H 134 -40.26 -9.80 -33.11
N PHE H 135 -39.15 -9.26 -33.65
CA PHE H 135 -39.25 -8.50 -34.89
C PHE H 135 -39.89 -9.33 -36.00
N ARG H 136 -39.36 -10.54 -36.24
CA ARG H 136 -39.93 -11.42 -37.24
C ARG H 136 -41.42 -11.62 -37.02
N ASP H 137 -41.79 -12.21 -35.88
CA ASP H 137 -43.17 -12.59 -35.62
C ASP H 137 -44.12 -11.41 -35.74
N GLN H 138 -43.79 -10.28 -35.10
CA GLN H 138 -44.74 -9.19 -35.05
C GLN H 138 -44.68 -8.31 -36.30
N VAL H 139 -43.53 -7.72 -36.59
CA VAL H 139 -43.43 -6.73 -37.65
C VAL H 139 -42.82 -7.30 -38.93
N VAL H 140 -42.82 -8.62 -39.11
CA VAL H 140 -42.48 -9.22 -40.40
C VAL H 140 -43.60 -10.14 -40.90
N ARG H 141 -44.13 -10.98 -40.02
CA ARG H 141 -45.14 -11.98 -40.38
C ARG H 141 -46.56 -11.42 -40.41
N TYR H 142 -46.75 -10.13 -40.13
CA TYR H 142 -48.08 -9.54 -40.25
C TYR H 142 -48.50 -9.50 -41.72
N GLY H 143 -49.77 -9.86 -41.96
CA GLY H 143 -50.21 -10.06 -43.33
C GLY H 143 -50.20 -8.79 -44.16
N CYS H 144 -50.67 -7.68 -43.59
CA CYS H 144 -50.74 -6.43 -44.36
C CYS H 144 -49.35 -5.95 -44.76
N ILE H 145 -48.43 -5.86 -43.81
CA ILE H 145 -47.10 -5.37 -44.10
C ILE H 145 -46.32 -6.38 -44.95
N ARG H 146 -46.56 -7.67 -44.74
CA ARG H 146 -45.92 -8.67 -45.60
C ARG H 146 -46.37 -8.53 -47.05
N ASP H 147 -47.68 -8.33 -47.26
CA ASP H 147 -48.19 -8.12 -48.61
C ASP H 147 -47.63 -6.84 -49.21
N HIS H 148 -47.54 -5.77 -48.42
CA HIS H 148 -46.96 -4.52 -48.91
C HIS H 148 -45.50 -4.71 -49.30
N LEU H 149 -44.74 -5.45 -48.49
CA LEU H 149 -43.34 -5.70 -48.79
C LEU H 149 -43.19 -6.54 -50.05
N ARG H 150 -44.03 -7.57 -50.20
CA ARG H 150 -43.98 -8.39 -51.40
C ARG H 150 -44.30 -7.55 -52.64
N GLN H 151 -45.32 -6.70 -52.55
CA GLN H 151 -45.68 -5.85 -53.68
C GLN H 151 -44.55 -4.88 -54.01
N THR H 152 -43.93 -4.27 -52.99
CA THR H 152 -42.84 -3.34 -53.24
C THR H 152 -41.65 -4.04 -53.88
N LEU H 153 -41.30 -5.23 -53.38
CA LEU H 153 -40.18 -5.98 -53.95
C LEU H 153 -40.48 -6.39 -55.39
N LEU H 154 -41.69 -6.84 -55.67
CA LEU H 154 -42.06 -7.21 -57.03
C LEU H 154 -42.01 -6.00 -57.95
N ASP H 155 -42.50 -4.85 -57.49
CA ASP H 155 -42.47 -3.64 -58.31
C ASP H 155 -41.03 -3.21 -58.59
N MET H 156 -40.16 -3.28 -57.57
CA MET H 156 -38.76 -2.93 -57.78
C MET H 156 -38.10 -3.87 -58.77
N ILE H 157 -38.37 -5.18 -58.66
CA ILE H 157 -37.79 -6.15 -59.57
C ILE H 157 -38.28 -5.89 -61.00
N ALA H 158 -39.57 -5.61 -61.16
CA ALA H 158 -40.11 -5.33 -62.48
C ALA H 158 -39.51 -4.05 -63.07
N ARG H 159 -39.36 -3.01 -62.24
CA ARG H 159 -38.76 -1.77 -62.72
C ARG H 159 -37.31 -1.98 -63.15
N GLU H 160 -36.56 -2.77 -62.37
CA GLU H 160 -35.20 -3.10 -62.77
C GLU H 160 -35.17 -3.88 -64.08
N ARG H 161 -36.09 -4.84 -64.23
CA ARG H 161 -36.17 -5.60 -65.48
C ARG H 161 -36.64 -4.71 -66.63
N LYS H 162 -37.59 -3.81 -66.36
CA LYS H 162 -38.11 -2.93 -67.40
C LYS H 162 -37.14 -1.84 -67.79
N GLY H 163 -36.03 -1.67 -67.06
CA GLY H 163 -35.06 -0.64 -67.34
C GLY H 163 -35.11 0.55 -66.42
N GLU H 164 -36.15 0.69 -65.61
CA GLU H 164 -36.23 1.78 -64.66
C GLU H 164 -35.15 1.64 -63.59
N VAL H 165 -34.62 2.78 -63.15
CA VAL H 165 -33.53 2.82 -62.19
C VAL H 165 -34.13 3.10 -60.81
N VAL H 166 -33.95 2.15 -59.90
CA VAL H 166 -34.43 2.29 -58.53
C VAL H 166 -33.23 2.18 -57.59
N ASP H 167 -33.47 2.36 -56.28
CA ASP H 167 -32.41 2.29 -55.29
C ASP H 167 -32.05 0.83 -55.07
N ARG H 168 -31.03 0.35 -55.78
CA ARG H 168 -30.59 -1.03 -55.62
C ARG H 168 -30.00 -1.27 -54.22
N GLY H 169 -29.31 -0.28 -53.67
CA GLY H 169 -28.80 -0.43 -52.31
C GLY H 169 -29.89 -0.58 -51.29
N ALA H 170 -31.01 0.12 -51.49
CA ALA H 170 -32.15 -0.03 -50.59
C ALA H 170 -32.72 -1.44 -50.64
N ILE H 171 -32.82 -2.02 -51.84
CA ILE H 171 -33.31 -3.38 -51.96
C ILE H 171 -32.32 -4.37 -51.34
N ARG H 172 -31.03 -4.10 -51.48
CA ARG H 172 -30.02 -4.94 -50.83
C ARG H 172 -30.15 -4.86 -49.32
N ASN H 173 -30.38 -3.67 -48.77
CA ASN H 173 -30.58 -3.53 -47.34
C ASN H 173 -31.84 -4.26 -46.89
N ALA H 174 -32.91 -4.20 -47.68
CA ALA H 174 -34.13 -4.93 -47.35
C ALA H 174 -33.89 -6.43 -47.36
N CYS H 175 -33.12 -6.92 -48.33
CA CYS H 175 -32.79 -8.34 -48.37
C CYS H 175 -31.95 -8.75 -47.17
N GLN H 176 -30.99 -7.90 -46.78
CA GLN H 176 -30.18 -8.19 -45.60
C GLN H 176 -31.04 -8.24 -44.34
N MET H 177 -31.99 -7.30 -44.23
CA MET H 177 -32.91 -7.32 -43.09
C MET H 177 -33.76 -8.58 -43.07
N LEU H 178 -34.25 -8.99 -44.24
CA LEU H 178 -35.07 -10.20 -44.32
C LEU H 178 -34.25 -11.44 -43.95
N MET H 179 -33.00 -11.50 -44.40
CA MET H 179 -32.17 -12.66 -44.11
C MET H 179 -31.91 -12.79 -42.61
N ILE H 180 -31.66 -11.66 -41.93
CA ILE H 180 -31.36 -11.68 -40.50
C ILE H 180 -32.62 -11.67 -39.64
N LEU H 181 -33.80 -11.45 -40.23
CA LEU H 181 -35.03 -11.46 -39.45
C LEU H 181 -35.28 -12.84 -38.86
N GLY H 182 -35.03 -13.89 -39.63
CA GLY H 182 -35.14 -15.24 -39.10
C GLY H 182 -33.97 -15.60 -38.21
N LEU H 183 -34.19 -16.59 -37.35
CA LEU H 183 -33.16 -17.03 -36.41
C LEU H 183 -32.11 -17.83 -37.16
N GLU H 184 -31.21 -17.13 -37.84
CA GLU H 184 -30.12 -17.75 -38.61
C GLU H 184 -30.67 -18.77 -39.60
N GLY H 185 -31.74 -18.42 -40.28
CA GLY H 185 -32.37 -19.31 -41.24
C GLY H 185 -32.91 -18.54 -42.42
N ARG H 186 -33.09 -19.25 -43.53
CA ARG H 186 -33.60 -18.69 -44.76
C ARG H 186 -35.12 -18.72 -44.83
N SER H 187 -35.78 -19.18 -43.76
CA SER H 187 -37.23 -19.26 -43.76
C SER H 187 -37.87 -17.88 -43.87
N VAL H 188 -37.24 -16.88 -43.25
CA VAL H 188 -37.78 -15.52 -43.32
C VAL H 188 -37.78 -15.01 -44.76
N TYR H 189 -36.69 -15.25 -45.48
CA TYR H 189 -36.61 -14.82 -46.87
C TYR H 189 -37.49 -15.68 -47.76
N GLU H 190 -37.50 -16.99 -47.52
CA GLU H 190 -38.24 -17.90 -48.38
C GLU H 190 -39.75 -17.74 -48.23
N GLU H 191 -40.24 -17.68 -46.99
CA GLU H 191 -41.69 -17.67 -46.77
C GLU H 191 -42.33 -16.40 -47.31
N ASP H 192 -41.69 -15.24 -47.11
CA ASP H 192 -42.32 -13.96 -47.42
C ASP H 192 -41.71 -13.24 -48.60
N PHE H 193 -40.44 -13.49 -48.92
CA PHE H 193 -39.78 -12.72 -49.97
C PHE H 193 -39.38 -13.57 -51.16
N GLU H 194 -38.63 -14.66 -50.92
CA GLU H 194 -38.10 -15.45 -52.02
C GLU H 194 -39.22 -16.10 -52.82
N ALA H 195 -40.24 -16.62 -52.15
CA ALA H 195 -41.36 -17.24 -52.85
C ALA H 195 -42.08 -16.27 -53.78
N PRO H 196 -42.44 -15.05 -53.35
CA PRO H 196 -43.06 -14.11 -54.29
C PRO H 196 -42.15 -13.75 -55.46
N PHE H 197 -40.83 -13.68 -55.22
CA PHE H 197 -39.90 -13.35 -56.29
C PHE H 197 -39.77 -14.52 -57.28
N LEU H 198 -39.70 -15.74 -56.77
CA LEU H 198 -39.59 -16.91 -57.64
C LEU H 198 -40.83 -17.07 -58.51
N GLU H 199 -42.02 -16.89 -57.91
CA GLU H 199 -43.26 -17.00 -58.67
C GLU H 199 -43.36 -15.88 -59.71
N MET H 200 -42.97 -14.66 -59.33
CA MET H 200 -43.01 -13.54 -60.27
C MET H 200 -42.00 -13.73 -61.40
N SER H 201 -40.85 -14.32 -61.09
CA SER H 201 -39.84 -14.55 -62.11
C SER H 201 -40.34 -15.51 -63.19
N ALA H 202 -41.07 -16.55 -62.78
CA ALA H 202 -41.63 -17.48 -63.77
C ALA H 202 -42.64 -16.79 -64.68
N GLU H 203 -43.50 -15.94 -64.11
CA GLU H 203 -44.46 -15.21 -64.93
C GLU H 203 -43.76 -14.26 -65.89
N PHE H 204 -42.72 -13.56 -65.41
CA PHE H 204 -41.97 -12.67 -66.29
C PHE H 204 -41.23 -13.46 -67.37
N PHE H 205 -40.66 -14.60 -67.00
CA PHE H 205 -39.95 -15.42 -67.98
C PHE H 205 -40.90 -16.05 -68.98
N GLN H 206 -42.09 -16.47 -68.52
CA GLN H 206 -43.05 -17.09 -69.43
C GLN H 206 -43.51 -16.12 -70.50
N MET H 207 -43.78 -14.86 -70.12
CA MET H 207 -44.15 -13.86 -71.10
C MET H 207 -42.98 -13.57 -72.05
N GLU H 208 -41.77 -13.49 -71.51
CA GLU H 208 -40.60 -13.24 -72.34
C GLU H 208 -40.31 -14.41 -73.28
N SER H 209 -40.53 -15.64 -72.80
CA SER H 209 -40.27 -16.81 -73.63
C SER H 209 -41.17 -16.83 -74.85
N GLN H 210 -42.45 -16.52 -74.68
CA GLN H 210 -43.36 -16.47 -75.82
C GLN H 210 -42.97 -15.35 -76.78
N LYS H 211 -42.59 -14.19 -76.26
CA LYS H 211 -42.17 -13.09 -77.12
C LYS H 211 -40.91 -13.43 -77.89
N PHE H 212 -39.95 -14.08 -77.24
CA PHE H 212 -38.71 -14.45 -77.89
C PHE H 212 -38.90 -15.67 -78.79
N SER H 217 -35.22 -15.37 -84.35
CA SER H 217 -34.22 -16.35 -84.78
C SER H 217 -33.74 -17.18 -83.60
N ALA H 218 -33.27 -18.39 -83.89
CA ALA H 218 -32.76 -19.26 -82.83
C ALA H 218 -31.54 -18.65 -82.15
N SER H 219 -30.61 -18.10 -82.94
CA SER H 219 -29.46 -17.42 -82.36
C SER H 219 -29.89 -16.18 -81.59
N VAL H 220 -30.86 -15.44 -82.13
CA VAL H 220 -31.35 -14.26 -81.43
C VAL H 220 -32.03 -14.65 -80.13
N TYR H 221 -32.82 -15.74 -80.15
CA TYR H 221 -33.46 -16.22 -78.93
C TYR H 221 -32.43 -16.66 -77.90
N ILE H 222 -31.37 -17.34 -78.34
CA ILE H 222 -30.32 -17.76 -77.42
C ILE H 222 -29.62 -16.56 -76.81
N LYS H 223 -29.34 -15.54 -77.63
CA LYS H 223 -28.71 -14.32 -77.12
C LYS H 223 -29.61 -13.62 -76.12
N LYS H 224 -30.92 -13.56 -76.40
CA LYS H 224 -31.85 -12.94 -75.47
C LYS H 224 -31.91 -13.70 -74.16
N VAL H 225 -31.91 -15.04 -74.22
CA VAL H 225 -31.92 -15.84 -73.00
C VAL H 225 -30.65 -15.63 -72.20
N GLU H 226 -29.50 -15.57 -72.88
CA GLU H 226 -28.25 -15.31 -72.18
C GLU H 226 -28.24 -13.93 -71.54
N ALA H 227 -28.77 -12.93 -72.24
CA ALA H 227 -28.86 -11.58 -71.67
C ALA H 227 -29.77 -11.56 -70.46
N ARG H 228 -30.90 -12.27 -70.51
CA ARG H 228 -31.80 -12.34 -69.37
C ARG H 228 -31.13 -13.03 -68.18
N ILE H 229 -30.39 -14.10 -68.45
CA ILE H 229 -29.68 -14.80 -67.36
C ILE H 229 -28.63 -13.88 -66.75
N ASN H 230 -27.88 -13.15 -67.57
CA ASN H 230 -26.88 -12.23 -67.06
C ASN H 230 -27.52 -11.12 -66.24
N GLU H 231 -28.66 -10.60 -66.70
CA GLU H 231 -29.36 -9.56 -65.95
C GLU H 231 -29.87 -10.09 -64.61
N GLU H 232 -30.38 -11.33 -64.61
CA GLU H 232 -30.81 -11.93 -63.35
C GLU H 232 -29.64 -12.12 -62.39
N ILE H 233 -28.49 -12.56 -62.90
CA ILE H 233 -27.32 -12.73 -62.06
C ILE H 233 -26.87 -11.39 -61.49
N GLU H 234 -26.87 -10.34 -62.32
CA GLU H 234 -26.48 -9.01 -61.86
C GLU H 234 -27.44 -8.50 -60.79
N ARG H 235 -28.74 -8.72 -60.99
CA ARG H 235 -29.73 -8.29 -60.00
C ARG H 235 -29.55 -9.05 -58.69
N VAL H 236 -29.26 -10.34 -58.77
CA VAL H 236 -29.03 -11.13 -57.56
C VAL H 236 -27.79 -10.62 -56.83
N MET H 237 -26.73 -10.32 -57.57
CA MET H 237 -25.50 -9.82 -56.96
C MET H 237 -25.73 -8.45 -56.32
N HIS H 238 -26.49 -7.58 -56.97
CA HIS H 238 -26.62 -6.21 -56.49
C HIS H 238 -27.63 -6.10 -55.35
N CYS H 239 -28.83 -6.65 -55.53
CA CYS H 239 -29.89 -6.43 -54.56
C CYS H 239 -30.68 -7.69 -54.23
N LEU H 240 -30.02 -8.82 -54.00
CA LEU H 240 -30.70 -10.04 -53.61
C LEU H 240 -29.72 -10.95 -52.88
N ASP H 241 -30.28 -11.98 -52.23
CA ASP H 241 -29.45 -12.93 -51.50
C ASP H 241 -28.65 -13.78 -52.48
N LYS H 242 -27.38 -14.03 -52.13
CA LYS H 242 -26.52 -14.83 -52.99
C LYS H 242 -26.89 -16.31 -52.94
N SER H 243 -27.38 -16.77 -51.77
CA SER H 243 -27.72 -18.18 -51.62
C SER H 243 -28.88 -18.57 -52.53
N THR H 244 -29.89 -17.71 -52.65
CA THR H 244 -31.07 -17.99 -53.46
C THR H 244 -30.89 -17.65 -54.93
N GLU H 245 -29.72 -17.12 -55.31
CA GLU H 245 -29.49 -16.76 -56.71
C GLU H 245 -29.53 -17.98 -57.62
N GLU H 246 -28.95 -19.09 -57.18
CA GLU H 246 -28.89 -20.28 -58.02
C GLU H 246 -30.27 -20.84 -58.36
N PRO H 247 -31.19 -21.02 -57.40
CA PRO H 247 -32.52 -21.51 -57.78
C PRO H 247 -33.26 -20.57 -58.73
N ILE H 248 -33.12 -19.25 -58.52
CA ILE H 248 -33.77 -18.29 -59.41
C ILE H 248 -33.19 -18.39 -60.82
N VAL H 249 -31.87 -18.51 -60.92
CA VAL H 249 -31.24 -18.63 -62.24
C VAL H 249 -31.68 -19.93 -62.92
N LYS H 250 -31.75 -21.02 -62.16
CA LYS H 250 -32.19 -22.29 -62.73
C LYS H 250 -33.64 -22.19 -63.23
N VAL H 251 -34.51 -21.57 -62.44
CA VAL H 251 -35.91 -21.43 -62.86
C VAL H 251 -36.01 -20.56 -64.10
N VAL H 252 -35.24 -19.48 -64.15
CA VAL H 252 -35.27 -18.59 -65.33
C VAL H 252 -34.78 -19.33 -66.56
N GLU H 253 -33.70 -20.12 -66.42
CA GLU H 253 -33.19 -20.88 -67.55
C GLU H 253 -34.21 -21.93 -68.01
N ARG H 254 -34.86 -22.60 -67.07
CA ARG H 254 -35.85 -23.61 -67.43
C ARG H 254 -37.04 -22.98 -68.15
N GLU H 255 -37.51 -21.83 -67.67
CA GLU H 255 -38.68 -21.19 -68.27
C GLU H 255 -38.34 -20.61 -69.65
N LEU H 256 -37.17 -19.98 -69.77
CA LEU H 256 -36.83 -19.30 -71.02
C LEU H 256 -36.41 -20.29 -72.10
N ILE H 257 -35.67 -21.34 -71.75
CA ILE H 257 -35.07 -22.22 -72.73
C ILE H 257 -35.86 -23.51 -72.94
N SER H 258 -36.41 -24.12 -71.90
CA SER H 258 -37.11 -25.39 -72.05
C SER H 258 -38.57 -25.24 -72.43
N LYS H 259 -39.06 -24.01 -72.60
CA LYS H 259 -40.44 -23.80 -73.01
C LYS H 259 -40.61 -24.10 -74.49
N LEU I 53 28.50 19.69 -6.48
CA LEU I 53 27.96 20.90 -5.88
C LEU I 53 27.53 20.66 -4.44
N PRO I 54 27.72 21.66 -3.59
CA PRO I 54 27.27 21.53 -2.19
C PRO I 54 25.76 21.68 -2.07
N GLN I 55 25.03 20.59 -2.29
CA GLN I 55 23.58 20.65 -2.25
C GLN I 55 23.08 21.04 -0.86
N GLU I 56 21.97 21.77 -0.85
CA GLU I 56 21.23 22.06 0.37
C GLU I 56 20.01 21.15 0.41
N PHE I 57 19.92 20.33 1.44
CA PHE I 57 18.80 19.40 1.54
C PHE I 57 17.71 19.98 2.43
N PRO I 58 16.45 19.72 2.14
CA PRO I 58 15.38 20.18 3.03
C PRO I 58 15.47 19.49 4.38
N GLU I 59 15.00 20.19 5.41
CA GLU I 59 15.01 19.61 6.75
C GLU I 59 14.17 18.35 6.80
N VAL I 60 13.05 18.34 6.06
CA VAL I 60 12.24 17.14 5.87
C VAL I 60 12.59 16.59 4.50
N VAL I 61 13.17 15.39 4.46
CA VAL I 61 13.70 14.80 3.24
C VAL I 61 12.68 13.80 2.71
N PRO I 62 12.09 14.03 1.54
CA PRO I 62 11.26 13.00 0.91
C PRO I 62 12.14 11.93 0.29
N LEU I 63 11.86 10.67 0.61
CA LEU I 63 12.69 9.56 0.20
C LEU I 63 11.88 8.61 -0.66
N ASN I 64 12.51 8.11 -1.72
CA ASN I 64 11.94 7.07 -2.58
C ASN I 64 12.94 5.93 -2.66
N ILE I 65 12.65 4.84 -1.96
CA ILE I 65 13.55 3.70 -1.86
C ILE I 65 13.01 2.60 -2.76
N GLY I 66 13.46 2.60 -4.02
CA GLY I 66 13.04 1.57 -4.95
C GLY I 66 11.55 1.52 -5.18
N GLY I 67 10.91 2.69 -5.31
CA GLY I 67 9.47 2.75 -5.52
C GLY I 67 8.65 2.86 -4.26
N ALA I 68 9.25 2.73 -3.09
CA ALA I 68 8.56 2.86 -1.82
C ALA I 68 8.84 4.23 -1.23
N HIS I 69 7.78 4.91 -0.81
CA HIS I 69 7.87 6.31 -0.38
C HIS I 69 8.06 6.38 1.13
N PHE I 70 9.17 6.95 1.57
CA PHE I 70 9.44 7.23 2.96
C PHE I 70 9.71 8.72 3.12
N THR I 71 9.48 9.24 4.32
CA THR I 71 9.78 10.62 4.64
C THR I 71 10.45 10.67 6.00
N THR I 72 11.58 11.36 6.08
CA THR I 72 12.34 11.44 7.31
C THR I 72 13.05 12.78 7.37
N ARG I 73 13.44 13.17 8.57
CA ARG I 73 14.15 14.42 8.77
C ARG I 73 15.61 14.26 8.35
N LEU I 74 16.22 15.39 7.97
CA LEU I 74 17.63 15.36 7.57
C LEU I 74 18.53 14.96 8.73
N SER I 75 18.17 15.35 9.95
CA SER I 75 18.98 14.99 11.11
C SER I 75 19.00 13.49 11.33
N THR I 76 17.91 12.80 10.96
CA THR I 76 17.86 11.35 11.10
C THR I 76 18.88 10.66 10.21
N LEU I 77 19.01 11.12 8.97
CA LEU I 77 19.92 10.49 8.03
C LEU I 77 21.38 10.72 8.42
N ARG I 78 21.70 11.93 8.85
CA ARG I 78 23.07 12.27 9.25
C ARG I 78 23.36 11.95 10.71
N ARG I 79 22.61 11.03 11.32
CA ARG I 79 22.78 10.77 12.75
C ARG I 79 24.12 10.10 13.02
N TYR I 80 24.49 9.10 12.21
CA TYR I 80 25.80 8.47 12.26
C TYR I 80 26.62 8.98 11.09
N GLU I 81 27.76 9.61 11.40
CA GLU I 81 28.52 10.30 10.35
C GLU I 81 29.13 9.32 9.37
N ASP I 82 29.53 8.13 9.84
CA ASP I 82 30.14 7.12 8.97
C ASP I 82 29.05 6.13 8.56
N THR I 83 28.30 6.49 7.52
CA THR I 83 27.19 5.69 7.04
C THR I 83 26.94 6.08 5.58
N MET I 84 26.37 5.13 4.82
CA MET I 84 25.94 5.45 3.46
C MET I 84 25.00 6.65 3.44
N LEU I 85 24.00 6.66 4.32
CA LEU I 85 22.99 7.71 4.27
C LEU I 85 23.58 9.06 4.65
N ALA I 86 24.56 9.07 5.56
CA ALA I 86 25.19 10.33 5.94
C ALA I 86 26.05 10.89 4.82
N ALA I 87 26.88 10.03 4.21
CA ALA I 87 27.73 10.49 3.11
C ALA I 87 26.91 10.88 1.89
N MET I 88 25.83 10.15 1.63
CA MET I 88 24.95 10.46 0.51
C MET I 88 24.27 11.81 0.71
N PHE I 89 23.84 12.11 1.93
CA PHE I 89 23.18 13.36 2.23
C PHE I 89 24.08 14.35 2.96
N SER I 90 25.40 14.17 2.87
CA SER I 90 26.33 15.13 3.44
C SER I 90 26.37 16.42 2.62
N GLY I 91 25.95 16.36 1.37
CA GLY I 91 25.96 17.49 0.48
C GLY I 91 27.12 17.53 -0.49
N ARG I 92 28.09 16.62 -0.35
CA ARG I 92 29.23 16.60 -1.25
C ARG I 92 28.88 15.95 -2.59
N HIS I 93 27.80 15.19 -2.65
CA HIS I 93 27.44 14.43 -3.83
C HIS I 93 26.10 14.90 -4.38
N TYR I 94 25.95 14.79 -5.70
CA TYR I 94 24.69 15.13 -6.35
C TYR I 94 23.73 13.95 -6.25
N ILE I 95 22.51 14.21 -5.83
CA ILE I 95 21.50 13.18 -5.59
C ILE I 95 20.37 13.37 -6.59
N PRO I 96 19.98 12.32 -7.33
CA PRO I 96 18.93 12.49 -8.34
C PRO I 96 17.54 12.44 -7.70
N THR I 97 16.67 13.34 -8.14
CA THR I 97 15.25 13.28 -7.83
C THR I 97 14.51 12.57 -8.97
N ASP I 98 13.29 12.11 -8.67
CA ASP I 98 12.53 11.27 -9.59
C ASP I 98 11.14 11.88 -9.82
N SER I 99 11.05 12.79 -10.79
CA SER I 99 9.81 13.41 -11.25
C SER I 99 9.01 14.08 -10.14
N GLU I 100 9.58 14.16 -8.93
CA GLU I 100 8.92 14.77 -7.78
C GLU I 100 10.02 15.34 -6.89
N GLY I 101 9.65 15.66 -5.65
CA GLY I 101 10.65 16.02 -4.68
C GLY I 101 11.35 14.85 -4.03
N ARG I 102 10.93 13.63 -4.35
CA ARG I 102 11.51 12.44 -3.75
C ARG I 102 12.97 12.29 -4.15
N TYR I 103 13.77 11.75 -3.24
CA TYR I 103 15.16 11.40 -3.51
C TYR I 103 15.27 9.90 -3.68
N PHE I 104 15.94 9.47 -4.75
CA PHE I 104 15.89 8.09 -5.20
C PHE I 104 17.06 7.29 -4.67
N ILE I 105 16.76 6.13 -4.10
CA ILE I 105 17.75 5.10 -3.78
C ILE I 105 17.26 3.80 -4.39
N ASP I 106 18.09 3.19 -5.23
CA ASP I 106 17.70 2.01 -6.00
C ASP I 106 17.95 0.76 -5.16
N ARG I 107 17.06 0.53 -4.19
CA ARG I 107 17.08 -0.71 -3.43
C ARG I 107 15.69 -0.97 -2.88
N ASP I 108 15.44 -2.22 -2.52
CA ASP I 108 14.15 -2.61 -1.96
C ASP I 108 13.86 -1.85 -0.67
N GLY I 109 12.66 -1.28 -0.59
CA GLY I 109 12.25 -0.51 0.56
C GLY I 109 11.35 -1.23 1.54
N THR I 110 11.23 -2.56 1.44
CA THR I 110 10.35 -3.28 2.37
C THR I 110 10.86 -3.18 3.80
N HIS I 111 12.16 -3.33 4.00
CA HIS I 111 12.75 -3.31 5.33
C HIS I 111 13.55 -2.03 5.60
N PHE I 112 13.34 -0.98 4.82
CA PHE I 112 13.98 0.30 5.12
C PHE I 112 13.30 0.98 6.30
N GLY I 113 12.07 0.58 6.63
CA GLY I 113 11.40 1.14 7.78
C GLY I 113 12.14 0.88 9.07
N ASP I 114 12.65 -0.34 9.24
CA ASP I 114 13.40 -0.66 10.46
C ASP I 114 14.73 0.07 10.50
N VAL I 115 15.36 0.28 9.35
CA VAL I 115 16.59 1.08 9.30
C VAL I 115 16.31 2.50 9.74
N LEU I 116 15.22 3.08 9.23
CA LEU I 116 14.85 4.44 9.64
C LEU I 116 14.49 4.48 11.12
N ASN I 117 13.86 3.42 11.63
CA ASN I 117 13.53 3.36 13.05
C ASN I 117 14.78 3.35 13.91
N PHE I 118 15.80 2.58 13.50
CA PHE I 118 17.04 2.57 14.25
C PHE I 118 17.78 3.90 14.13
N LEU I 119 17.58 4.61 13.02
CA LEU I 119 18.19 5.93 12.91
C LEU I 119 17.48 6.95 13.81
N ARG I 120 16.15 6.86 13.91
CA ARG I 120 15.42 7.79 14.76
C ARG I 120 15.69 7.54 16.23
N SER I 121 15.59 6.29 16.67
CA SER I 121 15.83 5.91 18.06
C SER I 121 16.51 4.55 18.09
N GLY I 122 16.57 3.95 19.26
CA GLY I 122 17.30 2.71 19.41
C GLY I 122 16.48 1.46 19.11
N ASP I 123 15.36 1.63 18.42
CA ASP I 123 14.47 0.50 18.15
C ASP I 123 15.15 -0.55 17.29
N LEU I 124 14.88 -1.82 17.59
CA LEU I 124 15.44 -2.95 16.89
C LEU I 124 14.35 -3.82 16.29
N PRO I 125 14.63 -4.51 15.19
CA PRO I 125 13.59 -5.28 14.50
C PRO I 125 13.18 -6.50 15.31
N PRO I 126 12.04 -7.10 14.99
CA PRO I 126 11.68 -8.40 15.59
C PRO I 126 12.54 -9.51 15.01
N ARG I 127 12.22 -10.75 15.41
CA ARG I 127 13.06 -11.89 15.06
C ARG I 127 13.12 -12.10 13.55
N GLU I 128 11.96 -12.17 12.90
CA GLU I 128 11.93 -12.52 11.49
C GLU I 128 12.53 -11.40 10.63
N HIS I 129 12.67 -10.20 11.19
CA HIS I 129 13.25 -9.10 10.43
C HIS I 129 14.72 -8.89 10.76
N VAL I 130 15.29 -9.70 11.66
CA VAL I 130 16.69 -9.51 12.04
C VAL I 130 17.60 -9.70 10.83
N ARG I 131 17.35 -10.75 10.06
CA ARG I 131 18.24 -11.08 8.94
C ARG I 131 18.08 -10.10 7.79
N ALA I 132 16.83 -9.74 7.45
CA ALA I 132 16.61 -8.81 6.36
C ALA I 132 17.16 -7.42 6.69
N VAL I 133 16.92 -6.95 7.92
CA VAL I 133 17.46 -5.65 8.31
C VAL I 133 18.97 -5.72 8.43
N TYR I 134 19.53 -6.89 8.78
CA TYR I 134 20.97 -7.05 8.74
C TYR I 134 21.50 -6.88 7.32
N LYS I 135 20.82 -7.48 6.34
CA LYS I 135 21.21 -7.30 4.95
C LYS I 135 21.14 -5.84 4.53
N GLU I 136 20.07 -5.15 4.93
CA GLU I 136 19.95 -3.73 4.60
C GLU I 136 21.06 -2.90 5.25
N ALA I 137 21.35 -3.17 6.52
CA ALA I 137 22.37 -2.41 7.22
C ALA I 137 23.76 -2.66 6.64
N GLN I 138 23.98 -3.87 6.10
CA GLN I 138 25.23 -4.12 5.39
C GLN I 138 25.37 -3.19 4.19
N TYR I 139 24.29 -3.04 3.42
CA TYR I 139 24.33 -2.13 2.28
C TYR I 139 24.55 -0.69 2.72
N TYR I 140 23.82 -0.25 3.75
CA TYR I 140 23.89 1.13 4.20
C TYR I 140 25.07 1.39 5.12
N ALA I 141 25.85 0.36 5.45
CA ALA I 141 27.08 0.50 6.23
C ALA I 141 26.81 1.16 7.57
N ILE I 142 25.73 0.77 8.24
CA ILE I 142 25.39 1.27 9.56
C ILE I 142 26.03 0.34 10.58
N GLY I 143 27.21 0.72 11.08
CA GLY I 143 27.94 -0.11 12.02
C GLY I 143 27.24 -0.42 13.32
N PRO I 144 26.70 0.58 14.03
CA PRO I 144 25.96 0.26 15.27
C PRO I 144 24.79 -0.68 15.05
N LEU I 145 24.03 -0.49 13.96
CA LEU I 145 22.94 -1.40 13.67
C LEU I 145 23.45 -2.80 13.41
N LEU I 146 24.58 -2.92 12.71
CA LEU I 146 25.16 -4.24 12.46
C LEU I 146 25.56 -4.91 13.76
N GLU I 147 26.14 -4.16 14.70
CA GLU I 147 26.53 -4.74 15.97
C GLU I 147 25.32 -5.21 16.76
N GLN I 148 24.30 -4.36 16.88
CA GLN I 148 23.11 -4.76 17.65
C GLN I 148 22.39 -5.92 16.98
N LEU I 149 22.44 -6.02 15.65
CA LEU I 149 21.78 -7.13 14.98
C LEU I 149 22.57 -8.41 15.12
N GLU I 150 23.90 -8.32 15.12
CA GLU I 150 24.72 -9.50 15.37
C GLU I 150 24.64 -9.95 16.83
N ASN I 151 24.21 -9.07 17.73
CA ASN I 151 23.95 -9.48 19.10
C ASN I 151 22.55 -10.05 19.30
N MET I 152 21.76 -10.20 18.24
CA MET I 152 20.44 -10.79 18.35
C MET I 152 20.47 -12.25 17.92
N GLN I 153 19.45 -13.00 18.33
CA GLN I 153 19.53 -14.45 18.31
C GLN I 153 19.72 -15.08 16.95
N PRO I 154 18.95 -14.73 15.90
CA PRO I 154 19.14 -15.45 14.62
C PRO I 154 20.55 -15.40 14.10
N LEU I 155 21.30 -14.33 14.42
CA LEU I 155 22.67 -14.22 13.94
C LEU I 155 23.68 -14.64 15.01
N LYS I 156 23.29 -14.59 16.28
CA LYS I 156 24.22 -14.93 17.35
C LYS I 156 24.59 -16.41 17.31
N GLY I 157 23.59 -17.29 17.20
CA GLY I 157 23.88 -18.70 17.09
C GLY I 157 24.66 -19.03 15.83
N GLU I 158 24.39 -18.30 14.74
CA GLU I 158 25.14 -18.51 13.51
C GLU I 158 26.60 -18.13 13.70
N LYS I 159 26.89 -17.03 14.40
CA LYS I 159 28.27 -16.68 14.70
C LYS I 159 28.93 -17.76 15.57
N VAL I 160 28.19 -18.26 16.56
CA VAL I 160 28.76 -19.29 17.44
C VAL I 160 29.09 -20.55 16.65
N ARG I 161 28.22 -20.94 15.71
CA ARG I 161 28.52 -22.14 14.92
C ARG I 161 29.58 -21.89 13.87
N GLN I 162 29.68 -20.66 13.36
CA GLN I 162 30.77 -20.32 12.46
C GLN I 162 32.11 -20.31 13.17
N ALA I 163 32.11 -20.11 14.49
CA ALA I 163 33.33 -20.29 15.26
C ALA I 163 33.85 -21.72 15.12
N PHE I 164 32.94 -22.68 14.96
CA PHE I 164 33.35 -24.07 14.77
C PHE I 164 33.64 -24.36 13.29
N LEU I 165 32.68 -24.03 12.42
CA LEU I 165 32.84 -24.30 10.99
C LEU I 165 33.90 -23.45 10.34
N GLY I 166 34.40 -22.42 11.02
CA GLY I 166 35.51 -21.64 10.48
C GLY I 166 36.83 -22.37 10.49
N LEU I 167 36.93 -23.45 11.28
CA LEU I 167 38.12 -24.29 11.22
C LEU I 167 38.25 -24.96 9.86
N MET I 168 37.14 -25.07 9.13
CA MET I 168 37.09 -25.74 7.85
C MET I 168 36.59 -24.78 6.79
N PRO I 169 37.46 -24.11 6.03
CA PRO I 169 36.99 -23.18 5.00
C PRO I 169 36.38 -23.87 3.79
N TYR I 170 36.43 -25.19 3.73
CA TYR I 170 35.88 -25.96 2.62
C TYR I 170 34.49 -26.50 2.90
N TYR I 171 33.84 -26.04 3.96
CA TYR I 171 32.57 -26.62 4.37
C TYR I 171 31.49 -26.37 3.33
N LYS I 172 31.32 -25.11 2.91
CA LYS I 172 30.25 -24.79 1.97
C LYS I 172 30.51 -25.42 0.60
N ASP I 173 31.78 -25.47 0.18
CA ASP I 173 32.12 -26.14 -1.07
C ASP I 173 31.76 -27.61 -1.02
N HIS I 174 32.06 -28.27 0.10
CA HIS I 174 31.73 -29.69 0.23
C HIS I 174 30.22 -29.90 0.29
N LEU I 175 29.49 -28.98 0.91
CA LEU I 175 28.03 -29.08 0.91
C LEU I 175 27.48 -28.97 -0.51
N GLU I 176 27.97 -28.01 -1.28
CA GLU I 176 27.51 -27.87 -2.66
C GLU I 176 27.90 -29.10 -3.48
N ARG I 177 29.08 -29.67 -3.21
CA ARG I 177 29.46 -30.91 -3.87
C ARG I 177 28.49 -32.04 -3.54
N ILE I 178 28.09 -32.14 -2.27
CA ILE I 178 27.13 -33.17 -1.88
C ILE I 178 25.82 -32.99 -2.65
N VAL I 179 25.30 -31.77 -2.69
CA VAL I 179 24.04 -31.53 -3.37
C VAL I 179 24.15 -31.83 -4.86
N GLU I 180 25.24 -31.38 -5.50
CA GLU I 180 25.39 -31.60 -6.93
C GLU I 180 25.57 -33.07 -7.27
N ILE I 181 26.34 -33.81 -6.46
CA ILE I 181 26.52 -35.23 -6.72
C ILE I 181 25.21 -35.97 -6.55
N ALA I 182 24.43 -35.65 -5.51
CA ALA I 182 23.14 -36.28 -5.33
C ALA I 182 22.21 -35.98 -6.50
N ARG I 183 22.17 -34.72 -6.94
CA ARG I 183 21.30 -34.37 -8.06
C ARG I 183 21.72 -35.09 -9.33
N LEU I 184 23.02 -35.14 -9.61
CA LEU I 184 23.49 -35.81 -10.81
C LEU I 184 23.17 -37.30 -10.78
N ARG I 185 23.38 -37.95 -9.63
CA ARG I 185 23.07 -39.37 -9.53
C ARG I 185 21.59 -39.62 -9.72
N ALA I 186 20.73 -38.82 -9.08
CA ALA I 186 19.29 -39.01 -9.21
C ALA I 186 18.83 -38.79 -10.65
N VAL I 187 19.38 -37.76 -11.31
CA VAL I 187 18.94 -37.47 -12.68
C VAL I 187 19.44 -38.55 -13.65
N GLN I 188 20.72 -38.93 -13.54
CA GLN I 188 21.28 -39.91 -14.47
C GLN I 188 20.65 -41.28 -14.28
N ARG I 189 20.49 -41.71 -13.02
CA ARG I 189 19.88 -43.01 -12.76
C ARG I 189 18.36 -42.97 -12.82
N LYS I 190 17.76 -41.78 -12.82
CA LYS I 190 16.32 -41.60 -12.87
C LYS I 190 15.66 -42.24 -11.65
N ALA I 191 16.06 -41.77 -10.47
CA ALA I 191 15.53 -42.22 -9.19
C ALA I 191 14.90 -41.05 -8.46
N ARG I 192 14.41 -41.33 -7.25
CA ARG I 192 13.95 -40.26 -6.37
C ARG I 192 15.00 -39.91 -5.33
N PHE I 193 15.78 -40.88 -4.88
CA PHE I 193 16.77 -40.66 -3.84
C PHE I 193 18.15 -41.02 -4.34
N ALA I 194 19.14 -40.24 -3.93
CA ALA I 194 20.54 -40.50 -4.25
C ALA I 194 21.30 -40.73 -2.96
N LYS I 195 22.04 -41.82 -2.89
CA LYS I 195 22.80 -42.18 -1.71
C LYS I 195 24.28 -41.96 -1.97
N LEU I 196 24.90 -41.13 -1.14
CA LEU I 196 26.31 -40.83 -1.28
C LEU I 196 26.99 -40.99 0.08
N LYS I 197 28.27 -41.34 0.03
CA LYS I 197 29.03 -41.65 1.24
C LYS I 197 29.93 -40.48 1.59
N VAL I 198 29.90 -40.07 2.85
CA VAL I 198 30.77 -39.02 3.37
C VAL I 198 31.60 -39.60 4.49
N CYS I 199 32.83 -39.09 4.63
CA CYS I 199 33.74 -39.52 5.67
C CYS I 199 34.03 -38.35 6.60
N VAL I 200 33.58 -38.45 7.84
CA VAL I 200 33.77 -37.40 8.84
C VAL I 200 34.64 -37.97 9.95
N PHE I 201 35.85 -37.44 10.08
CA PHE I 201 36.77 -37.85 11.14
C PHE I 201 37.28 -36.59 11.83
N LYS I 202 37.23 -36.59 13.16
CA LYS I 202 37.66 -35.42 13.91
C LYS I 202 39.18 -35.30 13.93
N GLU I 203 39.88 -36.41 14.09
CA GLU I 203 41.34 -36.39 14.14
C GLU I 203 41.95 -36.96 12.87
N GLU I 235 36.94 -44.04 -1.82
CA GLU I 235 35.59 -44.38 -2.26
C GLU I 235 34.58 -43.40 -1.70
N VAL I 236 35.06 -42.43 -0.93
CA VAL I 236 34.21 -41.44 -0.28
C VAL I 236 34.06 -40.25 -1.23
N ASP I 237 32.81 -39.87 -1.49
CA ASP I 237 32.54 -38.76 -2.41
C ASP I 237 32.99 -37.44 -1.80
N VAL I 238 32.60 -37.18 -0.55
CA VAL I 238 32.87 -35.91 0.12
C VAL I 238 33.42 -36.21 1.51
N SER I 239 34.60 -35.69 1.81
CA SER I 239 35.28 -35.94 3.07
C SER I 239 35.48 -34.63 3.83
N PHE I 240 35.15 -34.63 5.11
CA PHE I 240 35.37 -33.48 5.99
C PHE I 240 36.55 -33.79 6.91
N GLY I 241 37.62 -33.02 6.75
CA GLY I 241 38.90 -33.36 7.34
C GLY I 241 38.96 -33.08 8.83
N PRO I 242 40.16 -33.17 9.39
CA PRO I 242 40.30 -33.02 10.84
C PRO I 242 40.09 -31.58 11.28
N TRP I 243 39.70 -31.42 12.55
CA TRP I 243 39.55 -30.12 13.16
C TRP I 243 39.90 -30.23 14.64
N GLU I 244 40.33 -29.11 15.22
CA GLU I 244 40.68 -29.05 16.63
C GLU I 244 39.64 -28.21 17.35
N ALA I 245 38.72 -28.88 18.04
CA ALA I 245 37.67 -28.22 18.81
C ALA I 245 37.10 -29.24 19.78
N VAL I 246 36.06 -28.83 20.51
CA VAL I 246 35.37 -29.75 21.39
C VAL I 246 34.08 -30.28 20.79
N ALA I 247 33.67 -29.79 19.62
CA ALA I 247 32.53 -30.36 18.94
C ALA I 247 32.90 -31.71 18.36
N ASP I 248 32.02 -32.69 18.57
CA ASP I 248 32.29 -34.07 18.23
C ASP I 248 31.91 -34.30 16.77
N VAL I 249 32.16 -35.52 16.29
CA VAL I 249 31.80 -35.87 14.92
C VAL I 249 30.30 -35.74 14.70
N TYR I 250 29.51 -36.18 15.68
CA TYR I 250 28.06 -36.15 15.54
C TYR I 250 27.54 -34.72 15.48
N ASP I 251 28.34 -33.74 15.91
CA ASP I 251 27.93 -32.36 15.80
C ASP I 251 28.08 -31.84 14.38
N LEU I 252 29.10 -32.32 13.66
CA LEU I 252 29.23 -31.94 12.26
C LEU I 252 28.08 -32.50 11.43
N LEU I 253 27.68 -33.75 11.69
CA LEU I 253 26.57 -34.33 10.95
C LEU I 253 25.28 -33.58 11.23
N HIS I 254 25.16 -32.99 12.42
CA HIS I 254 24.03 -32.10 12.68
C HIS I 254 24.12 -30.86 11.81
N CYS I 255 25.32 -30.32 11.61
CA CYS I 255 25.49 -29.17 10.73
C CYS I 255 25.12 -29.51 9.30
N LEU I 256 25.52 -30.71 8.83
CA LEU I 256 25.21 -31.10 7.46
C LEU I 256 23.71 -31.26 7.25
N VAL I 257 23.06 -32.03 8.13
CA VAL I 257 21.64 -32.30 7.96
C VAL I 257 20.82 -31.02 8.11
N THR I 258 21.15 -30.18 9.10
CA THR I 258 20.41 -28.94 9.28
C THR I 258 20.61 -28.00 8.10
N ASP I 259 21.85 -27.88 7.63
CA ASP I 259 22.11 -27.01 6.48
C ASP I 259 21.44 -27.55 5.21
N LEU I 260 21.51 -28.87 5.01
CA LEU I 260 20.86 -29.46 3.85
C LEU I 260 19.35 -29.35 3.94
N SER I 261 18.79 -29.59 5.13
CA SER I 261 17.34 -29.44 5.31
C SER I 261 16.91 -27.99 5.17
N ALA I 262 17.75 -27.05 5.58
CA ALA I 262 17.44 -25.64 5.38
C ALA I 262 17.39 -25.30 3.89
N GLN I 263 18.07 -26.08 3.06
CA GLN I 263 17.99 -25.89 1.62
C GLN I 263 16.73 -26.50 1.01
N GLY I 264 15.94 -27.21 1.80
CA GLY I 264 14.74 -27.85 1.32
C GLY I 264 14.88 -29.34 1.04
N LEU I 265 16.09 -29.88 1.11
CA LEU I 265 16.30 -31.29 0.82
C LEU I 265 15.86 -32.15 2.00
N THR I 266 15.43 -33.37 1.68
CA THR I 266 15.06 -34.36 2.69
C THR I 266 16.21 -35.33 2.86
N VAL I 267 16.90 -35.24 3.99
CA VAL I 267 18.18 -35.92 4.18
C VAL I 267 18.10 -36.91 5.32
N ASP I 268 18.64 -38.10 5.09
CA ASP I 268 18.80 -39.12 6.11
C ASP I 268 20.23 -39.63 6.05
N HIS I 269 20.86 -39.76 7.22
CA HIS I 269 22.24 -40.21 7.30
C HIS I 269 22.32 -41.47 8.16
N GLN I 270 23.23 -42.37 7.78
CA GLN I 270 23.42 -43.63 8.48
C GLN I 270 24.92 -43.96 8.46
N CYS I 271 25.37 -44.64 9.51
CA CYS I 271 26.76 -45.04 9.64
C CYS I 271 26.94 -46.40 8.97
N ILE I 272 27.38 -46.39 7.72
CA ILE I 272 27.58 -47.64 7.00
C ILE I 272 28.77 -48.41 7.55
N GLY I 273 29.71 -47.71 8.16
CA GLY I 273 30.89 -48.34 8.72
C GLY I 273 32.01 -48.54 7.71
N PRO I 288 35.53 -44.21 9.38
CA PRO I 288 34.15 -43.81 9.68
C PRO I 288 33.47 -43.15 8.48
N ILE I 289 32.72 -43.93 7.71
CA ILE I 289 32.02 -43.45 6.53
C ILE I 289 30.53 -43.41 6.82
N TYR I 290 29.91 -42.26 6.59
CA TYR I 290 28.49 -42.04 6.84
C TYR I 290 27.78 -41.93 5.51
N GLU I 291 26.75 -42.75 5.31
CA GLU I 291 25.99 -42.72 4.07
C GLU I 291 24.84 -41.73 4.19
N PHE I 292 24.76 -40.82 3.21
CA PHE I 292 23.73 -39.79 3.19
C PHE I 292 22.75 -40.10 2.06
N LYS I 293 21.47 -40.13 2.39
CA LYS I 293 20.40 -40.35 1.42
C LYS I 293 19.55 -39.10 1.32
N ILE I 294 19.42 -38.58 0.11
CA ILE I 294 18.63 -37.37 -0.16
C ILE I 294 17.46 -37.76 -1.05
N THR I 295 16.25 -37.49 -0.59
CA THR I 295 15.03 -37.84 -1.33
C THR I 295 14.51 -36.60 -2.03
N TRP I 296 14.56 -36.62 -3.37
CA TRP I 296 14.12 -35.46 -4.14
C TRP I 296 12.59 -35.41 -4.23
N TRP I 297 11.95 -36.57 -4.30
CA TRP I 297 10.50 -36.62 -4.41
C TRP I 297 9.98 -37.97 -3.95
N ASP J 14 -14.17 11.88 32.57
CA ASP J 14 -15.27 11.26 31.85
C ASP J 14 -16.50 12.17 31.82
N GLU J 15 -17.00 12.53 33.00
CA GLU J 15 -18.18 13.37 33.08
C GLU J 15 -17.89 14.78 32.60
N LYS J 16 -16.66 15.27 32.80
CA LYS J 16 -16.30 16.59 32.29
C LYS J 16 -16.33 16.62 30.77
N TYR J 17 -15.77 15.59 30.12
CA TYR J 17 -15.82 15.51 28.67
C TYR J 17 -17.25 15.34 28.18
N VAL J 18 -18.07 14.58 28.91
CA VAL J 18 -19.47 14.42 28.55
C VAL J 18 -20.19 15.75 28.60
N ASN J 19 -19.93 16.55 29.65
CA ASN J 19 -20.54 17.87 29.73
C ASN J 19 -20.05 18.77 28.59
N SER J 20 -18.76 18.66 28.23
CA SER J 20 -18.24 19.48 27.14
C SER J 20 -18.91 19.13 25.81
N ILE J 21 -19.04 17.84 25.51
CA ILE J 21 -19.66 17.45 24.24
C ILE J 21 -21.16 17.76 24.27
N TRP J 22 -21.79 17.69 25.44
CA TRP J 22 -23.18 18.11 25.53
C TRP J 22 -23.32 19.59 25.26
N ASP J 23 -22.41 20.41 25.79
CA ASP J 23 -22.46 21.84 25.50
C ASP J 23 -22.29 22.08 24.01
N LEU J 24 -21.37 21.34 23.38
CA LEU J 24 -21.18 21.47 21.94
C LEU J 24 -22.44 21.09 21.16
N LEU J 25 -23.06 19.97 21.53
CA LEU J 25 -24.26 19.53 20.85
C LEU J 25 -25.42 20.49 21.07
N LYS J 26 -25.54 21.03 22.28
CA LYS J 26 -26.60 22.00 22.56
C LYS J 26 -26.40 23.27 21.75
N ASN J 27 -25.15 23.73 21.61
CA ASN J 27 -24.88 24.87 20.76
C ASN J 27 -25.26 24.57 19.31
N ALA J 28 -24.91 23.37 18.83
CA ALA J 28 -25.27 23.00 17.46
C ALA J 28 -26.79 22.94 17.27
N ILE J 29 -27.50 22.38 18.24
CA ILE J 29 -28.95 22.27 18.13
C ILE J 29 -29.60 23.65 18.19
N GLN J 30 -29.05 24.54 19.03
CA GLN J 30 -29.56 25.91 19.08
C GLN J 30 -29.33 26.62 17.76
N GLU J 31 -28.17 26.41 17.14
CA GLU J 31 -27.90 27.01 15.84
C GLU J 31 -28.85 26.45 14.78
N ILE J 32 -29.14 25.15 14.83
CA ILE J 32 -30.07 24.55 13.87
C ILE J 32 -31.47 25.12 14.05
N GLN J 33 -31.94 25.20 15.30
CA GLN J 33 -33.29 25.70 15.57
C GLN J 33 -33.38 27.19 15.26
N ARG J 34 -32.26 27.88 15.23
CA ARG J 34 -32.20 29.30 14.89
C ARG J 34 -31.95 29.53 13.41
N LYS J 35 -32.02 28.47 12.60
CA LYS J 35 -31.80 28.56 11.15
C LYS J 35 -30.43 29.15 10.83
N ASN J 36 -29.41 28.71 11.56
CA ASN J 36 -28.04 29.15 11.36
C ASN J 36 -27.15 27.95 11.06
N ASN J 37 -26.07 28.21 10.34
CA ASN J 37 -25.13 27.15 9.95
C ASN J 37 -24.40 26.60 11.17
N LEU J 40 -20.19 23.69 13.15
CA LEU J 40 -19.41 22.45 13.09
C LEU J 40 -19.73 21.64 11.85
N SER J 41 -19.54 20.32 11.97
CA SER J 41 -19.81 19.38 10.91
C SER J 41 -20.78 18.31 11.38
N PHE J 42 -21.43 17.65 10.43
CA PHE J 42 -22.37 16.59 10.75
C PHE J 42 -21.68 15.43 11.46
N GLU J 43 -20.50 15.04 10.98
CA GLU J 43 -19.87 13.81 11.46
C GLU J 43 -19.41 13.96 12.90
N GLU J 44 -18.93 15.14 13.29
CA GLU J 44 -18.48 15.34 14.66
C GLU J 44 -19.65 15.27 15.64
N LEU J 45 -20.76 15.92 15.32
CA LEU J 45 -21.94 15.87 16.18
C LEU J 45 -22.50 14.45 16.25
N TYR J 46 -22.52 13.76 15.11
CA TYR J 46 -22.96 12.37 15.12
C TYR J 46 -22.08 11.51 16.01
N ARG J 47 -20.76 11.70 15.93
CA ARG J 47 -19.85 10.93 16.77
C ARG J 47 -20.09 11.24 18.25
N ASN J 48 -20.33 12.51 18.58
CA ASN J 48 -20.61 12.87 19.97
C ASN J 48 -21.87 12.16 20.47
N ALA J 49 -22.94 12.20 19.68
CA ALA J 49 -24.18 11.53 20.10
C ALA J 49 -23.99 10.03 20.21
N TYR J 50 -23.25 9.44 19.26
CA TYR J 50 -23.01 8.00 19.28
C TYR J 50 -22.20 7.58 20.50
N THR J 51 -21.18 8.37 20.85
CA THR J 51 -20.40 8.09 22.05
C THR J 51 -21.25 8.23 23.31
N MET J 52 -22.12 9.25 23.36
CA MET J 52 -23.00 9.39 24.51
C MET J 52 -23.91 8.18 24.65
N VAL J 53 -24.47 7.71 23.54
CA VAL J 53 -25.39 6.57 23.61
C VAL J 53 -24.64 5.30 23.99
N LEU J 54 -23.40 5.14 23.52
CA LEU J 54 -22.63 3.96 23.87
C LEU J 54 -22.38 3.87 25.37
N HIS J 55 -22.01 4.99 25.99
CA HIS J 55 -21.69 5.02 27.41
C HIS J 55 -22.93 5.11 28.29
N LYS J 56 -24.11 5.01 27.70
CA LYS J 56 -25.38 5.08 28.43
C LYS J 56 -25.56 6.43 29.10
N HIS J 57 -25.08 7.49 28.44
CA HIS J 57 -25.40 8.86 28.81
C HIS J 57 -26.50 9.44 27.92
N GLY J 58 -27.34 8.58 27.34
CA GLY J 58 -28.41 9.07 26.49
C GLY J 58 -29.46 9.84 27.26
N GLU J 59 -29.53 9.64 28.59
CA GLU J 59 -30.49 10.38 29.40
C GLU J 59 -30.22 11.87 29.39
N LYS J 60 -28.96 12.26 29.55
CA LYS J 60 -28.61 13.68 29.59
C LYS J 60 -28.89 14.35 28.26
N LEU J 61 -28.45 13.73 27.16
CA LEU J 61 -28.70 14.29 25.83
C LEU J 61 -30.20 14.33 25.52
N TYR J 62 -30.92 13.30 25.94
CA TYR J 62 -32.36 13.23 25.68
C TYR J 62 -33.11 14.33 26.42
N THR J 63 -32.80 14.50 27.71
CA THR J 63 -33.41 15.57 28.49
C THR J 63 -33.02 16.94 27.95
N GLY J 64 -31.78 17.09 27.50
CA GLY J 64 -31.37 18.35 26.91
C GLY J 64 -32.07 18.64 25.61
N LEU J 65 -32.32 17.60 24.81
CA LEU J 65 -33.13 17.76 23.60
C LEU J 65 -34.53 18.25 23.96
N ARG J 66 -35.15 17.61 24.95
CA ARG J 66 -36.44 18.11 25.45
C ARG J 66 -36.35 19.57 25.84
N GLU J 67 -35.32 19.92 26.61
CA GLU J 67 -35.21 21.29 27.13
C GLU J 67 -35.04 22.30 26.01
N VAL J 68 -34.16 22.02 25.06
CA VAL J 68 -33.90 22.99 23.98
C VAL J 68 -35.11 23.10 23.07
N VAL J 69 -35.73 21.96 22.72
CA VAL J 69 -36.92 22.01 21.87
C VAL J 69 -38.04 22.78 22.56
N THR J 70 -38.26 22.51 23.84
CA THR J 70 -39.32 23.19 24.56
C THR J 70 -39.03 24.68 24.69
N GLU J 71 -37.77 25.05 24.92
CA GLU J 71 -37.45 26.48 25.04
C GLU J 71 -37.63 27.20 23.71
N HIS J 72 -37.17 26.59 22.60
CA HIS J 72 -37.38 27.21 21.31
C HIS J 72 -38.86 27.32 20.97
N LEU J 73 -39.62 26.26 21.26
CA LEU J 73 -41.07 26.31 21.05
C LEU J 73 -41.69 27.42 21.88
N ILE J 74 -41.41 27.46 23.18
CA ILE J 74 -41.95 28.50 24.04
C ILE J 74 -41.65 29.87 23.44
N ASN J 75 -40.37 30.21 23.30
CA ASN J 75 -40.02 31.55 22.84
C ASN J 75 -40.66 31.84 21.48
N LYS J 76 -40.23 31.14 20.44
CA LYS J 76 -40.66 31.50 19.08
C LYS J 76 -42.15 31.30 18.88
N VAL J 77 -42.66 30.11 19.19
CA VAL J 77 -44.06 29.77 18.96
C VAL J 77 -45.01 30.57 19.82
N ARG J 78 -44.73 30.77 21.12
CA ARG J 78 -45.61 31.59 21.93
C ARG J 78 -45.58 33.04 21.45
N GLU J 79 -44.40 33.58 21.15
CA GLU J 79 -44.33 34.97 20.70
C GLU J 79 -45.10 35.17 19.40
N ASP J 80 -44.94 34.25 18.45
CA ASP J 80 -45.68 34.33 17.19
C ASP J 80 -47.17 34.12 17.42
N VAL J 81 -47.56 32.91 17.84
CA VAL J 81 -48.96 32.51 17.84
C VAL J 81 -49.77 33.32 18.84
N LEU J 82 -49.25 33.50 20.05
CA LEU J 82 -50.00 34.24 21.07
C LEU J 82 -50.24 35.68 20.66
N ASN J 83 -49.34 36.25 19.84
CA ASN J 83 -49.47 37.62 19.38
C ASN J 83 -50.00 37.75 17.96
N SER J 84 -50.10 36.64 17.23
CA SER J 84 -50.63 36.66 15.87
C SER J 84 -52.03 36.04 15.78
N LEU J 85 -52.69 35.82 16.92
CA LEU J 85 -54.07 35.35 16.86
C LEU J 85 -54.97 36.36 16.17
N ASN J 86 -54.66 37.65 16.33
CA ASN J 86 -55.45 38.68 15.67
C ASN J 86 -55.16 38.75 14.17
N ASN J 87 -53.87 38.68 13.79
CA ASN J 87 -53.46 38.87 12.41
C ASN J 87 -52.42 37.85 12.01
N ASN J 88 -52.56 37.29 10.80
CA ASN J 88 -51.60 36.34 10.25
C ASN J 88 -51.44 35.11 11.14
N PHE J 89 -52.57 34.62 11.66
CA PHE J 89 -52.56 33.41 12.47
C PHE J 89 -52.11 32.20 11.67
N LEU J 90 -52.76 31.96 10.53
CA LEU J 90 -52.47 30.77 9.75
C LEU J 90 -51.09 30.83 9.11
N GLN J 91 -50.67 32.02 8.67
CA GLN J 91 -49.35 32.17 8.07
C GLN J 91 -48.24 31.87 9.08
N THR J 92 -48.34 32.41 10.29
CA THR J 92 -47.30 32.16 11.28
C THR J 92 -47.34 30.72 11.77
N LEU J 93 -48.53 30.12 11.83
CA LEU J 93 -48.60 28.70 12.19
C LEU J 93 -47.92 27.84 11.13
N ASN J 94 -48.14 28.17 9.85
CA ASN J 94 -47.50 27.43 8.77
C ASN J 94 -45.99 27.60 8.80
N GLN J 95 -45.51 28.83 9.04
CA GLN J 95 -44.08 29.05 9.14
C GLN J 95 -43.45 28.27 10.30
N ALA J 96 -44.12 28.28 11.45
CA ALA J 96 -43.63 27.52 12.59
C ALA J 96 -43.61 26.03 12.28
N TRP J 97 -44.64 25.52 11.61
CA TRP J 97 -44.69 24.10 11.26
C TRP J 97 -43.54 23.73 10.32
N ASN J 98 -43.30 24.55 9.30
CA ASN J 98 -42.21 24.25 8.37
C ASN J 98 -40.86 24.28 9.06
N ASP J 99 -40.63 25.30 9.90
CA ASP J 99 -39.36 25.39 10.62
C ASP J 99 -39.18 24.20 11.56
N HIS J 100 -40.25 23.81 12.26
CA HIS J 100 -40.17 22.66 13.15
C HIS J 100 -39.85 21.39 12.39
N GLN J 101 -40.50 21.18 11.24
CA GLN J 101 -40.23 19.98 10.47
C GLN J 101 -38.79 19.93 9.99
N THR J 102 -38.28 21.04 9.46
CA THR J 102 -36.89 21.06 8.99
C THR J 102 -35.92 20.83 10.14
N ALA J 103 -36.15 21.50 11.28
CA ALA J 103 -35.26 21.33 12.42
C ALA J 103 -35.28 19.90 12.94
N MET J 104 -36.45 19.28 13.01
CA MET J 104 -36.54 17.91 13.49
C MET J 104 -35.87 16.95 12.52
N VAL J 105 -35.97 17.22 11.21
CA VAL J 105 -35.26 16.37 10.25
C VAL J 105 -33.76 16.45 10.48
N MET J 106 -33.22 17.66 10.64
CA MET J 106 -31.79 17.80 10.87
C MET J 106 -31.36 17.14 12.18
N ILE J 107 -32.14 17.34 13.24
CA ILE J 107 -31.78 16.79 14.55
C ILE J 107 -31.86 15.26 14.54
N ARG J 108 -32.86 14.72 13.85
CA ARG J 108 -32.93 13.26 13.69
C ARG J 108 -31.72 12.74 12.92
N ASP J 109 -31.28 13.50 11.90
CA ASP J 109 -30.07 13.11 11.19
C ASP J 109 -28.88 13.07 12.14
N ILE J 110 -28.77 14.05 13.03
CA ILE J 110 -27.64 14.08 13.95
C ILE J 110 -27.76 12.98 15.01
N LEU J 111 -28.96 12.75 15.52
CA LEU J 111 -29.19 11.85 16.64
C LEU J 111 -29.77 10.50 16.22
N MET J 112 -29.28 9.94 15.11
CA MET J 112 -29.89 8.74 14.57
C MET J 112 -29.60 7.51 15.42
N TYR J 113 -28.45 7.46 16.09
CA TYR J 113 -28.13 6.30 16.91
C TYR J 113 -29.10 6.17 18.09
N MET J 114 -29.59 7.30 18.59
CA MET J 114 -30.69 7.23 19.56
C MET J 114 -31.85 6.46 18.99
N ASP J 115 -32.31 6.83 17.79
CA ASP J 115 -33.39 6.11 17.12
C ASP J 115 -33.07 4.64 16.96
N ARG J 116 -31.80 4.30 16.74
CA ARG J 116 -31.44 2.89 16.56
C ARG J 116 -31.58 2.09 17.85
N VAL J 117 -31.02 2.59 18.94
CA VAL J 117 -30.96 1.74 20.14
C VAL J 117 -31.62 2.38 21.36
N TYR J 118 -31.34 3.66 21.61
CA TYR J 118 -31.67 4.25 22.90
C TYR J 118 -33.17 4.43 23.06
N VAL J 119 -33.82 5.00 22.05
CA VAL J 119 -35.25 5.22 22.17
C VAL J 119 -36.01 3.94 21.89
N GLN J 120 -35.37 2.97 21.23
CA GLN J 120 -36.01 1.68 20.98
C GLN J 120 -36.10 0.86 22.26
N GLN J 121 -35.01 0.82 23.04
CA GLN J 121 -35.03 0.04 24.28
C GLN J 121 -35.98 0.63 25.31
N ASN J 122 -36.22 1.94 25.23
CA ASN J 122 -37.20 2.58 26.10
C ASN J 122 -38.61 2.53 25.53
N ASN J 123 -38.78 1.95 24.34
CA ASN J 123 -40.07 1.80 23.66
C ASN J 123 -40.70 3.13 23.27
N VAL J 124 -40.01 4.25 23.51
CA VAL J 124 -40.56 5.55 23.13
C VAL J 124 -40.46 5.71 21.61
N GLU J 125 -41.36 6.53 21.06
CA GLU J 125 -41.36 6.79 19.63
C GLU J 125 -40.10 7.57 19.23
N ASN J 126 -39.78 7.52 17.94
CA ASN J 126 -38.52 8.04 17.44
C ASN J 126 -38.47 9.57 17.59
N VAL J 127 -37.32 10.13 17.17
CA VAL J 127 -37.07 11.55 17.39
C VAL J 127 -38.08 12.41 16.65
N TYR J 128 -38.37 12.07 15.39
CA TYR J 128 -39.36 12.84 14.64
C TYR J 128 -40.75 12.67 15.24
N ASN J 129 -41.11 11.44 15.63
CA ASN J 129 -42.39 11.24 16.30
C ASN J 129 -42.41 11.94 17.66
N LEU J 130 -41.27 11.98 18.35
CA LEU J 130 -41.18 12.73 19.58
C LEU J 130 -41.47 14.20 19.35
N GLY J 131 -40.88 14.78 18.31
CA GLY J 131 -41.15 16.18 17.98
C GLY J 131 -42.58 16.41 17.60
N LEU J 132 -43.18 15.46 16.87
CA LEU J 132 -44.60 15.58 16.51
C LEU J 132 -45.49 15.56 17.74
N ILE J 133 -45.21 14.66 18.69
CA ILE J 133 -46.00 14.58 19.91
C ILE J 133 -45.85 15.85 20.73
N ILE J 134 -44.62 16.35 20.87
CA ILE J 134 -44.42 17.61 21.59
C ILE J 134 -45.18 18.74 20.92
N PHE J 135 -45.09 18.81 19.59
CA PHE J 135 -45.75 19.90 18.87
C PHE J 135 -47.27 19.84 19.08
N ARG J 136 -47.88 18.67 18.89
CA ARG J 136 -49.32 18.59 19.09
C ARG J 136 -49.69 18.94 20.52
N ASP J 137 -49.02 18.33 21.50
CA ASP J 137 -49.40 18.50 22.90
C ASP J 137 -49.28 19.96 23.34
N GLN J 138 -48.22 20.65 22.92
CA GLN J 138 -48.00 21.99 23.43
C GLN J 138 -48.64 23.08 22.57
N VAL J 139 -48.48 23.02 21.24
CA VAL J 139 -48.92 24.11 20.38
C VAL J 139 -50.26 23.82 19.71
N VAL J 140 -50.78 22.60 19.80
CA VAL J 140 -52.02 22.28 19.10
C VAL J 140 -53.11 22.01 20.13
N ARG J 141 -52.75 21.34 21.22
CA ARG J 141 -53.68 20.99 22.28
C ARG J 141 -53.83 22.10 23.32
N TYR J 142 -53.09 23.20 23.18
CA TYR J 142 -53.28 24.33 24.07
C TYR J 142 -54.65 24.96 23.80
N GLY J 143 -55.39 25.26 24.88
CA GLY J 143 -56.79 25.63 24.71
C GLY J 143 -56.99 26.91 23.92
N CYS J 144 -56.24 27.96 24.25
CA CYS J 144 -56.45 29.25 23.59
C CYS J 144 -56.05 29.18 22.12
N ILE J 145 -54.90 28.57 21.84
CA ILE J 145 -54.44 28.49 20.45
C ILE J 145 -55.36 27.60 19.62
N ARG J 146 -55.87 26.53 20.23
CA ARG J 146 -56.83 25.67 19.54
C ARG J 146 -58.12 26.41 19.25
N ASP J 147 -58.61 27.20 20.21
CA ASP J 147 -59.82 27.98 20.00
C ASP J 147 -59.63 28.99 18.88
N HIS J 148 -58.48 29.68 18.88
CA HIS J 148 -58.21 30.64 17.81
C HIS J 148 -58.12 29.95 16.45
N LEU J 149 -57.48 28.78 16.38
CA LEU J 149 -57.39 28.06 15.12
C LEU J 149 -58.76 27.62 14.64
N ARG J 150 -59.59 27.10 15.55
CA ARG J 150 -60.94 26.69 15.16
C ARG J 150 -61.75 27.87 14.68
N GLN J 151 -61.65 29.01 15.36
CA GLN J 151 -62.37 30.20 14.92
C GLN J 151 -61.92 30.65 13.54
N THR J 152 -60.61 30.67 13.30
CA THR J 152 -60.10 31.08 11.99
C THR J 152 -60.55 30.12 10.90
N LEU J 153 -60.50 28.81 11.18
CA LEU J 153 -60.93 27.84 10.17
C LEU J 153 -62.41 27.97 9.86
N LEU J 154 -63.24 28.16 10.90
CA LEU J 154 -64.68 28.33 10.67
C LEU J 154 -64.95 29.60 9.88
N ASP J 155 -64.24 30.68 10.19
CA ASP J 155 -64.44 31.93 9.45
C ASP J 155 -64.04 31.76 7.99
N MET J 156 -62.92 31.07 7.73
CA MET J 156 -62.49 30.83 6.36
C MET J 156 -63.50 29.99 5.60
N ILE J 157 -64.03 28.94 6.25
CA ILE J 157 -65.02 28.08 5.60
C ILE J 157 -66.28 28.87 5.28
N ALA J 158 -66.74 29.70 6.22
CA ALA J 158 -67.93 30.51 5.98
C ALA J 158 -67.70 31.52 4.86
N ARG J 159 -66.53 32.14 4.82
CA ARG J 159 -66.22 33.09 3.74
C ARG J 159 -66.20 32.40 2.39
N GLU J 160 -65.62 31.19 2.32
CA GLU J 160 -65.63 30.43 1.08
C GLU J 160 -67.05 30.08 0.67
N ARG J 161 -67.88 29.67 1.63
CA ARG J 161 -69.28 29.37 1.32
C ARG J 161 -70.03 30.63 0.92
N LYS J 162 -69.75 31.76 1.58
CA LYS J 162 -70.43 33.01 1.27
C LYS J 162 -69.97 33.61 -0.04
N GLY J 163 -68.92 33.07 -0.66
CA GLY J 163 -68.41 33.58 -1.91
C GLY J 163 -67.12 34.37 -1.79
N GLU J 164 -66.71 34.75 -0.58
CA GLU J 164 -65.47 35.46 -0.41
C GLU J 164 -64.29 34.57 -0.77
N VAL J 165 -63.27 35.16 -1.38
CA VAL J 165 -62.10 34.45 -1.87
C VAL J 165 -61.01 34.53 -0.80
N VAL J 166 -60.60 33.37 -0.28
CA VAL J 166 -59.55 33.30 0.71
C VAL J 166 -58.43 32.42 0.18
N ASP J 167 -57.34 32.29 0.95
CA ASP J 167 -56.20 31.49 0.55
C ASP J 167 -56.53 30.02 0.75
N ARG J 168 -57.01 29.36 -0.30
CA ARG J 168 -57.33 27.94 -0.22
C ARG J 168 -56.09 27.10 0.02
N GLY J 169 -54.97 27.46 -0.62
CA GLY J 169 -53.74 26.72 -0.41
C GLY J 169 -53.26 26.79 1.02
N ALA J 170 -53.44 27.95 1.67
CA ALA J 170 -53.06 28.07 3.07
C ALA J 170 -53.92 27.18 3.95
N ILE J 171 -55.22 27.09 3.66
CA ILE J 171 -56.08 26.20 4.42
C ILE J 171 -55.69 24.74 4.19
N ARG J 172 -55.30 24.41 2.96
CA ARG J 172 -54.81 23.06 2.69
C ARG J 172 -53.54 22.75 3.47
N ASN J 173 -52.64 23.74 3.55
CA ASN J 173 -51.42 23.56 4.35
C ASN J 173 -51.77 23.37 5.83
N ALA J 174 -52.74 24.13 6.33
CA ALA J 174 -53.17 23.97 7.72
C ALA J 174 -53.76 22.58 7.95
N CYS J 175 -54.54 22.09 6.99
CA CYS J 175 -55.10 20.74 7.11
C CYS J 175 -54.00 19.69 7.10
N GLN J 176 -52.99 19.87 6.24
CA GLN J 176 -51.86 18.94 6.22
C GLN J 176 -51.11 18.96 7.53
N MET J 177 -50.91 20.15 8.11
CA MET J 177 -50.25 20.25 9.41
C MET J 177 -51.07 19.56 10.49
N LEU J 178 -52.39 19.73 10.47
CA LEU J 178 -53.24 19.09 11.45
C LEU J 178 -53.20 17.57 11.33
N MET J 179 -53.20 17.07 10.08
CA MET J 179 -53.15 15.63 9.87
C MET J 179 -51.85 15.04 10.38
N ILE J 180 -50.73 15.72 10.14
CA ILE J 180 -49.42 15.21 10.57
C ILE J 180 -49.13 15.49 12.04
N LEU J 181 -49.89 16.38 12.68
CA LEU J 181 -49.66 16.65 14.10
C LEU J 181 -49.91 15.41 14.95
N GLY J 182 -50.98 14.66 14.63
CA GLY J 182 -51.21 13.41 15.30
C GLY J 182 -50.24 12.33 14.85
N LEU J 183 -50.00 11.37 15.73
CA LEU J 183 -49.05 10.30 15.45
C LEU J 183 -49.69 9.31 14.48
N GLU J 184 -49.63 9.63 13.19
CA GLU J 184 -50.19 8.78 12.14
C GLU J 184 -51.66 8.46 12.38
N GLY J 185 -52.41 9.48 12.82
CA GLY J 185 -53.81 9.29 13.12
C GLY J 185 -54.60 10.55 12.84
N ARG J 186 -55.90 10.38 12.68
CA ARG J 186 -56.81 11.49 12.41
C ARG J 186 -57.37 12.11 13.69
N SER J 187 -56.86 11.69 14.86
CA SER J 187 -57.37 12.21 16.12
C SER J 187 -57.15 13.71 16.24
N VAL J 188 -55.98 14.18 15.80
CA VAL J 188 -55.69 15.62 15.87
C VAL J 188 -56.67 16.41 15.01
N TYR J 189 -56.92 15.93 13.78
CA TYR J 189 -57.87 16.61 12.91
C TYR J 189 -59.29 16.50 13.44
N GLU J 190 -59.66 15.33 13.96
CA GLU J 190 -61.03 15.11 14.39
C GLU J 190 -61.34 15.87 15.68
N GLU J 191 -60.43 15.83 16.65
CA GLU J 191 -60.72 16.40 17.97
C GLU J 191 -60.86 17.91 17.90
N ASP J 192 -59.98 18.57 17.15
CA ASP J 192 -59.90 20.03 17.18
C ASP J 192 -60.33 20.70 15.88
N PHE J 193 -60.30 19.99 14.75
CA PHE J 193 -60.59 20.64 13.48
C PHE J 193 -61.83 20.08 12.81
N GLU J 194 -61.89 18.75 12.64
CA GLU J 194 -63.00 18.16 11.91
C GLU J 194 -64.32 18.33 12.67
N ALA J 195 -64.30 18.16 13.98
CA ALA J 195 -65.52 18.33 14.77
C ALA J 195 -66.08 19.74 14.67
N PRO J 196 -65.29 20.81 14.84
CA PRO J 196 -65.86 22.15 14.66
C PRO J 196 -66.40 22.40 13.27
N PHE J 197 -65.78 21.81 12.25
CA PHE J 197 -66.27 21.99 10.87
C PHE J 197 -67.57 21.22 10.66
N LEU J 198 -67.65 19.99 11.18
CA LEU J 198 -68.87 19.21 11.03
C LEU J 198 -70.04 19.86 11.74
N GLU J 199 -69.81 20.35 12.96
CA GLU J 199 -70.88 21.03 13.70
C GLU J 199 -71.30 22.32 13.01
N MET J 200 -70.33 23.09 12.50
CA MET J 200 -70.65 24.33 11.82
C MET J 200 -71.38 24.06 10.51
N SER J 201 -71.05 22.94 9.84
CA SER J 201 -71.72 22.61 8.59
C SER J 201 -73.21 22.37 8.80
N ALA J 202 -73.58 21.70 9.90
CA ALA J 202 -74.98 21.45 10.19
C ALA J 202 -75.73 22.75 10.42
N GLU J 203 -75.12 23.70 11.14
CA GLU J 203 -75.76 24.99 11.37
C GLU J 203 -75.96 25.74 10.06
N PHE J 204 -74.95 25.73 9.18
CA PHE J 204 -75.09 26.36 7.88
C PHE J 204 -76.13 25.65 7.03
N PHE J 205 -76.13 24.31 7.06
CA PHE J 205 -77.11 23.55 6.28
C PHE J 205 -78.52 23.76 6.82
N GLN J 206 -78.67 23.87 8.14
CA GLN J 206 -79.99 24.08 8.72
C GLN J 206 -80.57 25.42 8.27
N MET J 207 -79.76 26.47 8.24
CA MET J 207 -80.21 27.77 7.74
C MET J 207 -80.54 27.70 6.25
N GLU J 208 -79.70 27.00 5.49
CA GLU J 208 -79.92 26.86 4.06
C GLU J 208 -80.72 25.59 3.74
N ILE J 222 -84.12 20.68 -5.49
CA ILE J 222 -83.11 19.66 -5.72
C ILE J 222 -81.84 20.29 -6.26
N LYS J 223 -82.00 21.32 -7.10
CA LYS J 223 -80.83 22.00 -7.66
C LYS J 223 -80.04 22.72 -6.58
N LYS J 224 -80.74 23.32 -5.61
CA LYS J 224 -80.04 24.02 -4.53
C LYS J 224 -79.19 23.06 -3.70
N VAL J 225 -79.72 21.88 -3.39
CA VAL J 225 -78.97 20.89 -2.62
C VAL J 225 -77.78 20.39 -3.43
N GLU J 226 -77.95 20.22 -4.74
CA GLU J 226 -76.87 19.75 -5.58
C GLU J 226 -75.70 20.72 -5.60
N ALA J 227 -75.99 22.03 -5.66
CA ALA J 227 -74.92 23.03 -5.66
C ALA J 227 -74.14 22.98 -4.35
N ARG J 228 -74.84 22.86 -3.22
CA ARG J 228 -74.16 22.78 -1.93
C ARG J 228 -73.32 21.51 -1.82
N ILE J 229 -73.87 20.39 -2.31
CA ILE J 229 -73.12 19.13 -2.28
C ILE J 229 -71.89 19.22 -3.17
N ASN J 230 -72.04 19.77 -4.37
CA ASN J 230 -70.89 19.94 -5.26
C ASN J 230 -69.86 20.89 -4.66
N GLU J 231 -70.32 21.99 -4.06
CA GLU J 231 -69.40 22.93 -3.44
C GLU J 231 -68.67 22.28 -2.27
N GLU J 232 -69.38 21.49 -1.46
CA GLU J 232 -68.75 20.80 -0.34
C GLU J 232 -67.68 19.83 -0.83
N ILE J 233 -67.98 19.09 -1.91
CA ILE J 233 -66.98 18.18 -2.48
C ILE J 233 -65.82 18.97 -3.04
N GLU J 234 -66.10 20.08 -3.73
CA GLU J 234 -65.03 20.93 -4.26
C GLU J 234 -64.20 21.53 -3.13
N ARG J 235 -64.86 21.98 -2.06
CA ARG J 235 -64.12 22.52 -0.92
C ARG J 235 -63.28 21.45 -0.24
N VAL J 236 -63.75 20.20 -0.24
CA VAL J 236 -63.00 19.11 0.36
C VAL J 236 -61.69 18.89 -0.40
N MET J 237 -61.76 18.86 -1.73
CA MET J 237 -60.56 18.66 -2.52
C MET J 237 -59.65 19.88 -2.46
N HIS J 238 -60.23 21.08 -2.36
CA HIS J 238 -59.42 22.29 -2.40
C HIS J 238 -58.72 22.55 -1.07
N CYS J 239 -59.48 22.61 0.02
CA CYS J 239 -58.94 23.03 1.31
C CYS J 239 -59.43 22.17 2.47
N LEU J 240 -59.44 20.85 2.32
CA LEU J 240 -59.85 19.97 3.40
C LEU J 240 -59.22 18.60 3.21
N ASP J 241 -59.31 17.78 4.25
CA ASP J 241 -58.80 16.42 4.17
C ASP J 241 -59.73 15.54 3.34
N LYS J 242 -59.13 14.65 2.54
CA LYS J 242 -59.92 13.77 1.69
C LYS J 242 -60.59 12.66 2.51
N SER J 243 -59.95 12.25 3.62
CA SER J 243 -60.50 11.16 4.42
C SER J 243 -61.84 11.55 5.04
N THR J 244 -61.96 12.77 5.52
CA THR J 244 -63.17 13.23 6.20
C THR J 244 -64.19 13.83 5.25
N GLU J 245 -63.92 13.82 3.94
CA GLU J 245 -64.86 14.40 2.98
C GLU J 245 -66.19 13.66 2.97
N GLU J 246 -66.13 12.32 3.02
CA GLU J 246 -67.35 11.53 2.96
C GLU J 246 -68.29 11.79 4.13
N PRO J 247 -67.83 11.80 5.38
CA PRO J 247 -68.77 12.13 6.48
C PRO J 247 -69.36 13.52 6.38
N ILE J 248 -68.58 14.49 5.92
CA ILE J 248 -69.10 15.85 5.77
C ILE J 248 -70.17 15.89 4.69
N VAL J 249 -69.93 15.19 3.57
CA VAL J 249 -70.91 15.15 2.49
C VAL J 249 -72.19 14.46 2.97
N LYS J 250 -72.04 13.37 3.71
CA LYS J 250 -73.22 12.66 4.22
C LYS J 250 -74.01 13.53 5.17
N VAL J 251 -73.32 14.26 6.06
CA VAL J 251 -74.01 15.13 7.00
C VAL J 251 -74.73 16.25 6.27
N VAL J 252 -74.08 16.83 5.25
CA VAL J 252 -74.70 17.90 4.48
C VAL J 252 -75.95 17.38 3.75
N GLU J 253 -75.85 16.19 3.16
CA GLU J 253 -77.00 15.61 2.47
C GLU J 253 -78.15 15.33 3.44
N ARG J 254 -77.83 14.80 4.62
CA ARG J 254 -78.87 14.51 5.60
C ARG J 254 -79.54 15.78 6.09
N GLU J 255 -78.75 16.83 6.36
CA GLU J 255 -79.32 18.08 6.87
C GLU J 255 -80.14 18.79 5.79
N LEU J 256 -79.68 18.78 4.55
CA LEU J 256 -80.38 19.45 3.47
C LEU J 256 -81.56 18.61 2.98
#